data_6KYY
#
_entry.id   6KYY
#
_cell.length_a   72.694
_cell.length_b   188.955
_cell.length_c   95.056
_cell.angle_alpha   90.000
_cell.angle_beta   107.620
_cell.angle_gamma   90.000
#
_symmetry.space_group_name_H-M   'P 1 21 1'
#
loop_
_entity.id
_entity.type
_entity.pdbx_description
1 polymer 'Pyridine nucleotide-disulphide oxidoreductase dimerisation region'
2 non-polymer 'FLAVIN-ADENINE DINUCLEOTIDE'
3 non-polymer 'COPPER (II) ION'
4 non-polymer 'CHLORIDE ION'
#
_entity_poly.entity_id   1
_entity_poly.type   'polypeptide(L)'
_entity_poly.pdbx_seq_one_letter_code
;GAMDPEFMNKYQAVIIGFGKAGKTLAVTLAKAGWRVALIEQSNAMYGGTCINIGCIPTKTLVHDAQQHTDFVRAIQRKNE
VVNFLRNKNFHNLADMPNIDVIDGQAEFINNHSLRVHRPEGNLEIHGEKIFINTGAQTVVPPIPGITTTPGVYDSTGLLN
LKELPGHLGILGGGYIGVEFASMFANFGSKVTILEAASLFLPREDRDIADNIATILRDQGVDIILNAHVERISHHENQVQ
VHSEHAQLAVDALLIASGRQPATASLHPENAGIAVNERGATVVDKRLHTTADNIWAMGDVTGGLQFTYISLDDYRIVRDE
LLGEGKRSTDDRKNVPYSVFMTPPLSRVGMTEEQARESGADIQVVTLPVAAIPRARVMNDTRGVLKAIVDNKTQRMLGAS
LLCVDSHEMINIVKMVMDAGLPYSILRDQIFTHPSMSESLNDLFSLVK
;
_entity_poly.pdbx_strand_id   A,B,C,D
#
# COMPACT_ATOMS: atom_id res chain seq x y z
N GLN A 12 1.92 51.40 28.61
CA GLN A 12 2.94 50.61 29.28
C GLN A 12 2.32 49.62 30.26
N ALA A 13 3.16 49.00 31.09
CA ALA A 13 2.69 48.01 32.05
C ALA A 13 3.69 47.92 33.19
N VAL A 14 3.17 47.60 34.37
CA VAL A 14 3.97 47.46 35.59
C VAL A 14 3.55 46.17 36.29
N ILE A 15 4.51 45.28 36.51
CA ILE A 15 4.26 44.01 37.18
C ILE A 15 4.95 44.05 38.54
N ILE A 16 4.17 43.84 39.59
CA ILE A 16 4.69 43.85 40.96
C ILE A 16 5.03 42.41 41.33
N GLY A 17 6.32 42.08 41.32
CA GLY A 17 6.75 40.79 41.82
C GLY A 17 7.41 39.88 40.80
N PHE A 18 8.68 39.56 41.03
CA PHE A 18 9.40 38.56 40.24
C PHE A 18 8.79 37.19 40.51
N GLY A 19 7.98 36.70 39.58
CA GLY A 19 7.41 35.38 39.70
C GLY A 19 7.33 34.72 38.34
N LYS A 20 6.96 33.43 38.34
CA LYS A 20 6.92 32.67 37.10
C LYS A 20 6.03 33.34 36.06
N ALA A 21 4.86 33.83 36.49
CA ALA A 21 4.01 34.58 35.57
C ALA A 21 4.55 35.98 35.33
N GLY A 22 5.08 36.63 36.38
CA GLY A 22 5.51 38.01 36.25
C GLY A 22 6.69 38.17 35.31
N LYS A 23 7.76 37.40 35.53
CA LYS A 23 8.94 37.52 34.69
C LYS A 23 8.66 37.05 33.27
N THR A 24 7.75 36.08 33.09
CA THR A 24 7.42 35.62 31.75
C THR A 24 6.59 36.66 31.00
N LEU A 25 5.66 37.31 31.70
CA LEU A 25 4.87 38.37 31.07
C LEU A 25 5.74 39.58 30.76
N ALA A 26 6.72 39.89 31.60
CA ALA A 26 7.56 41.06 31.38
C ALA A 26 8.41 40.90 30.12
N VAL A 27 8.91 39.70 29.87
CA VAL A 27 9.74 39.48 28.68
C VAL A 27 8.88 39.45 27.43
N THR A 28 7.71 38.82 27.50
CA THR A 28 6.81 38.78 26.35
C THR A 28 6.29 40.17 26.01
N LEU A 29 5.97 40.97 27.02
CA LEU A 29 5.51 42.34 26.77
C LEU A 29 6.61 43.17 26.12
N ALA A 30 7.85 43.00 26.58
CA ALA A 30 8.95 43.82 26.06
C ALA A 30 9.22 43.51 24.59
N LYS A 31 9.06 42.24 24.20
CA LYS A 31 9.33 41.86 22.82
C LYS A 31 8.25 42.31 21.86
N ALA A 32 7.05 42.63 22.36
CA ALA A 32 5.97 43.13 21.53
C ALA A 32 5.94 44.65 21.47
N GLY A 33 6.89 45.33 22.10
CA GLY A 33 6.99 46.77 22.03
C GLY A 33 6.48 47.53 23.23
N TRP A 34 6.10 46.85 24.31
CA TRP A 34 5.61 47.51 25.51
C TRP A 34 6.76 47.93 26.41
N ARG A 35 6.63 49.12 26.99
CA ARG A 35 7.55 49.54 28.05
C ARG A 35 7.12 48.88 29.36
N VAL A 36 8.01 48.08 29.93
CA VAL A 36 7.68 47.27 31.10
C VAL A 36 8.49 47.76 32.30
N ALA A 37 7.89 47.64 33.48
CA ALA A 37 8.57 47.96 34.74
C ALA A 37 8.20 46.89 35.75
N LEU A 38 9.14 45.99 36.02
CA LEU A 38 8.95 44.93 37.00
C LEU A 38 9.63 45.33 38.31
N ILE A 39 8.87 45.32 39.40
CA ILE A 39 9.33 45.76 40.70
C ILE A 39 9.57 44.54 41.58
N GLU A 40 10.77 44.45 42.15
CA GLU A 40 11.16 43.32 42.99
C GLU A 40 11.87 43.84 44.22
N GLN A 41 11.46 43.37 45.40
CA GLN A 41 11.93 43.96 46.65
C GLN A 41 13.30 43.45 47.06
N SER A 42 13.67 42.23 46.66
CA SER A 42 14.90 41.60 47.11
C SER A 42 15.77 41.20 45.93
N ASN A 43 17.07 41.48 46.03
CA ASN A 43 18.04 40.95 45.08
C ASN A 43 18.39 39.50 45.37
N ALA A 44 18.02 38.98 46.53
CA ALA A 44 18.10 37.55 46.83
C ALA A 44 16.87 36.80 46.36
N MET A 45 16.00 37.45 45.58
CA MET A 45 14.78 36.83 45.06
C MET A 45 14.62 37.03 43.56
N TYR A 46 15.70 37.37 42.85
CA TYR A 46 15.64 37.42 41.40
C TYR A 46 15.34 36.03 40.85
N GLY A 47 14.25 35.93 40.08
CA GLY A 47 13.77 34.65 39.61
C GLY A 47 12.54 34.15 40.33
N GLY A 48 12.25 34.67 41.51
CA GLY A 48 11.01 34.36 42.21
C GLY A 48 11.22 33.38 43.35
N THR A 49 10.09 33.05 43.99
CA THR A 49 10.12 32.14 45.12
C THR A 49 10.64 30.77 44.71
N CYS A 50 10.28 30.30 43.52
CA CYS A 50 10.68 28.96 43.09
C CYS A 50 12.19 28.86 42.92
N ILE A 51 12.82 29.89 42.35
CA ILE A 51 14.23 29.81 42.01
C ILE A 51 15.10 29.94 43.25
N ASN A 52 14.72 30.79 44.20
CA ASN A 52 15.59 31.17 45.29
C ASN A 52 15.30 30.46 46.61
N ILE A 53 14.03 30.22 46.94
CA ILE A 53 13.69 29.61 48.23
C ILE A 53 12.58 28.58 48.07
N GLY A 54 12.35 28.11 46.84
CA GLY A 54 11.23 27.23 46.61
C GLY A 54 11.59 25.87 46.04
N CYS A 55 11.08 25.56 44.85
CA CYS A 55 11.31 24.24 44.26
C CYS A 55 12.80 23.98 44.08
N ILE A 56 13.49 24.87 43.37
CA ILE A 56 14.88 24.61 42.99
C ILE A 56 15.76 24.29 44.19
N PRO A 57 15.78 25.07 45.27
CA PRO A 57 16.61 24.69 46.42
C PRO A 57 16.11 23.45 47.15
N THR A 58 14.79 23.21 47.17
CA THR A 58 14.27 22.08 47.93
C THR A 58 14.55 20.76 47.23
N LYS A 59 14.35 20.71 45.91
CA LYS A 59 14.56 19.47 45.17
C LYS A 59 16.01 19.28 44.72
N THR A 60 16.82 20.34 44.69
CA THR A 60 18.26 20.16 44.54
C THR A 60 18.83 19.41 45.74
N LEU A 61 18.29 19.67 46.93
CA LEU A 61 18.71 18.94 48.12
C LEU A 61 18.03 17.57 48.20
N VAL A 62 16.80 17.46 47.71
CA VAL A 62 16.12 16.17 47.69
C VAL A 62 16.87 15.18 46.81
N HIS A 63 17.38 15.65 45.67
CA HIS A 63 18.16 14.78 44.80
C HIS A 63 19.49 14.39 45.44
N ASP A 64 20.08 15.26 46.25
CA ASP A 64 21.31 14.92 46.93
C ASP A 64 21.10 14.02 48.13
N ALA A 65 19.88 13.99 48.68
CA ALA A 65 19.60 13.14 49.84
C ALA A 65 19.43 11.68 49.44
N GLN A 66 18.73 11.42 48.34
CA GLN A 66 18.53 10.04 47.89
C GLN A 66 19.82 9.36 47.51
N GLN A 67 20.93 10.10 47.41
CA GLN A 67 22.25 9.51 47.22
C GLN A 67 23.02 9.38 48.53
N HIS A 68 22.51 9.95 49.62
CA HIS A 68 23.11 9.85 50.96
C HIS A 68 24.49 10.51 51.00
N THR A 69 24.62 11.66 50.36
CA THR A 69 25.87 12.42 50.41
C THR A 69 25.89 13.30 51.67
N ASP A 70 27.00 14.01 51.87
CA ASP A 70 27.14 14.88 53.03
C ASP A 70 26.15 16.03 52.94
N PHE A 71 25.58 16.40 54.10
CA PHE A 71 24.52 17.39 54.13
C PHE A 71 25.04 18.79 53.81
N VAL A 72 26.15 19.19 54.42
CA VAL A 72 26.65 20.54 54.18
C VAL A 72 27.31 20.65 52.81
N ARG A 73 27.85 19.55 52.27
CA ARG A 73 28.34 19.56 50.90
C ARG A 73 27.20 19.76 49.91
N ALA A 74 26.00 19.30 50.28
CA ALA A 74 24.84 19.45 49.41
C ALA A 74 24.21 20.84 49.57
N ILE A 75 24.23 21.39 50.78
CA ILE A 75 23.85 22.79 50.97
C ILE A 75 24.79 23.69 50.18
N GLN A 76 26.09 23.41 50.24
CA GLN A 76 27.06 24.15 49.45
C GLN A 76 26.73 24.11 47.96
N ARG A 77 26.22 22.97 47.49
CA ARG A 77 25.87 22.84 46.08
C ARG A 77 24.52 23.49 45.78
N LYS A 78 23.57 23.42 46.71
CA LYS A 78 22.33 24.17 46.54
C LYS A 78 22.61 25.66 46.45
N ASN A 79 23.65 26.15 47.13
CA ASN A 79 23.96 27.57 47.10
C ASN A 79 24.45 28.00 45.73
N GLU A 80 25.16 27.14 45.00
CA GLU A 80 25.65 27.52 43.68
C GLU A 80 24.65 27.28 42.57
N VAL A 81 23.65 26.42 42.78
CA VAL A 81 22.62 26.26 41.76
C VAL A 81 21.59 27.37 41.86
N VAL A 82 21.35 27.90 43.04
CA VAL A 82 20.43 29.03 43.18
C VAL A 82 21.14 30.34 42.84
N ASN A 83 22.43 30.45 43.12
CA ASN A 83 23.17 31.65 42.75
C ASN A 83 23.28 31.78 41.23
N PHE A 84 23.51 30.66 40.54
CA PHE A 84 23.56 30.71 39.07
C PHE A 84 22.20 31.12 38.50
N LEU A 85 21.12 30.55 39.03
CA LEU A 85 19.79 30.85 38.49
C LEU A 85 19.33 32.23 38.88
N ARG A 86 19.76 32.73 40.04
CA ARG A 86 19.41 34.09 40.45
C ARG A 86 20.04 35.13 39.52
N ASN A 87 21.32 34.96 39.22
CA ASN A 87 21.97 35.82 38.23
C ASN A 87 21.36 35.64 36.85
N LYS A 88 21.00 34.40 36.51
CA LYS A 88 20.45 34.11 35.18
C LYS A 88 19.15 34.86 34.95
N ASN A 89 18.21 34.74 35.90
CA ASN A 89 16.89 35.33 35.70
C ASN A 89 16.94 36.85 35.70
N PHE A 90 17.86 37.45 36.46
CA PHE A 90 18.04 38.89 36.38
C PHE A 90 18.69 39.28 35.06
N HIS A 91 19.49 38.39 34.48
CA HIS A 91 20.15 38.67 33.20
C HIS A 91 19.14 38.67 32.06
N ASN A 92 18.14 37.78 32.13
CA ASN A 92 17.15 37.70 31.06
C ASN A 92 16.24 38.92 31.03
N LEU A 93 16.07 39.60 32.17
CA LEU A 93 15.12 40.69 32.27
C LEU A 93 15.74 42.04 31.94
N ALA A 94 16.97 42.30 32.42
CA ALA A 94 17.60 43.60 32.26
C ALA A 94 18.36 43.74 30.95
N ASP A 95 18.54 42.67 30.19
CA ASP A 95 19.24 42.72 28.91
C ASP A 95 18.28 42.83 27.74
N MET A 96 16.99 42.98 28.01
CA MET A 96 16.02 43.49 27.05
C MET A 96 15.74 44.94 27.37
N PRO A 97 15.84 45.85 26.40
CA PRO A 97 15.87 47.29 26.73
C PRO A 97 14.61 47.81 27.40
N ASN A 98 13.44 47.24 27.12
CA ASN A 98 12.19 47.86 27.56
C ASN A 98 11.97 47.79 29.06
N ILE A 99 12.62 46.87 29.77
CA ILE A 99 12.24 46.51 31.13
C ILE A 99 13.13 47.25 32.12
N ASP A 100 12.53 48.14 32.90
CA ASP A 100 13.18 48.69 34.08
C ASP A 100 12.98 47.73 35.26
N VAL A 101 14.06 47.40 35.95
CA VAL A 101 14.02 46.51 37.10
C VAL A 101 14.21 47.39 38.34
N ILE A 102 13.13 47.67 39.05
CA ILE A 102 13.14 48.56 40.21
C ILE A 102 13.30 47.72 41.46
N ASP A 103 14.46 47.83 42.12
CA ASP A 103 14.75 47.08 43.34
C ASP A 103 14.09 47.79 44.52
N GLY A 104 12.80 47.52 44.70
CA GLY A 104 12.06 48.14 45.79
C GLY A 104 10.78 47.41 46.10
N GLN A 105 10.19 47.79 47.23
CA GLN A 105 8.93 47.23 47.69
C GLN A 105 7.81 48.22 47.36
N ALA A 106 6.79 47.74 46.64
CA ALA A 106 5.79 48.62 46.04
C ALA A 106 4.54 48.73 46.92
N GLU A 107 3.89 49.89 46.84
CA GLU A 107 2.69 50.20 47.59
C GLU A 107 1.66 50.83 46.66
N PHE A 108 0.40 50.45 46.83
CA PHE A 108 -0.68 50.94 45.98
C PHE A 108 -1.15 52.31 46.46
N ILE A 109 -1.07 53.31 45.58
CA ILE A 109 -1.62 54.62 45.89
C ILE A 109 -3.06 54.75 45.40
N ASN A 110 -3.34 54.27 44.20
CA ASN A 110 -4.68 54.32 43.62
C ASN A 110 -4.75 53.29 42.49
N ASN A 111 -5.77 53.42 41.63
CA ASN A 111 -5.86 52.54 40.47
C ASN A 111 -4.70 52.75 39.52
N HIS A 112 -4.23 53.98 39.40
CA HIS A 112 -3.33 54.38 38.32
C HIS A 112 -1.86 54.34 38.69
N SER A 113 -1.51 54.61 39.95
CA SER A 113 -0.11 54.81 40.32
C SER A 113 0.27 53.95 41.52
N LEU A 114 1.57 53.66 41.61
CA LEU A 114 2.15 52.83 42.65
C LEU A 114 3.33 53.55 43.29
N ARG A 115 3.51 53.36 44.59
CA ARG A 115 4.66 53.90 45.32
C ARG A 115 5.59 52.77 45.68
N VAL A 116 6.87 52.91 45.32
CA VAL A 116 7.88 51.89 45.60
C VAL A 116 8.92 52.48 46.54
N HIS A 117 9.40 51.66 47.47
CA HIS A 117 10.42 52.10 48.42
C HIS A 117 11.82 51.82 47.87
N LEU A 123 10.53 56.86 45.23
CA LEU A 123 10.11 56.70 43.85
C LEU A 123 8.66 56.25 43.75
N GLU A 124 7.87 56.99 42.98
CA GLU A 124 6.48 56.63 42.70
C GLU A 124 6.34 56.33 41.21
N ILE A 125 5.61 55.27 40.89
CA ILE A 125 5.48 54.77 39.53
C ILE A 125 4.03 54.84 39.10
N HIS A 126 3.78 55.37 37.92
CA HIS A 126 2.46 55.36 37.30
C HIS A 126 2.42 54.27 36.23
N GLY A 127 1.28 53.60 36.12
CA GLY A 127 1.13 52.53 35.15
C GLY A 127 -0.24 52.46 34.51
N GLU A 128 -0.27 52.22 33.19
CA GLU A 128 -1.54 52.06 32.49
C GLU A 128 -2.20 50.74 32.85
N LYS A 129 -1.41 49.69 33.06
CA LYS A 129 -1.91 48.37 33.46
C LYS A 129 -0.95 47.79 34.48
N ILE A 130 -1.50 47.33 35.61
CA ILE A 130 -0.70 46.76 36.69
C ILE A 130 -1.03 45.28 36.80
N PHE A 131 -0.01 44.47 37.07
CA PHE A 131 -0.15 43.03 37.21
C PHE A 131 0.46 42.60 38.53
N ILE A 132 -0.37 42.07 39.42
CA ILE A 132 0.06 41.71 40.77
C ILE A 132 0.62 40.30 40.75
N ASN A 133 1.86 40.14 41.21
CA ASN A 133 2.54 38.84 41.25
C ASN A 133 3.40 38.75 42.50
N THR A 134 2.82 39.13 43.64
CA THR A 134 3.56 39.15 44.89
C THR A 134 3.64 37.78 45.56
N GLY A 135 2.91 36.78 45.06
CA GLY A 135 3.00 35.43 45.57
C GLY A 135 2.37 35.22 46.94
N ALA A 136 3.02 34.40 47.76
CA ALA A 136 2.50 34.07 49.08
C ALA A 136 3.63 34.14 50.10
N GLN A 137 3.26 34.09 51.37
CA GLN A 137 4.22 34.14 52.47
C GLN A 137 3.84 33.10 53.51
N THR A 138 4.83 32.66 54.28
CA THR A 138 4.58 31.65 55.30
C THR A 138 3.71 32.23 56.40
N VAL A 139 2.68 31.49 56.78
CA VAL A 139 1.85 31.88 57.91
C VAL A 139 2.36 31.16 59.14
N VAL A 140 2.34 31.84 60.28
CA VAL A 140 2.79 31.23 61.52
C VAL A 140 1.57 30.84 62.34
N PRO A 141 1.58 29.70 63.02
CA PRO A 141 0.48 29.35 63.92
C PRO A 141 0.62 30.11 65.23
N PRO A 142 -0.47 30.58 65.80
CA PRO A 142 -0.38 31.43 66.99
C PRO A 142 -0.03 30.64 68.25
N ILE A 143 1.12 29.99 68.25
CA ILE A 143 1.59 29.19 69.37
C ILE A 143 2.59 30.00 70.17
N PRO A 144 2.45 30.11 71.49
CA PRO A 144 3.39 30.92 72.27
C PRO A 144 4.81 30.40 72.14
N GLY A 145 5.75 31.33 71.93
CA GLY A 145 7.15 30.99 71.79
C GLY A 145 7.56 30.50 70.42
N ILE A 146 6.72 30.70 69.39
CA ILE A 146 7.07 30.21 68.06
C ILE A 146 8.11 31.12 67.41
N THR A 147 8.06 32.43 67.67
CA THR A 147 9.05 33.36 67.18
C THR A 147 10.15 33.65 68.20
N THR A 148 9.83 33.54 69.49
CA THR A 148 10.77 33.87 70.55
C THR A 148 11.85 32.81 70.75
N THR A 149 11.73 31.65 70.09
CA THR A 149 12.63 30.53 70.35
C THR A 149 13.63 30.36 69.23
N PRO A 150 14.93 30.30 69.53
CA PRO A 150 15.91 29.96 68.51
C PRO A 150 15.81 28.50 68.10
N GLY A 151 16.45 28.20 66.96
CA GLY A 151 16.34 26.86 66.41
C GLY A 151 15.02 26.56 65.74
N VAL A 152 14.19 27.57 65.49
CA VAL A 152 12.89 27.42 64.88
C VAL A 152 12.94 28.13 63.53
N TYR A 153 12.81 27.36 62.45
CA TYR A 153 12.89 27.90 61.11
C TYR A 153 11.68 27.48 60.29
N ASP A 154 11.33 28.30 59.31
CA ASP A 154 10.41 27.88 58.26
C ASP A 154 11.24 27.26 57.13
N SER A 155 10.60 27.01 55.99
CA SER A 155 11.28 26.32 54.90
C SER A 155 12.52 27.08 54.46
N THR A 156 12.43 28.41 54.36
CA THR A 156 13.55 29.21 53.89
C THR A 156 14.73 29.13 54.86
N GLY A 157 14.47 29.35 56.14
CA GLY A 157 15.55 29.33 57.13
C GLY A 157 16.20 27.96 57.27
N LEU A 158 15.38 26.91 57.20
CA LEU A 158 15.92 25.55 57.32
C LEU A 158 16.87 25.21 56.17
N LEU A 159 16.61 25.73 54.97
CA LEU A 159 17.47 25.48 53.83
C LEU A 159 18.86 26.07 53.98
N ASN A 160 19.08 26.92 54.99
CA ASN A 160 20.38 27.54 55.23
C ASN A 160 21.01 27.04 56.52
N LEU A 161 20.60 25.87 57.00
CA LEU A 161 21.20 25.28 58.20
C LEU A 161 22.70 25.08 58.00
N LYS A 162 23.46 25.29 59.07
CA LYS A 162 24.90 25.15 59.01
C LYS A 162 25.38 23.73 59.27
N GLU A 163 24.62 22.97 60.05
CA GLU A 163 24.97 21.58 60.36
C GLU A 163 23.72 20.73 60.32
N LEU A 164 23.91 19.44 60.09
CA LEU A 164 22.79 18.50 60.05
C LEU A 164 22.26 18.26 61.45
N PRO A 165 20.99 18.55 61.72
CA PRO A 165 20.45 18.28 63.06
C PRO A 165 20.26 16.79 63.27
N GLY A 166 20.53 16.34 64.49
CA GLY A 166 20.36 14.93 64.81
C GLY A 166 18.90 14.53 64.88
N HIS A 167 18.05 15.40 65.41
CA HIS A 167 16.62 15.13 65.55
C HIS A 167 15.86 16.34 65.02
N LEU A 168 15.12 16.13 63.93
CA LEU A 168 14.35 17.18 63.29
C LEU A 168 12.88 17.04 63.64
N GLY A 169 12.27 18.13 64.10
CA GLY A 169 10.85 18.18 64.39
C GLY A 169 10.14 19.07 63.39
N ILE A 170 8.99 18.59 62.91
CA ILE A 170 8.23 19.27 61.87
C ILE A 170 6.81 19.49 62.38
N LEU A 171 6.35 20.75 62.35
CA LEU A 171 4.96 21.09 62.66
C LEU A 171 4.19 21.15 61.34
N GLY A 172 3.37 20.14 61.10
CA GLY A 172 2.60 20.09 59.87
C GLY A 172 2.78 18.79 59.11
N GLY A 173 1.68 18.14 58.74
CA GLY A 173 1.74 16.92 57.97
C GLY A 173 1.45 17.16 56.50
N GLY A 174 1.71 18.39 56.04
CA GLY A 174 1.44 18.75 54.66
C GLY A 174 2.46 18.18 53.71
N TYR A 175 2.23 18.49 52.42
CA TYR A 175 3.13 18.01 51.38
C TYR A 175 4.52 18.61 51.51
N ILE A 176 4.60 19.89 51.88
CA ILE A 176 5.89 20.53 52.12
C ILE A 176 6.59 19.89 53.32
N GLY A 177 5.81 19.51 54.34
CA GLY A 177 6.40 18.89 55.51
C GLY A 177 6.89 17.47 55.24
N VAL A 178 6.16 16.72 54.40
CA VAL A 178 6.58 15.37 54.07
C VAL A 178 7.83 15.39 53.20
N GLU A 179 7.96 16.39 52.33
CA GLU A 179 9.16 16.51 51.50
C GLU A 179 10.40 16.64 52.38
N PHE A 180 10.39 17.59 53.31
CA PHE A 180 11.54 17.78 54.19
C PHE A 180 11.71 16.62 55.16
N ALA A 181 10.62 15.92 55.49
CA ALA A 181 10.72 14.77 56.38
C ALA A 181 11.50 13.65 55.72
N SER A 182 11.18 13.35 54.45
CA SER A 182 11.92 12.32 53.72
C SER A 182 13.27 12.83 53.23
N MET A 183 13.40 14.15 53.03
CA MET A 183 14.66 14.71 52.59
C MET A 183 15.72 14.63 53.68
N PHE A 184 15.37 15.05 54.90
CA PHE A 184 16.32 15.00 56.00
C PHE A 184 16.53 13.58 56.52
N ALA A 185 15.53 12.71 56.36
CA ALA A 185 15.71 11.33 56.78
C ALA A 185 16.79 10.62 55.96
N ASN A 186 16.84 10.91 54.66
CA ASN A 186 17.90 10.36 53.83
C ASN A 186 19.26 10.96 54.14
N PHE A 187 19.30 12.12 54.79
CA PHE A 187 20.56 12.74 55.17
C PHE A 187 21.16 12.13 56.43
N GLY A 188 20.33 11.52 57.28
CA GLY A 188 20.83 10.86 58.48
C GLY A 188 20.19 11.33 59.76
N SER A 189 19.11 12.10 59.65
CA SER A 189 18.47 12.71 60.80
C SER A 189 17.22 11.94 61.22
N LYS A 190 16.95 11.97 62.52
CA LYS A 190 15.67 11.49 63.04
C LYS A 190 14.63 12.60 62.86
N VAL A 191 13.50 12.27 62.25
CA VAL A 191 12.48 13.24 61.90
C VAL A 191 11.19 12.87 62.60
N THR A 192 10.60 13.83 63.30
CA THR A 192 9.31 13.66 63.97
C THR A 192 8.31 14.62 63.34
N ILE A 193 7.25 14.07 62.75
CA ILE A 193 6.20 14.86 62.12
C ILE A 193 5.07 15.03 63.14
N LEU A 194 4.71 16.28 63.40
CA LEU A 194 3.63 16.61 64.33
C LEU A 194 2.46 17.11 63.51
N GLU A 195 1.48 16.24 63.30
CA GLU A 195 0.30 16.56 62.51
C GLU A 195 -0.94 16.57 63.41
N ALA A 196 -1.79 17.58 63.22
CA ALA A 196 -2.94 17.79 64.09
C ALA A 196 -4.17 16.99 63.68
N ALA A 197 -4.26 16.57 62.42
CA ALA A 197 -5.47 15.89 61.97
C ALA A 197 -5.50 14.45 62.46
N SER A 198 -6.65 13.80 62.24
CA SER A 198 -6.82 12.39 62.58
C SER A 198 -6.21 11.45 61.54
N LEU A 199 -5.88 11.95 60.36
CA LEU A 199 -5.36 11.14 59.27
C LEU A 199 -4.10 11.76 58.71
N PHE A 200 -3.16 10.91 58.31
CA PHE A 200 -1.99 11.36 57.57
C PHE A 200 -2.37 11.55 56.11
N LEU A 201 -2.08 12.75 55.58
CA LEU A 201 -2.44 13.14 54.22
C LEU A 201 -3.93 12.96 53.99
N PRO A 202 -4.78 13.76 54.63
CA PRO A 202 -6.23 13.55 54.49
C PRO A 202 -6.76 13.81 53.08
N ARG A 203 -6.01 14.50 52.24
CA ARG A 203 -6.42 14.74 50.85
C ARG A 203 -6.04 13.60 49.92
N GLU A 204 -5.82 12.40 50.45
CA GLU A 204 -5.32 11.28 49.66
C GLU A 204 -6.08 10.02 50.01
N ASP A 205 -6.02 9.04 49.11
CA ASP A 205 -6.53 7.71 49.40
C ASP A 205 -5.78 7.12 50.58
N ARG A 206 -6.47 6.25 51.34
CA ARG A 206 -5.86 5.73 52.55
C ARG A 206 -4.87 4.60 52.25
N ASP A 207 -5.08 3.83 51.18
CA ASP A 207 -4.06 2.88 50.76
C ASP A 207 -2.79 3.60 50.31
N ILE A 208 -2.93 4.78 49.70
CA ILE A 208 -1.76 5.53 49.27
C ILE A 208 -1.08 6.18 50.48
N ALA A 209 -1.86 6.78 51.37
CA ALA A 209 -1.29 7.39 52.56
C ALA A 209 -0.69 6.33 53.49
N ASP A 210 -1.24 5.12 53.49
CA ASP A 210 -0.62 4.04 54.26
C ASP A 210 0.75 3.67 53.71
N ASN A 211 0.90 3.68 52.39
CA ASN A 211 2.18 3.34 51.77
C ASN A 211 3.22 4.42 52.04
N ILE A 212 2.85 5.69 51.85
CA ILE A 212 3.77 6.79 52.10
C ILE A 212 4.22 6.76 53.56
N ALA A 213 3.27 6.57 54.49
CA ALA A 213 3.61 6.52 55.90
C ALA A 213 4.54 5.36 56.22
N THR A 214 4.31 4.20 55.61
CA THR A 214 5.17 3.05 55.86
C THR A 214 6.57 3.27 55.31
N ILE A 215 6.68 3.95 54.17
CA ILE A 215 8.01 4.27 53.62
C ILE A 215 8.74 5.23 54.55
N LEU A 216 8.00 6.16 55.15
CA LEU A 216 8.62 7.11 56.09
C LEU A 216 8.95 6.42 57.42
N ARG A 217 8.08 5.53 57.88
CA ARG A 217 8.33 4.83 59.14
C ARG A 217 9.59 3.97 59.06
N ASP A 218 9.89 3.42 57.88
CA ASP A 218 11.07 2.58 57.74
C ASP A 218 12.37 3.39 57.75
N GLN A 219 12.31 4.68 57.44
CA GLN A 219 13.48 5.54 57.48
C GLN A 219 13.60 6.30 58.80
N GLY A 220 12.86 5.90 59.83
CA GLY A 220 12.97 6.48 61.14
C GLY A 220 12.03 7.63 61.44
N VAL A 221 11.13 7.95 60.53
CA VAL A 221 10.23 9.10 60.69
C VAL A 221 9.01 8.66 61.49
N ASP A 222 8.78 9.31 62.63
CA ASP A 222 7.59 9.07 63.43
C ASP A 222 6.49 10.03 62.97
N ILE A 223 5.34 9.48 62.60
CA ILE A 223 4.17 10.27 62.24
C ILE A 223 3.26 10.34 63.46
N ILE A 224 3.20 11.51 64.08
CA ILE A 224 2.39 11.72 65.28
C ILE A 224 1.13 12.47 64.87
N LEU A 225 -0.02 11.82 65.00
CA LEU A 225 -1.30 12.40 64.66
C LEU A 225 -2.00 12.93 65.91
N ASN A 226 -3.02 13.76 65.69
CA ASN A 226 -3.76 14.42 66.76
C ASN A 226 -2.81 15.19 67.69
N ALA A 227 -1.77 15.76 67.08
CA ALA A 227 -0.72 16.41 67.86
C ALA A 227 -1.21 17.73 68.44
N HIS A 228 -1.15 17.85 69.76
CA HIS A 228 -1.47 19.09 70.47
C HIS A 228 -0.17 19.79 70.80
N VAL A 229 0.03 21.00 70.26
CA VAL A 229 1.22 21.79 70.50
C VAL A 229 0.80 23.04 71.27
N GLU A 230 1.13 23.07 72.56
CA GLU A 230 0.72 24.17 73.43
C GLU A 230 1.76 25.29 73.48
N ARG A 231 3.05 24.94 73.55
CA ARG A 231 4.10 25.93 73.62
C ARG A 231 5.39 25.31 73.10
N ILE A 232 6.36 26.16 72.78
CA ILE A 232 7.66 25.73 72.28
C ILE A 232 8.74 26.50 73.01
N SER A 233 9.62 25.79 73.71
CA SER A 233 10.65 26.38 74.54
C SER A 233 12.03 26.09 73.97
N HIS A 234 13.06 26.56 74.68
CA HIS A 234 14.44 26.18 74.41
C HIS A 234 15.10 25.90 75.75
N HIS A 235 15.67 24.71 75.89
CA HIS A 235 16.26 24.29 77.16
C HIS A 235 17.25 23.17 76.89
N GLU A 236 18.46 23.31 77.43
CA GLU A 236 19.50 22.29 77.36
C GLU A 236 19.85 21.96 75.90
N ASN A 237 20.33 22.98 75.19
CA ASN A 237 20.88 22.91 73.84
C ASN A 237 19.87 22.45 72.79
N GLN A 238 18.59 22.26 73.15
CA GLN A 238 17.61 21.69 72.25
C GLN A 238 16.29 22.45 72.34
N VAL A 239 15.51 22.35 71.27
CA VAL A 239 14.19 22.95 71.20
C VAL A 239 13.18 21.97 71.81
N GLN A 240 12.27 22.50 72.63
CA GLN A 240 11.30 21.68 73.34
C GLN A 240 9.90 22.00 72.84
N VAL A 241 9.18 20.97 72.40
CA VAL A 241 7.81 21.11 71.93
C VAL A 241 6.89 20.64 73.04
N HIS A 242 6.28 21.59 73.75
CA HIS A 242 5.39 21.28 74.85
C HIS A 242 4.06 20.74 74.34
N SER A 243 3.46 19.83 75.12
CA SER A 243 2.22 19.18 74.70
C SER A 243 1.44 18.60 75.88
N GLU A 244 1.03 19.47 76.81
CA GLU A 244 0.29 19.08 78.00
C GLU A 244 1.05 18.00 78.78
N HIS A 245 2.15 18.44 79.38
CA HIS A 245 2.98 17.63 80.27
C HIS A 245 3.71 16.51 79.53
N ALA A 246 4.15 16.79 78.30
CA ALA A 246 4.96 15.85 77.53
C ALA A 246 5.75 16.66 76.51
N GLN A 247 7.06 16.78 76.74
CA GLN A 247 7.93 17.60 75.92
C GLN A 247 8.73 16.73 74.96
N LEU A 248 8.77 17.14 73.69
CA LEU A 248 9.59 16.49 72.68
C LEU A 248 10.80 17.37 72.39
N ALA A 249 12.00 16.83 72.59
CA ALA A 249 13.23 17.59 72.44
C ALA A 249 13.85 17.29 71.08
N VAL A 250 13.93 18.33 70.23
CA VAL A 250 14.56 18.23 68.93
C VAL A 250 15.63 19.32 68.82
N ASP A 251 16.52 19.14 67.85
CA ASP A 251 17.62 20.07 67.64
C ASP A 251 17.27 21.20 66.69
N ALA A 252 16.20 21.06 65.91
CA ALA A 252 15.73 22.10 65.00
C ALA A 252 14.27 21.82 64.68
N LEU A 253 13.50 22.89 64.53
CA LEU A 253 12.05 22.77 64.31
C LEU A 253 11.67 23.49 63.02
N LEU A 254 11.26 22.72 62.01
CA LEU A 254 10.67 23.26 60.81
C LEU A 254 9.16 23.36 61.00
N ILE A 255 8.56 24.38 60.41
CA ILE A 255 7.13 24.64 60.54
C ILE A 255 6.55 24.67 59.13
N ALA A 256 5.74 23.67 58.80
CA ALA A 256 5.14 23.55 57.48
C ALA A 256 3.65 23.89 57.58
N SER A 257 3.37 25.17 57.76
CA SER A 257 2.03 25.61 58.08
C SER A 257 1.30 26.10 56.85
N GLY A 258 1.89 25.96 55.67
CA GLY A 258 1.31 26.46 54.45
C GLY A 258 1.50 27.96 54.32
N ARG A 259 1.26 28.47 53.12
CA ARG A 259 1.43 29.88 52.80
C ARG A 259 0.11 30.47 52.31
N GLN A 260 -0.11 31.73 52.65
CA GLN A 260 -1.28 32.48 52.24
C GLN A 260 -0.85 33.68 51.40
N PRO A 261 -1.72 34.21 50.55
CA PRO A 261 -1.33 35.29 49.64
C PRO A 261 -0.70 36.47 50.37
N ALA A 262 0.18 37.18 49.66
CA ALA A 262 0.94 38.31 50.20
C ALA A 262 0.33 39.60 49.65
N THR A 263 -0.77 40.03 50.28
CA THR A 263 -1.42 41.29 49.94
C THR A 263 -1.63 42.10 51.23
N ALA A 264 -0.53 42.37 51.92
CA ALA A 264 -0.58 43.11 53.18
C ALA A 264 -0.16 44.56 52.96
N SER A 265 1.14 44.79 52.77
CA SER A 265 1.67 46.13 52.57
C SER A 265 1.73 46.54 51.11
N LEU A 266 1.15 45.75 50.22
CA LEU A 266 0.74 46.29 48.93
C LEU A 266 -0.35 47.34 49.12
N HIS A 267 -1.08 47.26 50.23
CA HIS A 267 -2.22 48.11 50.51
C HIS A 267 -3.19 48.16 49.32
N PRO A 268 -3.75 47.01 48.93
CA PRO A 268 -4.56 46.95 47.71
C PRO A 268 -5.95 47.55 47.85
N GLU A 269 -6.30 48.10 49.00
CA GLU A 269 -7.58 48.79 49.13
C GLU A 269 -7.56 50.13 48.41
N ASN A 270 -6.39 50.75 48.28
CA ASN A 270 -6.30 52.04 47.61
C ASN A 270 -6.67 51.94 46.15
N ALA A 271 -6.31 50.83 45.50
CA ALA A 271 -6.65 50.62 44.10
C ALA A 271 -8.05 50.06 43.89
N GLY A 272 -8.81 49.87 44.96
CA GLY A 272 -10.15 49.30 44.83
C GLY A 272 -10.15 47.87 44.39
N ILE A 273 -9.25 47.05 44.93
CA ILE A 273 -9.16 45.62 44.61
C ILE A 273 -9.74 44.85 45.80
N ALA A 274 -10.87 44.20 45.57
CA ALA A 274 -11.50 43.43 46.64
C ALA A 274 -10.69 42.19 46.97
N VAL A 275 -10.58 41.90 48.26
CA VAL A 275 -9.87 40.72 48.75
C VAL A 275 -10.87 39.86 49.51
N ASN A 276 -10.65 38.55 49.46
CA ASN A 276 -11.45 37.64 50.28
C ASN A 276 -10.80 37.53 51.65
N GLU A 277 -11.28 36.59 52.47
CA GLU A 277 -10.86 36.54 53.87
C GLU A 277 -9.39 36.15 54.00
N ARG A 278 -8.91 35.25 53.14
CA ARG A 278 -7.55 34.76 53.23
C ARG A 278 -6.51 35.74 52.66
N GLY A 279 -6.96 36.85 52.08
CA GLY A 279 -6.05 37.83 51.51
C GLY A 279 -5.82 37.69 50.02
N ALA A 280 -6.50 36.76 49.36
CA ALA A 280 -6.30 36.55 47.93
C ALA A 280 -7.14 37.54 47.13
N THR A 281 -6.53 38.10 46.09
CA THR A 281 -7.23 39.04 45.22
C THR A 281 -8.33 38.33 44.46
N VAL A 282 -9.56 38.82 44.59
CA VAL A 282 -10.67 38.28 43.82
C VAL A 282 -10.42 38.55 42.35
N VAL A 283 -10.42 37.50 41.53
CA VAL A 283 -10.04 37.60 40.14
C VAL A 283 -11.05 36.85 39.25
N ASP A 284 -11.03 37.23 37.98
CA ASP A 284 -11.94 36.72 36.96
C ASP A 284 -11.46 35.36 36.44
N LYS A 285 -12.30 34.74 35.61
CA LYS A 285 -11.87 33.54 34.89
C LYS A 285 -10.67 33.84 34.01
N ARG A 286 -10.62 35.02 33.42
CA ARG A 286 -9.50 35.47 32.62
C ARG A 286 -8.57 36.41 33.39
N LEU A 287 -8.60 36.32 34.73
CA LEU A 287 -7.65 36.93 35.66
C LEU A 287 -7.81 38.43 35.80
N HIS A 288 -8.98 38.97 35.49
CA HIS A 288 -9.29 40.37 35.79
C HIS A 288 -9.75 40.49 37.23
N THR A 289 -9.39 41.60 37.86
CA THR A 289 -9.74 41.85 39.25
C THR A 289 -11.01 42.71 39.32
N THR A 290 -11.20 43.40 40.45
CA THR A 290 -12.27 44.38 40.54
C THR A 290 -11.92 45.68 39.85
N ALA A 291 -10.69 46.15 40.02
CA ALA A 291 -10.25 47.37 39.35
C ALA A 291 -10.18 47.15 37.84
N ASP A 292 -10.21 48.26 37.10
CA ASP A 292 -10.48 48.19 35.66
C ASP A 292 -9.29 47.61 34.90
N ASN A 293 -8.08 48.12 35.14
CA ASN A 293 -6.92 47.63 34.40
C ASN A 293 -5.87 47.10 35.36
N ILE A 294 -6.26 46.10 36.16
CA ILE A 294 -5.38 45.46 37.13
C ILE A 294 -5.50 43.95 36.93
N TRP A 295 -4.39 43.24 37.11
CA TRP A 295 -4.37 41.79 37.01
C TRP A 295 -3.59 41.20 38.17
N ALA A 296 -3.88 39.93 38.46
CA ALA A 296 -3.16 39.20 39.50
C ALA A 296 -2.99 37.76 39.04
N MET A 297 -1.73 37.32 38.96
CA MET A 297 -1.40 35.98 38.51
C MET A 297 -0.55 35.28 39.55
N GLY A 298 -0.76 33.97 39.69
CA GLY A 298 0.06 33.16 40.57
C GLY A 298 -0.58 32.86 41.91
N ASP A 299 0.26 32.62 42.93
CA ASP A 299 -0.26 32.27 44.25
C ASP A 299 -1.13 33.36 44.83
N VAL A 300 -0.93 34.61 44.42
CA VAL A 300 -1.72 35.72 44.94
C VAL A 300 -3.20 35.57 44.59
N THR A 301 -3.53 34.77 43.58
CA THR A 301 -4.92 34.52 43.23
C THR A 301 -5.66 33.79 44.35
N GLY A 302 -4.96 32.94 45.10
CA GLY A 302 -5.57 32.07 46.07
C GLY A 302 -5.79 30.65 45.56
N GLY A 303 -5.51 30.40 44.29
CA GLY A 303 -5.63 29.08 43.73
C GLY A 303 -4.48 28.18 44.14
N LEU A 304 -4.24 27.17 43.32
CA LEU A 304 -3.18 26.21 43.61
C LEU A 304 -1.82 26.90 43.60
N GLN A 305 -0.96 26.51 44.55
CA GLN A 305 0.34 27.15 44.73
C GLN A 305 1.41 26.33 43.99
N PHE A 306 1.35 26.39 42.67
CA PHE A 306 2.28 25.68 41.81
C PHE A 306 2.91 26.63 40.81
N THR A 307 4.14 26.32 40.43
CA THR A 307 4.85 27.17 39.48
C THR A 307 4.26 27.05 38.08
N TYR A 308 3.79 25.86 37.71
CA TYR A 308 3.21 25.68 36.38
C TYR A 308 1.86 26.36 36.25
N ILE A 309 1.08 26.40 37.34
CA ILE A 309 -0.21 27.09 37.29
C ILE A 309 0.00 28.59 37.11
N SER A 310 1.03 29.15 37.75
CA SER A 310 1.33 30.57 37.55
C SER A 310 1.76 30.84 36.11
N LEU A 311 2.54 29.94 35.52
CA LEU A 311 2.92 30.11 34.11
C LEU A 311 1.69 30.10 33.22
N ASP A 312 0.72 29.25 33.52
CA ASP A 312 -0.52 29.24 32.76
C ASP A 312 -1.35 30.50 33.03
N ASP A 313 -1.19 31.09 34.21
CA ASP A 313 -1.80 32.40 34.45
C ASP A 313 -1.23 33.44 33.50
N TYR A 314 0.05 33.32 33.13
CA TYR A 314 0.62 34.18 32.11
C TYR A 314 0.02 33.86 30.75
N ARG A 315 -0.22 32.58 30.46
CA ARG A 315 -0.86 32.21 29.20
C ARG A 315 -2.25 32.82 29.09
N ILE A 316 -3.01 32.80 30.19
CA ILE A 316 -4.36 33.36 30.16
C ILE A 316 -4.30 34.87 29.96
N VAL A 317 -3.37 35.55 30.63
CA VAL A 317 -3.27 37.00 30.50
C VAL A 317 -2.69 37.37 29.14
N ARG A 318 -1.75 36.58 28.62
CA ARG A 318 -1.10 36.96 27.36
C ARG A 318 -2.06 36.85 26.18
N ASP A 319 -2.95 35.85 26.20
CA ASP A 319 -3.92 35.69 25.11
C ASP A 319 -4.85 36.91 25.03
N GLU A 320 -5.29 37.40 26.19
CA GLU A 320 -6.10 38.61 26.25
C GLU A 320 -5.34 39.81 25.68
N LEU A 321 -4.07 39.95 26.04
CA LEU A 321 -3.37 41.22 25.78
C LEU A 321 -2.78 41.26 24.39
N LEU A 322 -2.31 40.14 23.88
CA LEU A 322 -1.57 40.14 22.62
C LEU A 322 -2.21 39.34 21.49
N GLY A 323 -3.00 38.31 21.79
CA GLY A 323 -3.87 37.77 20.75
C GLY A 323 -5.23 38.42 20.86
N GLU A 324 -6.29 37.60 20.68
CA GLU A 324 -7.65 37.90 21.13
C GLU A 324 -8.16 36.71 21.94
N GLY A 325 -8.36 36.93 23.23
CA GLY A 325 -8.22 35.89 24.22
C GLY A 325 -9.43 35.03 24.56
N LYS A 326 -9.51 33.82 23.97
CA LYS A 326 -10.37 32.75 24.47
C LYS A 326 -9.87 32.17 25.78
N ARG A 327 -8.59 32.36 26.11
CA ARG A 327 -7.98 31.68 27.23
C ARG A 327 -8.67 32.05 28.55
N SER A 328 -8.95 31.04 29.38
CA SER A 328 -9.77 31.22 30.58
C SER A 328 -9.26 30.24 31.62
N THR A 329 -9.59 30.52 32.88
CA THR A 329 -9.28 29.55 33.92
C THR A 329 -10.24 28.37 33.89
N ASP A 330 -11.28 28.43 33.05
CA ASP A 330 -12.15 27.28 32.80
C ASP A 330 -11.60 26.36 31.72
N ASP A 331 -10.29 26.42 31.46
CA ASP A 331 -9.63 25.52 30.52
C ASP A 331 -8.79 24.45 31.20
N ARG A 332 -8.44 24.65 32.46
CA ARG A 332 -7.46 23.80 33.15
C ARG A 332 -8.15 22.53 33.64
N LYS A 333 -8.15 21.51 32.78
CA LYS A 333 -8.58 20.18 33.16
C LYS A 333 -7.37 19.37 33.63
N ASN A 334 -7.55 18.64 34.73
CA ASN A 334 -6.57 17.66 35.22
C ASN A 334 -5.21 18.33 35.48
N VAL A 335 -5.19 19.17 36.51
CA VAL A 335 -3.96 19.79 36.95
C VAL A 335 -3.21 18.78 37.82
N PRO A 336 -2.02 18.33 37.39
CA PRO A 336 -1.28 17.36 38.19
C PRO A 336 -0.34 18.02 39.18
N TYR A 337 0.09 17.23 40.16
CA TYR A 337 1.04 17.71 41.15
C TYR A 337 1.89 16.53 41.62
N SER A 338 2.98 16.86 42.32
CA SER A 338 3.91 15.86 42.80
C SER A 338 4.43 16.27 44.17
N VAL A 339 4.65 15.27 45.03
CA VAL A 339 5.25 15.46 46.34
C VAL A 339 6.63 14.80 46.27
N PHE A 340 7.68 15.63 46.24
CA PHE A 340 9.03 15.14 45.95
C PHE A 340 9.69 14.53 47.19
N MET A 341 8.99 13.54 47.75
CA MET A 341 9.61 12.63 48.70
C MET A 341 10.38 11.58 47.91
N THR A 342 10.83 10.52 48.56
CA THR A 342 11.57 9.45 47.89
C THR A 342 10.94 8.11 48.27
N PRO A 343 10.25 7.43 47.34
CA PRO A 343 10.01 7.88 45.96
C PRO A 343 8.87 8.91 45.87
N PRO A 344 8.91 9.77 44.85
CA PRO A 344 7.92 10.85 44.78
C PRO A 344 6.53 10.33 44.46
N LEU A 345 5.53 10.99 45.05
CA LEU A 345 4.13 10.71 44.77
C LEU A 345 3.62 11.73 43.77
N SER A 346 3.17 11.26 42.62
CA SER A 346 2.55 12.10 41.60
C SER A 346 1.07 11.76 41.50
N ARG A 347 0.24 12.77 41.27
CA ARG A 347 -1.19 12.54 41.25
C ARG A 347 -1.87 13.50 40.30
N VAL A 348 -2.79 12.96 39.51
CA VAL A 348 -3.62 13.74 38.59
C VAL A 348 -5.01 13.12 38.59
N GLY A 349 -6.02 13.97 38.51
CA GLY A 349 -7.40 13.49 38.54
C GLY A 349 -7.89 13.19 39.95
N MET A 350 -9.03 12.50 40.00
CA MET A 350 -9.69 12.21 41.27
C MET A 350 -9.03 11.03 41.97
N THR A 351 -9.41 10.84 43.23
CA THR A 351 -8.98 9.71 44.02
C THR A 351 -10.08 8.64 44.02
N GLU A 352 -9.81 7.53 44.71
CA GLU A 352 -10.82 6.48 44.84
C GLU A 352 -12.00 6.94 45.67
N GLU A 353 -11.74 7.76 46.70
CA GLU A 353 -12.82 8.27 47.53
C GLU A 353 -13.72 9.23 46.75
N GLN A 354 -13.14 10.01 45.84
CA GLN A 354 -13.93 10.94 45.04
C GLN A 354 -14.68 10.21 43.93
N ALA A 355 -14.02 9.24 43.28
CA ALA A 355 -14.67 8.52 42.18
C ALA A 355 -15.84 7.68 42.69
N ARG A 356 -15.71 7.11 43.90
CA ARG A 356 -16.81 6.33 44.46
C ARG A 356 -17.93 7.22 44.98
N GLU A 357 -17.62 8.44 45.42
CA GLU A 357 -18.65 9.33 45.94
C GLU A 357 -19.60 9.82 44.86
N SER A 358 -19.20 9.76 43.59
CA SER A 358 -20.04 10.16 42.48
C SER A 358 -20.70 8.95 41.83
N GLY A 359 -21.64 9.23 40.92
CA GLY A 359 -22.58 8.19 40.49
C GLY A 359 -21.95 7.11 39.63
N ALA A 360 -20.97 7.48 38.81
CA ALA A 360 -20.42 6.54 37.84
C ALA A 360 -19.69 5.40 38.55
N ASP A 361 -20.00 4.16 38.16
CA ASP A 361 -19.31 3.01 38.71
C ASP A 361 -17.94 2.87 38.05
N ILE A 362 -16.94 2.49 38.86
CA ILE A 362 -15.55 2.54 38.46
C ILE A 362 -14.90 1.19 38.72
N GLN A 363 -13.73 1.00 38.14
CA GLN A 363 -12.86 -0.15 38.45
C GLN A 363 -11.48 0.39 38.82
N VAL A 364 -11.02 0.05 40.01
CA VAL A 364 -9.71 0.46 40.50
C VAL A 364 -8.70 -0.64 40.20
N VAL A 365 -7.53 -0.26 39.69
CA VAL A 365 -6.51 -1.22 39.30
C VAL A 365 -5.17 -0.81 39.92
N THR A 366 -4.42 -1.80 40.39
CA THR A 366 -3.23 -1.60 41.20
C THR A 366 -2.07 -2.40 40.61
N LEU A 367 -0.92 -1.75 40.44
CA LEU A 367 0.30 -2.45 40.03
C LEU A 367 1.39 -2.22 41.07
N PRO A 368 1.82 -3.24 41.80
CA PRO A 368 2.91 -3.06 42.77
C PRO A 368 4.23 -2.79 42.07
N VAL A 369 5.06 -1.96 42.72
CA VAL A 369 6.35 -1.59 42.17
C VAL A 369 7.28 -2.78 42.02
N ALA A 370 7.06 -3.84 42.79
CA ALA A 370 7.90 -5.03 42.66
C ALA A 370 7.82 -5.64 41.27
N ALA A 371 6.77 -5.33 40.51
CA ALA A 371 6.59 -5.84 39.16
C ALA A 371 7.11 -4.91 38.09
N ILE A 372 7.82 -3.84 38.47
CA ILE A 372 8.41 -2.91 37.52
C ILE A 372 9.92 -3.17 37.50
N PRO A 373 10.46 -3.74 36.42
CA PRO A 373 11.90 -4.01 36.38
C PRO A 373 12.75 -2.74 36.39
N ARG A 374 12.26 -1.64 35.83
CA ARG A 374 13.03 -0.40 35.82
C ARG A 374 13.27 0.10 37.24
N ALA A 375 12.29 -0.06 38.13
CA ALA A 375 12.48 0.31 39.52
C ALA A 375 13.57 -0.53 40.17
N ARG A 376 13.72 -1.79 39.75
CA ARG A 376 14.82 -2.61 40.25
C ARG A 376 16.15 -2.12 39.70
N VAL A 377 16.17 -1.62 38.48
CA VAL A 377 17.40 -1.09 37.88
C VAL A 377 17.90 0.09 38.70
N MET A 378 16.99 0.90 39.23
CA MET A 378 17.34 2.11 39.96
C MET A 378 17.43 1.91 41.46
N ASN A 379 17.37 0.66 41.93
CA ASN A 379 17.53 0.33 43.35
C ASN A 379 16.53 1.06 44.24
N ASP A 380 15.26 1.03 43.82
CA ASP A 380 14.17 1.50 44.70
C ASP A 380 12.86 0.89 44.17
N THR A 381 12.49 -0.24 44.75
CA THR A 381 11.23 -0.89 44.42
C THR A 381 10.22 -0.64 45.54
N ARG A 382 9.92 0.62 45.80
CA ARG A 382 8.99 1.03 46.85
C ARG A 382 7.81 1.79 46.25
N GLY A 383 6.68 1.75 46.95
CA GLY A 383 5.46 2.40 46.48
C GLY A 383 4.53 1.43 45.77
N VAL A 384 3.53 2.00 45.10
CA VAL A 384 2.63 1.24 44.23
C VAL A 384 2.08 2.16 43.15
N LEU A 385 1.46 1.57 42.13
CA LEU A 385 0.76 2.29 41.08
C LEU A 385 -0.74 2.08 41.24
N LYS A 386 -1.53 3.08 40.83
CA LYS A 386 -2.97 2.99 41.00
C LYS A 386 -3.65 3.96 40.04
N ALA A 387 -4.79 3.54 39.51
CA ALA A 387 -5.55 4.39 38.60
C ALA A 387 -7.03 3.99 38.66
N ILE A 388 -7.88 4.91 38.23
CA ILE A 388 -9.33 4.71 38.22
C ILE A 388 -9.82 4.86 36.79
N VAL A 389 -10.62 3.89 36.34
CA VAL A 389 -11.15 3.87 34.98
C VAL A 389 -12.66 3.92 35.05
N ASP A 390 -13.26 4.74 34.18
CA ASP A 390 -14.72 4.84 34.08
C ASP A 390 -15.22 3.79 33.10
N ASN A 391 -16.04 2.86 33.59
CA ASN A 391 -16.57 1.80 32.75
C ASN A 391 -17.61 2.29 31.74
N LYS A 392 -18.08 3.54 31.87
CA LYS A 392 -19.06 4.05 30.93
C LYS A 392 -18.39 4.62 29.68
N THR A 393 -17.23 5.26 29.84
CA THR A 393 -16.52 5.89 28.74
C THR A 393 -15.14 5.31 28.48
N GLN A 394 -14.72 4.30 29.25
CA GLN A 394 -13.38 3.73 29.19
C GLN A 394 -12.29 4.78 29.38
N ARG A 395 -12.62 5.90 30.00
CA ARG A 395 -11.67 6.98 30.23
C ARG A 395 -11.08 6.87 31.64
N MET A 396 -10.01 7.62 31.87
CA MET A 396 -9.32 7.63 33.14
C MET A 396 -9.76 8.84 33.97
N LEU A 397 -10.08 8.59 35.24
CA LEU A 397 -10.53 9.65 36.13
C LEU A 397 -9.46 10.10 37.12
N GLY A 398 -8.49 9.25 37.42
CA GLY A 398 -7.45 9.63 38.36
C GLY A 398 -6.34 8.60 38.37
N ALA A 399 -5.19 9.02 38.91
CA ALA A 399 -4.02 8.15 39.00
C ALA A 399 -3.16 8.59 40.16
N SER A 400 -2.74 7.64 40.98
CA SER A 400 -1.78 7.87 42.06
C SER A 400 -0.54 7.02 41.76
N LEU A 401 0.54 7.69 41.36
CA LEU A 401 1.78 7.02 40.98
C LEU A 401 2.82 7.31 42.05
N LEU A 402 3.10 6.32 42.90
CA LEU A 402 4.09 6.43 43.97
C LEU A 402 5.26 5.54 43.56
N CYS A 403 6.20 6.11 42.82
CA CYS A 403 7.31 5.36 42.27
C CYS A 403 8.41 6.32 41.87
N VAL A 404 9.58 5.76 41.53
CA VAL A 404 10.67 6.55 41.02
C VAL A 404 10.28 7.13 39.66
N ASP A 405 10.60 8.40 39.44
CA ASP A 405 10.28 9.11 38.20
C ASP A 405 8.78 9.21 37.97
N SER A 406 7.99 9.21 39.04
CA SER A 406 6.55 9.38 38.90
C SER A 406 6.18 10.78 38.45
N HIS A 407 7.01 11.78 38.79
CA HIS A 407 6.78 13.15 38.38
C HIS A 407 6.88 13.31 36.86
N GLU A 408 7.58 12.39 36.18
CA GLU A 408 7.73 12.47 34.73
C GLU A 408 6.65 11.69 33.99
N MET A 409 6.29 10.51 34.49
CA MET A 409 5.33 9.65 33.79
C MET A 409 3.88 10.00 34.08
N ILE A 410 3.61 10.85 35.07
CA ILE A 410 2.24 11.32 35.29
C ILE A 410 1.82 12.31 34.23
N ASN A 411 2.77 12.98 33.58
CA ASN A 411 2.44 13.90 32.49
C ASN A 411 1.79 13.17 31.32
N ILE A 412 2.08 11.88 31.18
CA ILE A 412 1.49 11.09 30.10
C ILE A 412 0.03 10.79 30.40
N VAL A 413 -0.28 10.44 31.66
CA VAL A 413 -1.66 10.17 32.04
C VAL A 413 -2.50 11.45 31.93
N LYS A 414 -1.93 12.58 32.34
CA LYS A 414 -2.68 13.84 32.28
C LYS A 414 -2.98 14.25 30.85
N MET A 415 -2.03 14.04 29.94
CA MET A 415 -2.20 14.48 28.56
C MET A 415 -3.25 13.65 27.83
N VAL A 416 -3.28 12.34 28.09
CA VAL A 416 -4.29 11.48 27.48
C VAL A 416 -5.67 11.79 28.06
N MET A 417 -5.74 12.12 29.33
CA MET A 417 -7.02 12.53 29.93
C MET A 417 -7.50 13.85 29.34
N ASP A 418 -6.58 14.75 28.98
CA ASP A 418 -6.98 16.03 28.39
C ASP A 418 -7.66 15.82 27.04
N ALA A 419 -7.08 14.98 26.19
CA ALA A 419 -7.69 14.66 24.90
C ALA A 419 -8.87 13.71 25.02
N GLY A 420 -9.20 13.26 26.23
CA GLY A 420 -10.33 12.36 26.40
C GLY A 420 -10.14 11.00 25.79
N LEU A 421 -8.91 10.56 25.58
CA LEU A 421 -8.66 9.26 24.99
C LEU A 421 -8.91 8.16 26.02
N PRO A 422 -9.28 6.96 25.57
CA PRO A 422 -9.53 5.87 26.52
C PRO A 422 -8.22 5.32 27.09
N TYR A 423 -8.37 4.50 28.13
CA TYR A 423 -7.22 3.87 28.76
C TYR A 423 -6.51 2.88 27.85
N SER A 424 -7.17 2.45 26.77
CA SER A 424 -6.63 1.38 25.95
C SER A 424 -5.36 1.79 25.21
N ILE A 425 -5.22 3.08 24.87
CA ILE A 425 -4.04 3.51 24.13
C ILE A 425 -2.79 3.44 25.01
N LEU A 426 -2.96 3.58 26.32
CA LEU A 426 -1.83 3.37 27.23
C LEU A 426 -1.60 1.89 27.49
N ARG A 427 -2.65 1.08 27.42
CA ARG A 427 -2.50 -0.36 27.54
C ARG A 427 -1.74 -0.95 26.36
N ASP A 428 -1.91 -0.39 25.17
CA ASP A 428 -1.32 -0.91 23.95
C ASP A 428 -0.17 -0.07 23.41
N GLN A 429 0.32 0.88 24.19
CA GLN A 429 1.34 1.81 23.69
C GLN A 429 2.71 1.14 23.62
N ILE A 430 3.46 1.51 22.59
CA ILE A 430 4.86 1.11 22.45
C ILE A 430 5.70 2.16 23.19
N PHE A 431 6.14 1.82 24.38
CA PHE A 431 6.97 2.71 25.20
C PHE A 431 8.44 2.40 24.98
N THR A 432 9.29 3.15 25.66
CA THR A 432 10.72 2.86 25.66
C THR A 432 11.04 1.85 26.75
N HIS A 433 12.15 1.12 26.56
CA HIS A 433 12.55 0.04 27.45
C HIS A 433 14.05 0.12 27.70
N PRO A 434 14.50 0.08 28.96
CA PRO A 434 13.66 0.00 30.15
C PRO A 434 13.31 1.36 30.73
N SER A 435 12.03 1.62 30.97
CA SER A 435 11.57 2.89 31.49
C SER A 435 10.56 2.66 32.61
N MET A 436 10.20 3.75 33.28
CA MET A 436 9.11 3.72 34.25
C MET A 436 7.76 3.96 33.58
N SER A 437 7.74 4.72 32.48
CA SER A 437 6.51 4.95 31.75
C SER A 437 5.97 3.68 31.12
N GLU A 438 6.83 2.68 30.88
CA GLU A 438 6.37 1.44 30.26
C GLU A 438 5.56 0.57 31.20
N SER A 439 5.64 0.82 32.52
CA SER A 439 4.78 0.11 33.46
C SER A 439 3.32 0.47 33.29
N LEU A 440 3.01 1.56 32.56
CA LEU A 440 1.63 1.86 32.23
C LEU A 440 1.03 0.78 31.34
N ASN A 441 1.85 0.11 30.52
CA ASN A 441 1.39 -1.07 29.81
C ASN A 441 0.87 -2.13 30.77
N ASP A 442 1.63 -2.39 31.83
CA ASP A 442 1.22 -3.37 32.82
C ASP A 442 0.07 -2.87 33.68
N LEU A 443 -0.02 -1.56 33.89
CA LEU A 443 -1.07 -0.99 34.75
C LEU A 443 -2.45 -1.20 34.14
N PHE A 444 -2.71 -0.59 32.99
CA PHE A 444 -4.04 -0.57 32.41
C PHE A 444 -4.39 -1.85 31.65
N SER A 445 -3.52 -2.86 31.69
CA SER A 445 -3.88 -4.18 31.18
C SER A 445 -4.66 -5.00 32.21
N LEU A 446 -4.68 -4.60 33.47
CA LEU A 446 -5.49 -5.27 34.48
C LEU A 446 -6.92 -4.77 34.49
N VAL A 447 -7.26 -3.79 33.64
CA VAL A 447 -8.64 -3.36 33.50
C VAL A 447 -9.42 -4.38 32.69
N LYS A 448 -10.68 -4.58 33.04
CA LYS A 448 -11.54 -5.48 32.29
C LYS A 448 -12.61 -4.70 31.54
N MET B 8 6.04 -36.56 24.48
CA MET B 8 4.80 -36.27 25.19
C MET B 8 3.60 -36.23 24.25
N ASN B 9 2.61 -35.42 24.61
CA ASN B 9 1.44 -35.24 23.76
C ASN B 9 1.74 -34.18 22.71
N LYS B 10 0.74 -33.79 21.94
CA LYS B 10 0.87 -32.67 21.02
C LYS B 10 0.37 -31.40 21.69
N TYR B 11 1.20 -30.37 21.68
CA TYR B 11 0.83 -29.09 22.26
C TYR B 11 0.09 -28.24 21.24
N GLN B 12 -0.98 -27.58 21.69
CA GLN B 12 -1.69 -26.65 20.81
C GLN B 12 -0.78 -25.50 20.38
N ALA B 13 0.20 -25.15 21.20
CA ALA B 13 1.16 -24.11 20.89
C ALA B 13 2.52 -24.51 21.45
N VAL B 14 3.56 -24.39 20.62
CA VAL B 14 4.93 -24.62 21.03
C VAL B 14 5.74 -23.37 20.71
N ILE B 15 6.34 -22.78 21.74
CA ILE B 15 7.16 -21.58 21.61
C ILE B 15 8.62 -21.97 21.74
N ILE B 16 9.47 -21.40 20.90
CA ILE B 16 10.89 -21.74 20.88
C ILE B 16 11.70 -20.55 21.39
N GLY B 17 12.01 -20.55 22.69
CA GLY B 17 12.78 -19.48 23.28
C GLY B 17 12.01 -18.71 24.34
N PHE B 18 12.71 -18.25 25.37
CA PHE B 18 12.10 -17.48 26.45
C PHE B 18 12.08 -15.98 26.18
N GLY B 19 11.96 -15.57 24.92
CA GLY B 19 11.98 -14.16 24.58
C GLY B 19 10.80 -13.40 25.14
N LYS B 20 10.80 -12.10 24.86
CA LYS B 20 9.75 -11.22 25.36
C LYS B 20 8.38 -11.63 24.82
N ALA B 21 8.30 -11.84 23.50
CA ALA B 21 7.02 -12.17 22.88
C ALA B 21 6.54 -13.56 23.31
N GLY B 22 7.43 -14.54 23.28
CA GLY B 22 7.02 -15.91 23.55
C GLY B 22 6.64 -16.15 24.99
N LYS B 23 7.43 -15.63 25.93
CA LYS B 23 7.08 -15.77 27.34
C LYS B 23 5.79 -15.03 27.67
N THR B 24 5.42 -14.02 26.89
CA THR B 24 4.14 -13.34 27.08
C THR B 24 3.00 -14.12 26.43
N LEU B 25 3.26 -14.69 25.25
CA LEU B 25 2.24 -15.50 24.58
C LEU B 25 1.95 -16.77 25.38
N ALA B 26 2.98 -17.37 25.98
CA ALA B 26 2.77 -18.60 26.74
C ALA B 26 1.83 -18.37 27.91
N VAL B 27 1.97 -17.23 28.60
CA VAL B 27 1.09 -16.95 29.74
C VAL B 27 -0.32 -16.64 29.27
N THR B 28 -0.45 -15.97 28.13
CA THR B 28 -1.78 -15.59 27.64
C THR B 28 -2.53 -16.77 27.05
N LEU B 29 -1.82 -17.73 26.45
CA LEU B 29 -2.49 -18.89 25.88
C LEU B 29 -2.81 -19.94 26.95
N ALA B 30 -1.90 -20.11 27.93
CA ALA B 30 -2.20 -21.01 29.04
C ALA B 30 -3.38 -20.50 29.85
N LYS B 31 -3.50 -19.19 30.00
CA LYS B 31 -4.63 -18.59 30.69
C LYS B 31 -5.93 -18.73 29.90
N ALA B 32 -5.84 -18.88 28.58
CA ALA B 32 -7.01 -19.09 27.73
C ALA B 32 -7.37 -20.56 27.56
N GLY B 33 -6.65 -21.46 28.23
CA GLY B 33 -6.95 -22.88 28.19
C GLY B 33 -6.04 -23.71 27.32
N TRP B 34 -5.17 -23.08 26.53
CA TRP B 34 -4.32 -23.81 25.60
C TRP B 34 -3.24 -24.59 26.35
N ARG B 35 -2.90 -25.76 25.80
CA ARG B 35 -1.77 -26.54 26.28
C ARG B 35 -0.51 -26.02 25.60
N VAL B 36 0.34 -25.34 26.35
CA VAL B 36 1.48 -24.61 25.81
C VAL B 36 2.78 -25.25 26.29
N ALA B 37 3.78 -25.23 25.41
CA ALA B 37 5.13 -25.68 25.75
C ALA B 37 6.12 -24.65 25.22
N LEU B 38 7.01 -24.19 26.10
CA LEU B 38 8.07 -23.26 25.73
C LEU B 38 9.41 -23.96 25.89
N ILE B 39 10.20 -23.96 24.81
CA ILE B 39 11.52 -24.57 24.81
C ILE B 39 12.57 -23.49 25.05
N GLU B 40 13.50 -23.75 25.96
CA GLU B 40 14.57 -22.82 26.28
C GLU B 40 15.87 -23.60 26.39
N GLN B 41 16.86 -23.23 25.59
CA GLN B 41 18.10 -23.99 25.48
C GLN B 41 19.07 -23.75 26.63
N SER B 42 18.81 -22.76 27.48
CA SER B 42 19.75 -22.39 28.54
C SER B 42 18.99 -22.08 29.81
N ASN B 43 19.41 -22.67 30.93
CA ASN B 43 18.79 -22.37 32.22
C ASN B 43 19.32 -21.08 32.84
N ALA B 44 20.31 -20.44 32.22
CA ALA B 44 20.73 -19.10 32.58
C ALA B 44 20.09 -18.05 31.68
N MET B 45 19.18 -18.47 30.80
CA MET B 45 18.48 -17.56 29.89
C MET B 45 16.98 -17.53 30.16
N TYR B 46 16.54 -18.08 31.30
CA TYR B 46 15.15 -17.94 31.70
C TYR B 46 14.78 -16.46 31.79
N GLY B 47 13.70 -16.08 31.12
CA GLY B 47 13.27 -14.70 31.10
C GLY B 47 13.66 -13.93 29.85
N GLY B 48 14.57 -14.46 29.04
CA GLY B 48 14.89 -13.88 27.76
C GLY B 48 16.26 -13.21 27.77
N THR B 49 16.61 -12.69 26.58
CA THR B 49 17.90 -12.03 26.39
C THR B 49 18.02 -10.77 27.24
N CYS B 50 16.95 -9.98 27.30
CA CYS B 50 16.96 -8.71 28.04
C CYS B 50 17.32 -8.92 29.52
N ILE B 51 16.50 -9.69 30.23
CA ILE B 51 16.68 -9.90 31.66
C ILE B 51 18.11 -10.31 32.04
N ASN B 52 18.77 -11.10 31.20
CA ASN B 52 19.98 -11.80 31.61
C ASN B 52 21.25 -11.20 31.03
N ILE B 53 21.20 -10.76 29.77
CA ILE B 53 22.39 -10.31 29.07
C ILE B 53 22.09 -9.03 28.29
N GLY B 54 20.90 -8.46 28.49
CA GLY B 54 20.45 -7.34 27.69
C GLY B 54 20.21 -6.02 28.41
N CYS B 55 18.95 -5.58 28.48
CA CYS B 55 18.64 -4.27 29.02
C CYS B 55 18.96 -4.17 30.50
N ILE B 56 18.48 -5.14 31.29
CA ILE B 56 18.47 -5.00 32.75
C ILE B 56 19.87 -4.99 33.33
N PRO B 57 20.76 -5.95 33.02
CA PRO B 57 22.12 -5.84 33.58
C PRO B 57 22.89 -4.65 33.06
N THR B 58 22.69 -4.28 31.79
CA THR B 58 23.36 -3.11 31.23
C THR B 58 22.95 -1.84 31.97
N LYS B 59 21.65 -1.62 32.10
CA LYS B 59 21.16 -0.38 32.71
C LYS B 59 21.37 -0.37 34.21
N THR B 60 21.33 -1.54 34.85
CA THR B 60 21.67 -1.64 36.27
C THR B 60 23.07 -1.09 36.53
N LEU B 61 24.02 -1.41 35.65
CA LEU B 61 25.38 -0.93 35.82
C LEU B 61 25.49 0.55 35.49
N VAL B 62 24.78 1.02 34.47
CA VAL B 62 24.84 2.43 34.10
C VAL B 62 24.32 3.30 35.25
N HIS B 63 23.27 2.86 35.93
CA HIS B 63 22.75 3.61 37.07
C HIS B 63 23.77 3.64 38.21
N ASP B 64 24.49 2.53 38.42
CA ASP B 64 25.55 2.52 39.42
C ASP B 64 26.78 3.28 38.93
N ALA B 65 27.08 3.18 37.64
CA ALA B 65 28.22 3.89 37.08
C ALA B 65 28.04 5.40 37.16
N GLN B 66 26.79 5.88 37.05
CA GLN B 66 26.53 7.31 37.19
C GLN B 66 26.82 7.81 38.59
N GLN B 67 26.78 6.93 39.59
CA GLN B 67 27.10 7.30 40.97
C GLN B 67 28.56 7.04 41.32
N HIS B 68 29.38 6.68 40.34
CA HIS B 68 30.81 6.41 40.56
C HIS B 68 31.03 5.34 41.62
N THR B 69 30.16 4.33 41.60
CA THR B 69 30.25 3.20 42.52
C THR B 69 31.34 2.24 42.08
N ASP B 70 31.97 1.59 43.05
CA ASP B 70 32.95 0.55 42.76
C ASP B 70 32.39 -0.46 41.77
N PHE B 71 33.24 -0.90 40.84
CA PHE B 71 32.77 -1.75 39.75
C PHE B 71 32.32 -3.12 40.26
N VAL B 72 33.06 -3.71 41.19
CA VAL B 72 32.72 -5.05 41.66
C VAL B 72 31.41 -5.03 42.45
N ARG B 73 31.19 -3.97 43.24
CA ARG B 73 29.92 -3.85 43.95
C ARG B 73 28.75 -3.74 42.99
N ALA B 74 28.94 -3.01 41.89
CA ALA B 74 27.89 -2.88 40.89
C ALA B 74 27.64 -4.20 40.17
N ILE B 75 28.70 -4.96 39.88
CA ILE B 75 28.54 -6.29 39.32
C ILE B 75 27.81 -7.19 40.31
N GLN B 76 28.10 -7.02 41.60
CA GLN B 76 27.40 -7.78 42.63
C GLN B 76 25.91 -7.46 42.64
N ARG B 77 25.57 -6.17 42.57
CA ARG B 77 24.16 -5.77 42.51
C ARG B 77 23.54 -6.18 41.18
N LYS B 78 24.32 -6.09 40.09
CA LYS B 78 23.82 -6.56 38.80
C LYS B 78 23.42 -8.03 38.87
N ASN B 79 24.24 -8.86 39.54
CA ASN B 79 23.91 -10.28 39.67
C ASN B 79 22.61 -10.48 40.45
N GLU B 80 22.41 -9.71 41.52
CA GLU B 80 21.21 -9.87 42.33
C GLU B 80 19.95 -9.50 41.56
N VAL B 81 20.04 -8.55 40.64
CA VAL B 81 18.87 -8.14 39.86
C VAL B 81 18.59 -9.13 38.75
N VAL B 82 19.62 -9.61 38.05
CA VAL B 82 19.40 -10.58 36.99
C VAL B 82 18.90 -11.89 37.57
N ASN B 83 19.39 -12.28 38.75
CA ASN B 83 19.01 -13.57 39.32
C ASN B 83 17.63 -13.54 39.95
N PHE B 84 17.21 -12.38 40.47
CA PHE B 84 15.86 -12.28 41.00
C PHE B 84 14.83 -12.36 39.87
N LEU B 85 15.06 -11.65 38.78
CA LEU B 85 14.10 -11.64 37.70
C LEU B 85 14.16 -12.89 36.84
N ARG B 86 15.31 -13.56 36.80
CA ARG B 86 15.38 -14.85 36.12
C ARG B 86 14.56 -15.90 36.85
N ASN B 87 14.64 -15.93 38.18
CA ASN B 87 13.85 -16.87 38.96
C ASN B 87 12.37 -16.51 38.95
N LYS B 88 12.05 -15.21 38.91
CA LYS B 88 10.65 -14.80 38.83
C LYS B 88 10.08 -15.08 37.44
N ASN B 89 10.88 -14.89 36.40
CA ASN B 89 10.40 -15.13 35.04
C ASN B 89 10.21 -16.61 34.77
N PHE B 90 11.04 -17.46 35.37
CA PHE B 90 10.87 -18.90 35.20
C PHE B 90 9.62 -19.38 35.92
N HIS B 91 9.43 -18.96 37.18
CA HIS B 91 8.33 -19.46 37.97
C HIS B 91 6.98 -18.93 37.49
N ASN B 92 6.95 -17.71 36.95
CA ASN B 92 5.69 -17.16 36.45
C ASN B 92 5.15 -17.97 35.28
N LEU B 93 5.99 -18.79 34.64
CA LEU B 93 5.56 -19.72 33.60
C LEU B 93 5.41 -21.14 34.13
N ALA B 94 6.39 -21.61 34.91
CA ALA B 94 6.40 -23.00 35.37
C ALA B 94 5.31 -23.30 36.38
N ASP B 95 4.69 -22.27 36.98
CA ASP B 95 3.65 -22.50 37.96
C ASP B 95 2.28 -22.71 37.32
N MET B 96 2.10 -22.31 36.06
CA MET B 96 0.82 -22.51 35.40
C MET B 96 0.71 -23.96 34.94
N PRO B 97 -0.41 -24.65 35.20
CA PRO B 97 -0.51 -26.07 34.87
C PRO B 97 -0.42 -26.35 33.37
N ASN B 98 -0.87 -25.43 32.53
CA ASN B 98 -0.91 -25.66 31.09
C ASN B 98 0.39 -25.27 30.38
N ILE B 99 1.45 -24.94 31.13
CA ILE B 99 2.74 -24.55 30.55
C ILE B 99 3.79 -25.58 30.95
N ASP B 100 4.56 -26.05 29.98
CA ASP B 100 5.68 -26.95 30.21
C ASP B 100 6.95 -26.24 29.73
N VAL B 101 7.73 -25.71 30.66
CA VAL B 101 9.03 -25.13 30.33
C VAL B 101 10.01 -26.28 30.14
N ILE B 102 10.45 -26.47 28.90
CA ILE B 102 11.24 -27.63 28.51
C ILE B 102 12.65 -27.14 28.21
N ASP B 103 13.61 -27.55 29.04
CA ASP B 103 15.01 -27.25 28.78
C ASP B 103 15.52 -28.07 27.61
N GLY B 104 16.31 -27.45 26.76
CA GLY B 104 16.93 -28.14 25.64
C GLY B 104 16.99 -27.26 24.41
N GLN B 105 17.93 -27.59 23.52
CA GLN B 105 18.15 -26.85 22.27
C GLN B 105 17.22 -27.41 21.21
N ALA B 106 16.27 -26.59 20.75
CA ALA B 106 15.27 -27.04 19.81
C ALA B 106 15.81 -27.04 18.39
N GLU B 107 15.31 -27.97 17.58
CA GLU B 107 15.72 -28.13 16.20
C GLU B 107 14.54 -28.67 15.40
N PHE B 108 14.31 -28.08 14.23
CA PHE B 108 13.16 -28.45 13.41
C PHE B 108 13.42 -29.78 12.72
N ILE B 109 12.65 -30.81 13.08
CA ILE B 109 12.60 -32.01 12.26
C ILE B 109 11.66 -31.81 11.09
N ASN B 110 10.51 -31.19 11.36
CA ASN B 110 9.44 -31.03 10.39
C ASN B 110 8.85 -29.63 10.55
N ASN B 111 7.68 -29.42 9.97
CA ASN B 111 6.86 -28.25 10.29
C ASN B 111 5.86 -28.55 11.38
N HIS B 112 5.90 -29.75 11.97
CA HIS B 112 5.05 -30.12 13.09
C HIS B 112 5.82 -30.57 14.33
N SER B 113 7.04 -31.07 14.17
CA SER B 113 7.78 -31.67 15.27
C SER B 113 9.13 -30.98 15.47
N LEU B 114 9.60 -30.99 16.71
CA LEU B 114 10.88 -30.39 17.08
C LEU B 114 11.78 -31.48 17.68
N ARG B 115 13.08 -31.26 17.58
CA ARG B 115 14.07 -32.08 18.27
C ARG B 115 14.77 -31.22 19.30
N VAL B 116 14.45 -31.41 20.58
CA VAL B 116 15.12 -30.69 21.65
C VAL B 116 16.36 -31.47 22.03
N HIS B 117 17.46 -30.74 22.23
CA HIS B 117 18.77 -31.33 22.49
C HIS B 117 19.11 -31.11 23.97
N ARG B 118 18.92 -32.13 24.77
CA ARG B 118 19.41 -32.16 26.14
C ARG B 118 20.48 -33.23 26.25
N PRO B 119 21.62 -32.95 26.90
CA PRO B 119 22.73 -33.92 26.89
C PRO B 119 22.38 -35.30 27.42
N GLU B 120 21.20 -35.49 28.02
CA GLU B 120 20.82 -36.75 28.61
C GLU B 120 19.89 -37.57 27.72
N GLY B 121 19.87 -37.30 26.43
CA GLY B 121 19.01 -38.01 25.49
C GLY B 121 17.92 -37.09 24.96
N ASN B 122 17.68 -37.16 23.65
CA ASN B 122 16.79 -36.22 22.98
C ASN B 122 15.32 -36.51 23.31
N LEU B 123 14.49 -35.51 23.04
CA LEU B 123 13.04 -35.64 23.09
C LEU B 123 12.45 -35.12 21.78
N GLU B 124 11.21 -35.53 21.52
CA GLU B 124 10.47 -35.10 20.33
C GLU B 124 9.19 -34.42 20.76
N ILE B 125 8.92 -33.23 20.22
CA ILE B 125 7.81 -32.39 20.66
C ILE B 125 7.04 -31.94 19.42
N HIS B 126 5.72 -32.13 19.45
CA HIS B 126 4.85 -31.78 18.34
C HIS B 126 4.00 -30.56 18.70
N GLY B 127 3.61 -29.81 17.66
CA GLY B 127 2.83 -28.61 17.87
C GLY B 127 1.80 -28.33 16.79
N GLU B 128 0.55 -28.10 17.21
CA GLU B 128 -0.46 -27.62 16.27
C GLU B 128 -0.06 -26.28 15.68
N LYS B 129 0.45 -25.38 16.51
CA LYS B 129 1.05 -24.12 16.08
C LYS B 129 2.40 -23.98 16.76
N ILE B 130 3.37 -23.42 16.05
CA ILE B 130 4.72 -23.23 16.57
C ILE B 130 5.12 -21.78 16.36
N PHE B 131 5.76 -21.19 17.37
CA PHE B 131 6.11 -19.78 17.37
C PHE B 131 7.60 -19.63 17.60
N ILE B 132 8.31 -19.12 16.60
CA ILE B 132 9.77 -18.97 16.67
C ILE B 132 10.09 -17.68 17.43
N ASN B 133 10.87 -17.79 18.49
CA ASN B 133 11.20 -16.67 19.36
C ASN B 133 12.63 -16.79 19.87
N THR B 134 13.56 -17.12 18.98
CA THR B 134 14.93 -17.42 19.38
C THR B 134 15.82 -16.19 19.53
N GLY B 135 15.38 -15.03 19.05
CA GLY B 135 16.19 -13.84 19.22
C GLY B 135 17.39 -13.81 18.29
N ALA B 136 18.42 -13.08 18.72
CA ALA B 136 19.60 -12.82 17.92
C ALA B 136 20.85 -13.35 18.62
N GLN B 137 22.00 -13.13 17.98
CA GLN B 137 23.29 -13.54 18.51
C GLN B 137 24.35 -12.56 18.05
N THR B 138 25.49 -12.57 18.74
CA THR B 138 26.56 -11.63 18.43
C THR B 138 27.15 -11.89 17.05
N VAL B 139 27.36 -10.82 16.30
CA VAL B 139 28.07 -10.88 15.03
C VAL B 139 29.56 -10.76 15.31
N VAL B 140 30.34 -11.68 14.77
CA VAL B 140 31.79 -11.70 14.95
C VAL B 140 32.43 -11.26 13.64
N PRO B 141 33.13 -10.13 13.61
CA PRO B 141 33.76 -9.69 12.36
C PRO B 141 34.87 -10.63 11.95
N PRO B 142 35.12 -10.78 10.65
CA PRO B 142 36.16 -11.72 10.17
C PRO B 142 37.57 -11.15 10.28
N ILE B 143 38.03 -11.01 11.52
CA ILE B 143 39.36 -10.50 11.83
C ILE B 143 40.17 -11.64 12.43
N PRO B 144 41.36 -11.94 11.91
CA PRO B 144 42.12 -13.09 12.42
C PRO B 144 42.49 -12.92 13.89
N GLY B 145 42.42 -14.02 14.63
CA GLY B 145 42.79 -14.01 16.03
C GLY B 145 41.78 -13.43 16.97
N ILE B 146 40.51 -13.40 16.59
CA ILE B 146 39.47 -12.86 17.48
C ILE B 146 38.85 -13.96 18.34
N THR B 147 38.75 -15.19 17.83
CA THR B 147 38.15 -16.28 18.59
C THR B 147 39.10 -16.82 19.65
N THR B 148 40.40 -16.80 19.39
CA THR B 148 41.37 -17.44 20.26
C THR B 148 41.97 -16.51 21.30
N THR B 149 42.00 -15.22 21.04
CA THR B 149 42.70 -14.28 21.92
C THR B 149 41.91 -14.10 23.22
N PRO B 150 42.55 -14.26 24.39
CA PRO B 150 41.76 -14.35 25.64
C PRO B 150 41.12 -13.05 26.09
N GLY B 151 41.76 -11.90 25.86
CA GLY B 151 41.24 -10.66 26.38
C GLY B 151 40.07 -10.06 25.65
N VAL B 152 39.56 -10.73 24.61
CA VAL B 152 38.45 -10.22 23.81
C VAL B 152 37.14 -10.75 24.39
N TYR B 153 36.10 -9.89 24.39
CA TYR B 153 34.83 -10.25 24.99
C TYR B 153 33.69 -9.84 24.08
N ASP B 154 32.57 -10.56 24.23
CA ASP B 154 31.29 -10.18 23.66
C ASP B 154 30.57 -9.26 24.65
N SER B 155 29.37 -8.80 24.27
CA SER B 155 28.56 -8.04 25.21
C SER B 155 28.20 -8.87 26.43
N THR B 156 27.97 -10.17 26.23
CA THR B 156 27.64 -11.05 27.33
C THR B 156 28.83 -11.23 28.28
N GLY B 157 30.01 -11.52 27.73
CA GLY B 157 31.16 -11.79 28.58
C GLY B 157 31.69 -10.56 29.27
N LEU B 158 31.45 -9.38 28.72
CA LEU B 158 31.97 -8.16 29.34
C LEU B 158 31.21 -7.80 30.61
N LEU B 159 29.93 -8.15 30.69
CA LEU B 159 29.13 -7.88 31.88
C LEU B 159 29.46 -8.81 33.03
N ASN B 160 30.33 -9.80 32.83
CA ASN B 160 30.73 -10.73 33.87
C ASN B 160 32.19 -10.59 34.24
N LEU B 161 32.81 -9.46 33.90
CA LEU B 161 34.20 -9.23 34.26
C LEU B 161 34.38 -9.21 35.77
N LYS B 162 35.56 -9.65 36.22
CA LYS B 162 35.86 -9.69 37.64
C LYS B 162 36.58 -8.44 38.13
N GLU B 163 37.20 -7.68 37.22
CA GLU B 163 38.01 -6.52 37.57
C GLU B 163 37.76 -5.44 36.54
N LEU B 164 37.74 -4.18 36.99
CA LEU B 164 37.55 -3.07 36.08
C LEU B 164 38.82 -2.88 35.24
N PRO B 165 38.75 -3.01 33.92
CA PRO B 165 39.96 -2.82 33.10
C PRO B 165 40.33 -1.35 33.02
N GLY B 166 41.63 -1.07 33.21
CA GLY B 166 42.09 0.30 33.15
C GLY B 166 41.91 0.95 31.80
N HIS B 167 41.89 0.14 30.73
CA HIS B 167 41.67 0.64 29.39
C HIS B 167 40.80 -0.36 28.64
N LEU B 168 39.60 0.06 28.25
CA LEU B 168 38.62 -0.80 27.59
C LEU B 168 38.52 -0.38 26.12
N GLY B 169 38.73 -1.33 25.22
CA GLY B 169 38.61 -1.09 23.80
C GLY B 169 37.29 -1.66 23.27
N ILE B 170 36.69 -0.95 22.33
CA ILE B 170 35.42 -1.34 21.73
C ILE B 170 35.59 -1.40 20.22
N LEU B 171 35.19 -2.53 19.64
CA LEU B 171 35.13 -2.69 18.19
C LEU B 171 33.68 -2.51 17.77
N GLY B 172 33.34 -1.31 17.32
CA GLY B 172 31.98 -1.01 16.91
C GLY B 172 31.51 0.34 17.41
N GLY B 173 31.16 1.23 16.47
CA GLY B 173 30.64 2.53 16.84
C GLY B 173 29.13 2.53 17.01
N GLY B 174 28.57 1.33 17.16
CA GLY B 174 27.14 1.19 17.26
C GLY B 174 26.59 1.72 18.57
N TYR B 175 25.25 1.63 18.69
CA TYR B 175 24.57 2.19 19.85
C TYR B 175 24.91 1.41 21.12
N ILE B 176 25.05 0.09 21.01
CA ILE B 176 25.40 -0.71 22.18
C ILE B 176 26.83 -0.42 22.62
N GLY B 177 27.73 -0.17 21.67
CA GLY B 177 29.09 0.18 22.02
C GLY B 177 29.18 1.52 22.74
N VAL B 178 28.48 2.53 22.22
CA VAL B 178 28.47 3.84 22.88
C VAL B 178 27.86 3.73 24.28
N GLU B 179 26.84 2.89 24.44
CA GLU B 179 26.28 2.61 25.75
C GLU B 179 27.36 2.10 26.69
N PHE B 180 28.17 1.15 26.23
CA PHE B 180 29.26 0.63 27.05
C PHE B 180 30.39 1.62 27.21
N ALA B 181 30.52 2.59 26.28
CA ALA B 181 31.56 3.60 26.41
C ALA B 181 31.36 4.46 27.65
N SER B 182 30.16 5.02 27.80
CA SER B 182 29.88 5.86 28.96
C SER B 182 29.88 5.04 30.25
N MET B 183 29.34 3.83 30.21
CA MET B 183 29.21 3.02 31.42
C MET B 183 30.56 2.75 32.06
N PHE B 184 31.55 2.36 31.26
CA PHE B 184 32.87 2.05 31.81
C PHE B 184 33.70 3.31 32.03
N ALA B 185 33.53 4.33 31.20
CA ALA B 185 34.20 5.60 31.47
C ALA B 185 33.63 6.27 32.71
N ASN B 186 32.38 5.96 33.07
CA ASN B 186 31.82 6.44 34.33
C ASN B 186 32.46 5.71 35.51
N PHE B 187 32.77 4.42 35.33
CA PHE B 187 33.42 3.63 36.36
C PHE B 187 34.89 4.01 36.56
N GLY B 188 35.43 4.88 35.72
CA GLY B 188 36.82 5.29 35.82
C GLY B 188 37.76 4.71 34.79
N SER B 189 37.24 4.12 33.72
CA SER B 189 38.06 3.44 32.72
C SER B 189 38.27 4.34 31.50
N LYS B 190 39.46 4.28 30.93
CA LYS B 190 39.70 4.89 29.63
C LYS B 190 39.14 4.00 28.54
N VAL B 191 38.44 4.61 27.59
CA VAL B 191 37.74 3.88 26.53
C VAL B 191 38.22 4.37 25.18
N THR B 192 38.29 3.44 24.22
CA THR B 192 38.64 3.75 22.84
C THR B 192 37.72 2.96 21.92
N ILE B 193 36.74 3.64 21.34
CA ILE B 193 35.78 3.01 20.42
C ILE B 193 36.28 3.22 18.99
N LEU B 194 36.30 2.14 18.22
CA LEU B 194 36.79 2.16 16.85
C LEU B 194 35.65 1.85 15.90
N GLU B 195 35.32 2.81 15.04
CA GLU B 195 34.23 2.68 14.09
C GLU B 195 34.78 2.62 12.67
N ALA B 196 34.23 1.72 11.86
CA ALA B 196 34.69 1.58 10.48
C ALA B 196 34.23 2.73 9.60
N ALA B 197 33.03 3.25 9.84
CA ALA B 197 32.52 4.34 9.04
C ALA B 197 33.32 5.62 9.27
N SER B 198 33.10 6.61 8.42
CA SER B 198 33.80 7.88 8.49
C SER B 198 33.05 8.93 9.30
N LEU B 199 31.89 8.60 9.85
CA LEU B 199 31.10 9.53 10.64
C LEU B 199 30.62 8.84 11.91
N PHE B 200 30.76 9.53 13.04
CA PHE B 200 30.35 8.99 14.33
C PHE B 200 28.83 9.07 14.44
N LEU B 201 28.19 7.91 14.63
CA LEU B 201 26.74 7.75 14.66
C LEU B 201 26.14 8.33 13.38
N PRO B 202 26.32 7.66 12.24
CA PRO B 202 25.91 8.25 10.96
C PRO B 202 24.40 8.31 10.74
N ARG B 203 23.62 7.59 11.52
CA ARG B 203 22.16 7.63 11.39
C ARG B 203 21.52 8.78 12.16
N GLU B 204 22.30 9.52 12.94
CA GLU B 204 21.80 10.66 13.70
C GLU B 204 22.24 11.97 13.02
N ASP B 205 21.78 13.08 13.59
CA ASP B 205 22.20 14.38 13.08
C ASP B 205 23.63 14.68 13.53
N ARG B 206 24.31 15.53 12.75
CA ARG B 206 25.68 15.90 13.11
C ARG B 206 25.71 16.75 14.38
N ASP B 207 24.69 17.57 14.61
CA ASP B 207 24.71 18.44 15.78
C ASP B 207 24.59 17.64 17.08
N ILE B 208 23.79 16.57 17.07
CA ILE B 208 23.70 15.72 18.25
C ILE B 208 24.81 14.68 18.30
N ALA B 209 25.30 14.23 17.13
CA ALA B 209 26.47 13.35 17.12
C ALA B 209 27.70 14.08 17.65
N ASP B 210 27.87 15.34 17.28
CA ASP B 210 28.96 16.14 17.81
C ASP B 210 28.83 16.32 19.32
N ASN B 211 27.59 16.56 19.80
CA ASN B 211 27.37 16.71 21.22
C ASN B 211 27.70 15.44 21.98
N ILE B 212 27.33 14.29 21.43
CA ILE B 212 27.62 13.02 22.09
C ILE B 212 29.12 12.77 22.14
N ALA B 213 29.83 13.12 21.05
CA ALA B 213 31.27 12.88 21.01
C ALA B 213 32.00 13.71 22.07
N THR B 214 31.60 14.98 22.25
CA THR B 214 32.29 15.81 23.24
C THR B 214 31.92 15.42 24.66
N ILE B 215 30.68 14.99 24.89
CA ILE B 215 30.32 14.45 26.20
C ILE B 215 31.17 13.22 26.50
N LEU B 216 31.35 12.35 25.52
CA LEU B 216 32.19 11.17 25.71
C LEU B 216 33.67 11.53 25.76
N ARG B 217 34.09 12.56 25.02
CA ARG B 217 35.52 12.90 24.99
C ARG B 217 35.98 13.47 26.32
N ASP B 218 35.17 14.33 26.95
CA ASP B 218 35.57 14.92 28.22
C ASP B 218 35.60 13.89 29.35
N GLN B 219 34.96 12.74 29.18
CA GLN B 219 35.05 11.64 30.12
C GLN B 219 36.24 10.72 29.82
N GLY B 220 36.98 10.98 28.75
CA GLY B 220 38.16 10.21 28.41
C GLY B 220 37.99 9.23 27.27
N VAL B 221 36.83 9.19 26.64
CA VAL B 221 36.58 8.22 25.56
C VAL B 221 37.20 8.75 24.28
N ASP B 222 38.05 7.93 23.66
CA ASP B 222 38.68 8.27 22.38
C ASP B 222 37.86 7.67 21.25
N ILE B 223 37.42 8.51 20.32
CA ILE B 223 36.61 8.10 19.18
C ILE B 223 37.46 8.18 17.93
N ILE B 224 37.62 7.05 17.24
CA ILE B 224 38.43 6.95 16.03
C ILE B 224 37.58 6.36 14.92
N LEU B 225 37.55 7.04 13.78
CA LEU B 225 36.81 6.58 12.61
C LEU B 225 37.79 6.03 11.57
N ASN B 226 37.24 5.56 10.45
CA ASN B 226 38.03 5.02 9.33
C ASN B 226 38.94 3.88 9.80
N ALA B 227 38.36 2.94 10.54
CA ALA B 227 39.12 1.87 11.19
C ALA B 227 38.80 0.54 10.53
N HIS B 228 39.81 -0.03 9.87
CA HIS B 228 39.76 -1.41 9.38
C HIS B 228 40.76 -2.21 10.20
N VAL B 229 40.28 -2.85 11.26
CA VAL B 229 41.13 -3.66 12.11
C VAL B 229 41.43 -4.97 11.41
N GLU B 230 42.70 -5.37 11.39
CA GLU B 230 43.15 -6.49 10.59
C GLU B 230 43.73 -7.66 11.38
N ARG B 231 44.05 -7.47 12.67
CA ARG B 231 44.52 -8.58 13.48
C ARG B 231 44.40 -8.23 14.95
N ILE B 232 44.12 -9.25 15.77
CA ILE B 232 43.97 -9.11 17.21
C ILE B 232 44.92 -10.09 17.87
N SER B 233 45.76 -9.60 18.79
CA SER B 233 46.81 -10.40 19.40
C SER B 233 46.81 -10.23 20.91
N HIS B 234 47.24 -11.29 21.60
CA HIS B 234 47.57 -11.23 23.02
C HIS B 234 49.08 -11.44 23.14
N HIS B 235 49.80 -10.38 23.47
CA HIS B 235 51.26 -10.47 23.52
C HIS B 235 51.73 -10.61 24.95
N GLU B 236 51.52 -9.58 25.78
CA GLU B 236 51.94 -9.66 27.18
C GLU B 236 50.93 -8.89 28.05
N ASN B 237 49.83 -9.57 28.36
CA ASN B 237 48.79 -9.20 29.33
C ASN B 237 47.84 -8.09 28.86
N GLN B 238 47.98 -7.57 27.64
CA GLN B 238 47.06 -6.57 27.13
C GLN B 238 46.76 -6.87 25.67
N VAL B 239 45.50 -6.75 25.29
CA VAL B 239 45.08 -7.05 23.93
C VAL B 239 45.66 -6.01 22.99
N GLN B 240 46.23 -6.46 21.87
CA GLN B 240 46.78 -5.59 20.85
C GLN B 240 45.93 -5.74 19.58
N VAL B 241 45.37 -4.63 19.11
CA VAL B 241 44.62 -4.60 17.87
C VAL B 241 45.47 -3.85 16.84
N HIS B 242 45.75 -4.51 15.73
CA HIS B 242 46.59 -3.95 14.68
C HIS B 242 45.73 -3.38 13.58
N SER B 243 46.11 -2.21 13.07
CA SER B 243 45.25 -1.48 12.14
C SER B 243 45.97 -1.11 10.85
N GLU B 244 45.43 -0.10 10.16
CA GLU B 244 45.97 0.33 8.88
C GLU B 244 47.47 0.58 8.96
N HIS B 245 47.86 1.55 9.78
CA HIS B 245 49.27 1.89 9.97
C HIS B 245 49.66 2.02 11.43
N ALA B 246 48.69 2.07 12.35
CA ALA B 246 48.91 2.23 13.77
C ALA B 246 48.35 1.00 14.50
N GLN B 247 48.70 0.92 15.78
CA GLN B 247 48.31 -0.20 16.62
C GLN B 247 47.99 0.31 18.02
N LEU B 248 46.99 -0.31 18.65
CA LEU B 248 46.52 0.11 19.97
C LEU B 248 46.44 -1.10 20.89
N ALA B 249 46.85 -0.91 22.15
CA ALA B 249 46.81 -1.94 23.16
C ALA B 249 45.84 -1.55 24.26
N VAL B 250 44.95 -2.48 24.63
CA VAL B 250 43.94 -2.24 25.65
C VAL B 250 43.91 -3.43 26.61
N ASP B 251 43.28 -3.22 27.76
CA ASP B 251 43.19 -4.27 28.76
C ASP B 251 42.12 -5.30 28.39
N ALA B 252 41.00 -4.84 27.85
CA ALA B 252 39.93 -5.73 27.39
C ALA B 252 39.36 -5.19 26.10
N LEU B 253 38.92 -6.09 25.22
CA LEU B 253 38.38 -5.73 23.92
C LEU B 253 36.95 -6.25 23.81
N LEU B 254 36.02 -5.33 23.62
CA LEU B 254 34.60 -5.67 23.52
C LEU B 254 34.15 -5.58 22.06
N ILE B 255 33.52 -6.63 21.58
CA ILE B 255 32.97 -6.66 20.22
C ILE B 255 31.54 -6.12 20.29
N ALA B 256 31.34 -4.93 19.73
CA ALA B 256 29.99 -4.37 19.60
C ALA B 256 29.67 -4.13 18.14
N SER B 257 29.67 -5.20 17.34
CA SER B 257 29.48 -5.12 15.90
C SER B 257 28.08 -5.57 15.47
N GLY B 258 27.09 -5.35 16.33
CA GLY B 258 25.72 -5.66 15.99
C GLY B 258 25.35 -7.11 16.27
N ARG B 259 24.05 -7.35 16.32
CA ARG B 259 23.49 -8.68 16.52
C ARG B 259 22.68 -9.08 15.29
N GLN B 260 22.72 -10.37 14.96
CA GLN B 260 21.98 -10.89 13.83
C GLN B 260 21.12 -12.07 14.29
N PRO B 261 20.01 -12.32 13.60
CA PRO B 261 19.11 -13.40 14.02
C PRO B 261 19.84 -14.73 14.13
N ALA B 262 19.45 -15.52 15.13
CA ALA B 262 20.03 -16.84 15.39
C ALA B 262 19.06 -17.88 14.84
N THR B 263 19.38 -18.41 13.66
CA THR B 263 18.53 -19.40 13.00
C THR B 263 19.26 -20.65 12.53
N ALA B 264 20.59 -20.59 12.36
CA ALA B 264 21.31 -21.71 11.77
C ALA B 264 21.11 -23.00 12.57
N SER B 265 21.23 -22.92 13.90
CA SER B 265 21.03 -24.09 14.74
C SER B 265 19.56 -24.48 14.87
N LEU B 266 18.64 -23.62 14.45
CA LEU B 266 17.23 -23.99 14.42
C LEU B 266 16.92 -24.89 13.23
N HIS B 267 17.71 -24.79 12.16
CA HIS B 267 17.51 -25.51 10.90
C HIS B 267 16.10 -25.27 10.38
N PRO B 268 15.77 -24.03 9.97
CA PRO B 268 14.39 -23.76 9.51
C PRO B 268 14.10 -24.32 8.14
N GLU B 269 15.13 -24.71 7.37
CA GLU B 269 14.92 -25.24 6.03
C GLU B 269 14.07 -26.50 6.05
N ASN B 270 14.19 -27.31 7.10
CA ASN B 270 13.45 -28.57 7.19
C ASN B 270 11.94 -28.37 7.36
N ALA B 271 11.49 -27.17 7.69
CA ALA B 271 10.08 -26.89 7.91
C ALA B 271 9.48 -26.03 6.81
N GLY B 272 10.23 -25.74 5.75
CA GLY B 272 9.74 -24.84 4.72
C GLY B 272 9.79 -23.38 5.08
N ILE B 273 10.62 -23.01 6.06
CA ILE B 273 10.71 -21.64 6.55
C ILE B 273 11.84 -20.93 5.82
N ALA B 274 11.52 -19.85 5.12
CA ALA B 274 12.50 -19.12 4.34
C ALA B 274 13.38 -18.24 5.22
N VAL B 275 14.59 -17.98 4.75
CA VAL B 275 15.54 -17.12 5.44
C VAL B 275 16.25 -16.25 4.41
N ASN B 276 16.65 -15.06 4.83
CA ASN B 276 17.44 -14.18 3.99
C ASN B 276 18.93 -14.43 4.25
N GLU B 277 19.80 -13.59 3.70
CA GLU B 277 21.23 -13.78 3.87
C GLU B 277 21.73 -13.34 5.23
N ARG B 278 21.01 -12.44 5.91
CA ARG B 278 21.36 -12.08 7.28
C ARG B 278 21.15 -13.26 8.23
N GLY B 279 20.22 -14.14 7.91
CA GLY B 279 19.82 -15.21 8.79
C GLY B 279 18.43 -15.07 9.38
N ALA B 280 17.66 -14.08 8.94
CA ALA B 280 16.37 -13.76 9.54
C ALA B 280 15.25 -14.53 8.87
N THR B 281 14.23 -14.85 9.67
CA THR B 281 13.02 -15.48 9.17
C THR B 281 12.12 -14.44 8.52
N VAL B 282 11.67 -14.71 7.31
CA VAL B 282 10.77 -13.79 6.60
C VAL B 282 9.36 -13.97 7.14
N VAL B 283 8.65 -12.84 7.29
CA VAL B 283 7.37 -12.83 7.99
C VAL B 283 6.40 -11.85 7.31
N ASP B 284 5.12 -12.07 7.57
CA ASP B 284 4.06 -11.19 7.11
C ASP B 284 4.09 -9.89 7.91
N LYS B 285 3.09 -9.03 7.67
CA LYS B 285 2.73 -8.03 8.67
C LYS B 285 2.01 -8.65 9.86
N ARG B 286 1.63 -9.92 9.75
CA ARG B 286 1.06 -10.69 10.84
C ARG B 286 2.06 -11.68 11.42
N LEU B 287 3.35 -11.50 11.12
CA LEU B 287 4.41 -12.36 11.64
C LEU B 287 4.19 -13.82 11.23
N HIS B 288 3.78 -14.03 9.98
CA HIS B 288 3.56 -15.35 9.43
C HIS B 288 4.77 -15.74 8.59
N THR B 289 5.42 -16.85 8.97
CA THR B 289 6.49 -17.38 8.16
C THR B 289 5.93 -18.09 6.93
N THR B 290 6.82 -18.51 6.03
CA THR B 290 6.38 -19.14 4.79
C THR B 290 5.71 -20.48 5.02
N ALA B 291 5.90 -21.09 6.19
CA ALA B 291 5.22 -22.33 6.54
C ALA B 291 3.97 -22.03 7.35
N ASP B 292 2.90 -22.76 7.07
CA ASP B 292 1.64 -22.52 7.76
C ASP B 292 1.70 -23.02 9.19
N ASN B 293 1.00 -22.31 10.08
CA ASN B 293 0.94 -22.57 11.51
C ASN B 293 2.30 -22.40 12.20
N ILE B 294 3.21 -21.67 11.57
CA ILE B 294 4.50 -21.33 12.17
C ILE B 294 4.63 -19.82 12.18
N TRP B 295 4.85 -19.25 13.36
CA TRP B 295 5.05 -17.82 13.53
C TRP B 295 6.49 -17.53 13.91
N ALA B 296 6.89 -16.28 13.71
CA ALA B 296 8.19 -15.79 14.16
C ALA B 296 7.99 -14.44 14.85
N MET B 297 8.62 -14.28 16.01
CA MET B 297 8.48 -13.06 16.80
C MET B 297 9.86 -12.63 17.29
N GLY B 298 10.05 -11.32 17.38
CA GLY B 298 11.26 -10.77 17.96
C GLY B 298 12.37 -10.56 16.95
N ASP B 299 13.59 -10.48 17.49
CA ASP B 299 14.77 -10.17 16.70
C ASP B 299 15.09 -11.24 15.66
N VAL B 300 14.47 -12.42 15.75
CA VAL B 300 14.65 -13.43 14.72
C VAL B 300 13.98 -13.06 13.41
N THR B 301 13.15 -12.01 13.41
CA THR B 301 12.46 -11.55 12.22
C THR B 301 13.29 -10.62 11.36
N GLY B 302 14.49 -10.24 11.83
CA GLY B 302 15.24 -9.22 11.13
C GLY B 302 14.73 -7.81 11.36
N GLY B 303 13.72 -7.65 12.21
CA GLY B 303 13.21 -6.34 12.54
C GLY B 303 14.09 -5.61 13.52
N LEU B 304 13.62 -4.43 13.93
CA LEU B 304 14.36 -3.62 14.89
C LEU B 304 14.54 -4.38 16.20
N GLN B 305 15.76 -4.38 16.72
CA GLN B 305 16.11 -5.19 17.89
C GLN B 305 15.79 -4.40 19.16
N PHE B 306 14.51 -4.35 19.49
CA PHE B 306 14.04 -3.74 20.73
C PHE B 306 13.12 -4.73 21.44
N THR B 307 13.01 -4.55 22.75
CA THR B 307 12.13 -5.41 23.53
C THR B 307 10.66 -5.06 23.31
N TYR B 308 10.36 -3.78 23.13
CA TYR B 308 8.98 -3.33 22.94
C TYR B 308 8.47 -3.62 21.53
N ILE B 309 9.36 -3.90 20.57
CA ILE B 309 8.89 -4.35 19.25
C ILE B 309 8.56 -5.83 19.29
N SER B 310 9.36 -6.62 20.03
CA SER B 310 8.99 -8.01 20.28
C SER B 310 7.70 -8.08 21.09
N LEU B 311 7.49 -7.15 22.01
CA LEU B 311 6.24 -7.11 22.76
C LEU B 311 5.06 -6.80 21.84
N ASP B 312 5.23 -5.85 20.91
CA ASP B 312 4.19 -5.59 19.93
C ASP B 312 3.95 -6.79 19.03
N ASP B 313 4.99 -7.60 18.80
CA ASP B 313 4.81 -8.82 18.03
C ASP B 313 3.85 -9.77 18.72
N TYR B 314 3.98 -9.90 20.05
CA TYR B 314 3.02 -10.68 20.81
C TYR B 314 1.61 -10.14 20.62
N ARG B 315 1.47 -8.81 20.57
CA ARG B 315 0.16 -8.21 20.39
C ARG B 315 -0.43 -8.58 19.03
N ILE B 316 0.39 -8.65 17.99
CA ILE B 316 -0.09 -9.04 16.67
C ILE B 316 -0.66 -10.46 16.73
N VAL B 317 0.14 -11.41 17.25
CA VAL B 317 -0.28 -12.81 17.23
C VAL B 317 -1.39 -13.06 18.24
N ARG B 318 -1.41 -12.32 19.36
CA ARG B 318 -2.51 -12.48 20.31
C ARG B 318 -3.81 -11.97 19.73
N ASP B 319 -3.74 -10.98 18.83
CA ASP B 319 -4.95 -10.47 18.17
C ASP B 319 -5.47 -11.44 17.11
N GLU B 320 -4.66 -12.38 16.66
CA GLU B 320 -5.10 -13.36 15.68
C GLU B 320 -5.63 -14.63 16.32
N LEU B 321 -4.96 -15.12 17.36
CA LEU B 321 -5.36 -16.38 17.99
C LEU B 321 -6.54 -16.21 18.94
N LEU B 322 -6.68 -15.05 19.56
CA LEU B 322 -7.68 -14.86 20.61
C LEU B 322 -8.78 -13.88 20.22
N GLY B 323 -8.85 -13.47 18.96
CA GLY B 323 -10.03 -12.80 18.44
C GLY B 323 -9.79 -11.33 18.14
N GLU B 324 -10.88 -10.70 17.69
CA GLU B 324 -10.91 -9.30 17.25
C GLU B 324 -10.15 -9.10 15.93
N GLY B 325 -10.28 -10.07 15.03
CA GLY B 325 -9.66 -9.93 13.73
C GLY B 325 -8.15 -9.89 13.78
N LYS B 326 -7.56 -8.72 13.55
CA LYS B 326 -6.15 -8.69 13.21
C LYS B 326 -5.55 -7.32 13.47
N ARG B 327 -4.51 -7.28 14.31
CA ARG B 327 -3.54 -6.20 14.31
C ARG B 327 -2.42 -6.56 13.35
N SER B 328 -1.57 -5.59 13.05
CA SER B 328 -0.53 -5.80 12.04
C SER B 328 0.70 -4.99 12.38
N THR B 329 1.84 -5.39 11.79
CA THR B 329 3.03 -4.56 11.88
C THR B 329 2.89 -3.30 11.04
N ASP B 330 1.95 -3.27 10.08
CA ASP B 330 1.61 -2.04 9.39
C ASP B 330 0.98 -1.00 10.31
N ASP B 331 0.64 -1.38 11.54
CA ASP B 331 0.12 -0.43 12.52
C ASP B 331 1.22 0.37 13.20
N ARG B 332 2.48 0.06 12.94
CA ARG B 332 3.59 0.71 13.64
C ARG B 332 3.94 2.03 12.98
N LYS B 333 4.04 3.09 13.79
CA LYS B 333 4.47 4.38 13.29
C LYS B 333 5.17 5.13 14.41
N ASN B 334 6.15 5.94 14.02
CA ASN B 334 6.96 6.75 14.94
C ASN B 334 7.49 5.90 16.10
N VAL B 335 8.25 4.87 15.73
CA VAL B 335 8.84 3.97 16.72
C VAL B 335 9.99 4.67 17.42
N PRO B 336 9.93 4.85 18.73
CA PRO B 336 11.00 5.55 19.46
C PRO B 336 12.11 4.60 19.90
N TYR B 337 13.27 5.20 20.16
CA TYR B 337 14.41 4.46 20.68
C TYR B 337 15.25 5.38 21.55
N SER B 338 16.12 4.79 22.36
CA SER B 338 16.95 5.54 23.29
C SER B 338 18.32 4.90 23.43
N VAL B 339 19.34 5.76 23.50
CA VAL B 339 20.72 5.34 23.70
C VAL B 339 21.09 5.69 25.14
N PHE B 340 21.33 4.66 25.96
CA PHE B 340 21.42 4.84 27.40
C PHE B 340 22.85 5.19 27.81
N MET B 341 23.25 6.39 27.42
CA MET B 341 24.49 6.99 27.92
C MET B 341 24.20 7.76 29.20
N THR B 342 25.01 8.78 29.44
CA THR B 342 24.77 9.77 30.49
C THR B 342 25.22 11.11 29.93
N PRO B 343 24.27 11.97 29.50
CA PRO B 343 22.82 11.75 29.53
C PRO B 343 22.31 10.94 28.34
N PRO B 344 21.22 10.19 28.53
CA PRO B 344 20.73 9.31 27.47
C PRO B 344 20.17 10.09 26.28
N LEU B 345 20.27 9.47 25.11
CA LEU B 345 19.82 10.04 23.85
C LEU B 345 18.56 9.30 23.39
N SER B 346 17.43 10.00 23.43
CA SER B 346 16.14 9.43 23.02
C SER B 346 15.66 10.12 21.74
N ARG B 347 14.96 9.35 20.90
CA ARG B 347 14.64 9.83 19.57
C ARG B 347 13.32 9.24 19.10
N VAL B 348 12.62 10.02 18.26
CA VAL B 348 11.43 9.56 17.56
C VAL B 348 11.29 10.43 16.32
N GLY B 349 10.70 9.85 15.27
CA GLY B 349 10.56 10.60 14.03
C GLY B 349 11.88 10.74 13.30
N MET B 350 11.86 11.59 12.28
CA MET B 350 13.03 11.76 11.43
C MET B 350 13.99 12.80 12.00
N THR B 351 15.26 12.66 11.60
CA THR B 351 16.28 13.61 11.96
C THR B 351 16.11 14.90 11.17
N GLU B 352 16.90 15.92 11.53
CA GLU B 352 16.91 17.13 10.73
C GLU B 352 17.47 16.87 9.34
N GLU B 353 18.42 15.94 9.22
CA GLU B 353 18.97 15.59 7.91
C GLU B 353 17.88 15.14 6.95
N GLN B 354 17.02 14.21 7.41
CA GLN B 354 15.94 13.73 6.55
C GLN B 354 14.88 14.80 6.33
N ALA B 355 14.59 15.60 7.36
CA ALA B 355 13.58 16.65 7.22
C ALA B 355 14.04 17.73 6.23
N ARG B 356 15.34 18.03 6.20
CA ARG B 356 15.85 18.96 5.20
C ARG B 356 15.62 18.43 3.80
N GLU B 357 16.00 17.18 3.56
CA GLU B 357 15.94 16.60 2.21
C GLU B 357 14.52 16.47 1.72
N SER B 358 13.55 16.36 2.63
CA SER B 358 12.16 16.12 2.24
C SER B 358 11.61 17.24 1.36
N GLY B 359 12.09 18.46 1.54
CA GLY B 359 11.56 19.60 0.84
C GLY B 359 10.38 20.27 1.51
N ALA B 360 9.94 19.76 2.66
CA ALA B 360 8.84 20.37 3.38
C ALA B 360 9.27 21.71 3.98
N ASP B 361 8.28 22.49 4.39
CA ASP B 361 8.52 23.78 5.05
C ASP B 361 8.67 23.50 6.54
N ILE B 362 9.90 23.37 7.00
CA ILE B 362 10.18 22.92 8.36
C ILE B 362 10.77 24.05 9.17
N GLN B 363 10.66 23.92 10.49
CA GLN B 363 11.26 24.83 11.45
C GLN B 363 11.92 23.99 12.54
N VAL B 364 13.22 24.19 12.74
CA VAL B 364 14.00 23.40 13.69
C VAL B 364 14.31 24.27 14.89
N VAL B 365 13.75 23.91 16.05
CA VAL B 365 13.96 24.63 17.29
C VAL B 365 15.01 23.88 18.12
N THR B 366 15.84 24.64 18.82
CA THR B 366 16.94 24.08 19.60
C THR B 366 16.94 24.70 20.99
N LEU B 367 17.04 23.85 22.01
CA LEU B 367 17.09 24.31 23.39
C LEU B 367 18.24 23.61 24.12
N PRO B 368 19.27 24.33 24.54
CA PRO B 368 20.33 23.70 25.33
C PRO B 368 19.77 23.22 26.67
N VAL B 369 20.32 22.10 27.13
CA VAL B 369 19.85 21.52 28.39
C VAL B 369 20.25 22.40 29.57
N ALA B 370 21.34 23.17 29.42
CA ALA B 370 21.74 24.12 30.45
C ALA B 370 20.62 25.10 30.81
N ALA B 371 19.60 25.21 29.96
CA ALA B 371 18.45 26.07 30.22
C ALA B 371 17.31 25.35 30.90
N ILE B 372 17.46 24.07 31.25
CA ILE B 372 16.42 23.29 31.91
C ILE B 372 16.76 23.24 33.40
N PRO B 373 16.04 23.96 34.26
CA PRO B 373 16.42 24.02 35.68
C PRO B 373 16.44 22.67 36.37
N ARG B 374 15.61 21.71 35.93
CA ARG B 374 15.62 20.40 36.56
C ARG B 374 16.90 19.63 36.26
N ALA B 375 17.52 19.88 35.09
CA ALA B 375 18.81 19.27 34.81
C ALA B 375 19.88 19.77 35.76
N ARG B 376 19.79 21.03 36.18
CA ARG B 376 20.70 21.54 37.21
C ARG B 376 20.38 20.95 38.58
N VAL B 377 19.09 20.68 38.83
CA VAL B 377 18.68 20.05 40.09
C VAL B 377 19.31 18.66 40.23
N MET B 378 19.66 18.02 39.12
CA MET B 378 20.21 16.67 39.13
C MET B 378 21.71 16.62 38.84
N ASN B 379 22.38 17.78 38.78
CA ASN B 379 23.83 17.86 38.55
C ASN B 379 24.23 17.18 37.24
N ASP B 380 23.49 17.47 36.15
CA ASP B 380 23.86 16.96 34.82
C ASP B 380 23.18 17.85 33.78
N THR B 381 23.76 19.02 33.56
CA THR B 381 23.26 19.97 32.58
C THR B 381 23.86 19.75 31.19
N ARG B 382 24.25 18.52 30.87
CA ARG B 382 24.79 18.20 29.56
C ARG B 382 23.66 17.80 28.61
N GLY B 383 23.93 17.94 27.32
CA GLY B 383 23.00 17.55 26.28
C GLY B 383 22.31 18.73 25.64
N VAL B 384 21.29 18.42 24.84
CA VAL B 384 20.57 19.42 24.08
C VAL B 384 19.21 18.85 23.70
N LEU B 385 18.26 19.74 23.44
CA LEU B 385 16.94 19.36 22.93
C LEU B 385 16.75 19.98 21.56
N LYS B 386 16.15 19.23 20.64
CA LYS B 386 15.82 19.77 19.33
C LYS B 386 14.69 18.93 18.74
N ALA B 387 13.78 19.61 18.05
CA ALA B 387 12.69 18.95 17.34
C ALA B 387 12.42 19.70 16.05
N ILE B 388 11.62 19.10 15.20
CA ILE B 388 11.36 19.62 13.86
C ILE B 388 9.85 19.80 13.70
N VAL B 389 9.44 21.01 13.36
CA VAL B 389 8.04 21.37 13.18
C VAL B 389 7.79 21.56 11.69
N ASP B 390 6.70 20.98 11.19
CA ASP B 390 6.27 21.19 9.81
C ASP B 390 5.29 22.36 9.79
N ASN B 391 5.60 23.36 8.96
CA ASN B 391 4.87 24.63 9.03
C ASN B 391 3.49 24.55 8.36
N LYS B 392 3.34 23.71 7.34
CA LYS B 392 2.05 23.64 6.65
C LYS B 392 0.99 22.98 7.53
N THR B 393 1.37 22.01 8.35
CA THR B 393 0.43 21.24 9.14
C THR B 393 0.50 21.50 10.64
N GLN B 394 1.54 22.22 11.11
CA GLN B 394 1.81 22.46 12.52
C GLN B 394 2.18 21.18 13.28
N ARG B 395 2.37 20.06 12.58
CA ARG B 395 2.73 18.82 13.21
C ARG B 395 4.24 18.75 13.45
N MET B 396 4.65 17.78 14.27
CA MET B 396 6.05 17.55 14.56
C MET B 396 6.53 16.32 13.79
N LEU B 397 7.68 16.45 13.13
CA LEU B 397 8.22 15.37 12.32
C LEU B 397 9.25 14.51 13.04
N GLY B 398 9.91 15.05 14.06
CA GLY B 398 10.89 14.29 14.79
C GLY B 398 11.42 15.10 15.96
N ALA B 399 12.11 14.39 16.85
CA ALA B 399 12.69 15.01 18.03
C ALA B 399 13.99 14.33 18.37
N SER B 400 14.90 15.07 19.00
CA SER B 400 16.18 14.57 19.49
C SER B 400 16.32 15.03 20.94
N LEU B 401 16.07 14.14 21.89
CA LEU B 401 16.08 14.48 23.30
C LEU B 401 17.35 13.88 23.92
N LEU B 402 18.39 14.70 24.02
CA LEU B 402 19.66 14.33 24.63
C LEU B 402 19.70 15.00 25.99
N CYS B 403 19.13 14.32 26.99
CA CYS B 403 19.00 14.89 28.32
C CYS B 403 18.92 13.76 29.33
N VAL B 404 19.03 14.13 30.61
CA VAL B 404 18.73 13.19 31.68
C VAL B 404 17.23 12.88 31.65
N ASP B 405 16.89 11.62 31.89
CA ASP B 405 15.51 11.14 31.83
C ASP B 405 14.90 11.32 30.44
N SER B 406 15.73 11.28 29.40
CA SER B 406 15.22 11.37 28.04
C SER B 406 14.36 10.16 27.68
N HIS B 407 14.64 9.01 28.28
CA HIS B 407 13.92 7.77 27.97
C HIS B 407 12.46 7.80 28.40
N GLU B 408 12.06 8.75 29.24
CA GLU B 408 10.68 8.86 29.69
C GLU B 408 9.88 9.89 28.91
N MET B 409 10.38 11.12 28.81
CA MET B 409 9.64 12.18 28.16
C MET B 409 9.57 11.99 26.65
N ILE B 410 10.41 11.14 26.07
CA ILE B 410 10.31 10.87 24.64
C ILE B 410 9.00 10.17 24.32
N ASN B 411 8.44 9.45 25.30
CA ASN B 411 7.12 8.86 25.12
C ASN B 411 6.02 9.92 25.09
N ILE B 412 6.26 11.10 25.67
CA ILE B 412 5.31 12.20 25.56
C ILE B 412 5.30 12.74 24.14
N VAL B 413 6.47 12.91 23.54
CA VAL B 413 6.55 13.42 22.17
C VAL B 413 5.93 12.43 21.19
N LYS B 414 6.20 11.14 21.39
CA LYS B 414 5.61 10.13 20.51
C LYS B 414 4.09 10.11 20.63
N MET B 415 3.57 10.50 21.80
CA MET B 415 2.12 10.47 22.02
C MET B 415 1.39 11.36 21.01
N VAL B 416 1.71 12.66 21.01
CA VAL B 416 0.97 13.59 20.16
C VAL B 416 1.33 13.42 18.69
N MET B 417 2.48 12.82 18.38
CA MET B 417 2.80 12.55 16.98
C MET B 417 1.94 11.43 16.42
N ASP B 418 1.67 10.40 17.24
CA ASP B 418 0.78 9.34 16.80
C ASP B 418 -0.65 9.85 16.66
N ALA B 419 -1.10 10.71 17.57
CA ALA B 419 -2.45 11.25 17.54
C ALA B 419 -2.61 12.41 16.56
N GLY B 420 -1.56 12.77 15.83
CA GLY B 420 -1.67 13.83 14.84
C GLY B 420 -1.93 15.21 15.40
N LEU B 421 -1.60 15.45 16.65
CA LEU B 421 -1.80 16.75 17.26
C LEU B 421 -0.64 17.68 16.92
N PRO B 422 -0.87 18.99 16.90
CA PRO B 422 0.20 19.93 16.55
C PRO B 422 1.19 20.12 17.70
N TYR B 423 2.26 20.86 17.39
CA TYR B 423 3.26 21.18 18.41
C TYR B 423 2.71 22.06 19.51
N SER B 424 1.60 22.76 19.25
CA SER B 424 1.02 23.65 20.25
C SER B 424 0.58 22.90 21.50
N ILE B 425 0.30 21.61 21.40
CA ILE B 425 -0.15 20.83 22.55
C ILE B 425 0.94 20.79 23.61
N LEU B 426 2.18 20.50 23.20
CA LEU B 426 3.28 20.42 24.14
C LEU B 426 3.81 21.81 24.53
N ARG B 427 3.55 22.83 23.73
CA ARG B 427 3.97 24.18 24.06
C ARG B 427 3.14 24.78 25.19
N ASP B 428 1.91 24.31 25.40
CA ASP B 428 0.99 24.91 26.35
C ASP B 428 0.54 23.98 27.46
N GLN B 429 1.03 22.74 27.51
CA GLN B 429 0.57 21.80 28.50
C GLN B 429 1.10 22.16 29.89
N ILE B 430 0.28 21.89 30.90
CA ILE B 430 0.63 22.17 32.29
C ILE B 430 1.36 20.94 32.83
N PHE B 431 2.69 20.99 32.77
CA PHE B 431 3.53 19.87 33.18
C PHE B 431 3.89 19.99 34.67
N THR B 432 4.34 18.87 35.23
CA THR B 432 4.83 18.85 36.60
C THR B 432 6.13 19.64 36.70
N HIS B 433 6.42 20.13 37.92
CA HIS B 433 7.54 21.01 38.15
C HIS B 433 8.11 20.77 39.53
N PRO B 434 9.44 20.65 39.67
CA PRO B 434 10.40 20.69 38.56
C PRO B 434 10.48 19.35 37.84
N SER B 435 10.53 19.39 36.51
CA SER B 435 10.58 18.19 35.70
C SER B 435 11.46 18.44 34.49
N MET B 436 11.79 17.36 33.79
CA MET B 436 12.44 17.45 32.49
C MET B 436 11.42 17.47 31.35
N SER B 437 10.24 16.88 31.58
CA SER B 437 9.19 16.92 30.57
C SER B 437 8.64 18.33 30.40
N GLU B 438 8.67 19.14 31.46
CA GLU B 438 8.17 20.50 31.38
C GLU B 438 8.97 21.37 30.43
N SER B 439 10.24 21.04 30.18
CA SER B 439 11.05 21.82 29.27
C SER B 439 10.48 21.82 27.85
N LEU B 440 9.60 20.87 27.54
CA LEU B 440 8.88 20.90 26.27
C LEU B 440 8.01 22.15 26.15
N ASN B 441 7.65 22.77 27.27
CA ASN B 441 7.01 24.09 27.23
C ASN B 441 7.97 25.11 26.65
N ASP B 442 9.22 25.11 27.12
CA ASP B 442 10.21 26.08 26.64
C ASP B 442 10.79 25.69 25.29
N LEU B 443 10.79 24.39 24.95
CA LEU B 443 11.40 23.95 23.71
C LEU B 443 10.58 24.38 22.50
N PHE B 444 9.26 24.22 22.56
CA PHE B 444 8.39 24.56 21.45
C PHE B 444 7.80 25.96 21.58
N SER B 445 8.24 26.73 22.58
CA SER B 445 7.98 28.16 22.56
C SER B 445 8.87 28.87 21.57
N LEU B 446 9.99 28.25 21.17
CA LEU B 446 10.93 28.81 20.22
C LEU B 446 10.44 28.69 18.78
N VAL B 447 9.19 28.31 18.56
CA VAL B 447 8.63 28.17 17.23
C VAL B 447 8.02 29.50 16.80
N LYS B 448 8.41 29.97 15.62
CA LYS B 448 7.91 31.25 15.10
C LYS B 448 6.51 31.08 14.50
N MET C 8 16.70 6.49 1.95
CA MET C 8 17.62 6.86 0.86
C MET C 8 17.64 8.37 0.68
N ASN C 9 17.83 8.81 -0.56
CA ASN C 9 17.76 10.22 -0.90
C ASN C 9 16.33 10.57 -1.34
N LYS C 10 16.16 11.73 -1.96
CA LYS C 10 14.85 12.13 -2.45
C LYS C 10 14.69 11.75 -3.91
N TYR C 11 13.47 11.35 -4.27
CA TYR C 11 13.15 11.00 -5.65
C TYR C 11 12.48 12.17 -6.35
N GLN C 12 12.57 12.16 -7.68
CA GLN C 12 11.88 13.18 -8.47
C GLN C 12 10.45 12.77 -8.76
N ALA C 13 10.15 11.47 -8.77
CA ALA C 13 8.81 10.97 -8.91
C ALA C 13 8.65 9.76 -8.01
N VAL C 14 7.56 9.72 -7.25
CA VAL C 14 7.25 8.62 -6.35
C VAL C 14 5.85 8.14 -6.67
N ILE C 15 5.73 6.91 -7.16
CA ILE C 15 4.45 6.29 -7.49
C ILE C 15 4.12 5.27 -6.41
N ILE C 16 2.88 5.31 -5.92
CA ILE C 16 2.40 4.35 -4.93
C ILE C 16 1.48 3.37 -5.65
N GLY C 17 1.92 2.12 -5.76
CA GLY C 17 1.10 1.10 -6.37
C GLY C 17 1.61 0.64 -7.73
N PHE C 18 1.67 -0.67 -7.92
CA PHE C 18 2.12 -1.26 -9.18
C PHE C 18 1.00 -1.36 -10.21
N GLY C 19 0.19 -0.31 -10.36
CA GLY C 19 -0.93 -0.35 -11.26
C GLY C 19 -0.56 -0.05 -12.70
N LYS C 20 -1.58 -0.01 -13.55
CA LYS C 20 -1.37 0.19 -14.98
C LYS C 20 -0.75 1.55 -15.27
N ALA C 21 -1.34 2.62 -14.74
CA ALA C 21 -0.82 3.96 -15.00
C ALA C 21 0.56 4.14 -14.37
N GLY C 22 0.71 3.71 -13.11
CA GLY C 22 1.94 3.96 -12.38
C GLY C 22 3.13 3.24 -12.99
N LYS C 23 2.97 1.94 -13.28
CA LYS C 23 4.06 1.18 -13.86
C LYS C 23 4.41 1.66 -15.26
N THR C 24 3.42 2.21 -15.99
CA THR C 24 3.71 2.79 -17.30
C THR C 24 4.46 4.11 -17.15
N LEU C 25 4.02 4.95 -16.20
CA LEU C 25 4.70 6.22 -15.97
C LEU C 25 6.09 6.01 -15.38
N ALA C 26 6.29 4.93 -14.62
CA ALA C 26 7.59 4.68 -14.02
C ALA C 26 8.65 4.38 -15.07
N VAL C 27 8.27 3.63 -16.12
CA VAL C 27 9.24 3.29 -17.16
C VAL C 27 9.59 4.51 -18.00
N THR C 28 8.57 5.24 -18.46
CA THR C 28 8.82 6.37 -19.36
C THR C 28 9.50 7.53 -18.65
N LEU C 29 9.26 7.69 -17.33
CA LEU C 29 9.95 8.74 -16.60
C LEU C 29 11.41 8.39 -16.37
N ALA C 30 11.68 7.13 -16.01
CA ALA C 30 13.07 6.70 -15.85
C ALA C 30 13.82 6.73 -17.17
N LYS C 31 13.14 6.38 -18.27
CA LYS C 31 13.75 6.50 -19.59
C LYS C 31 14.08 7.95 -19.93
N ALA C 32 13.40 8.91 -19.31
CA ALA C 32 13.69 10.32 -19.49
C ALA C 32 14.75 10.84 -18.54
N GLY C 33 15.34 9.97 -17.72
CA GLY C 33 16.41 10.36 -16.81
C GLY C 33 15.97 10.68 -15.40
N TRP C 34 14.70 10.52 -15.08
CA TRP C 34 14.22 10.81 -13.73
C TRP C 34 14.68 9.73 -12.74
N ARG C 35 14.76 10.12 -11.48
CA ARG C 35 14.99 9.18 -10.38
C ARG C 35 13.61 8.82 -9.81
N VAL C 36 13.21 7.56 -9.98
CA VAL C 36 11.84 7.14 -9.75
C VAL C 36 11.81 6.01 -8.73
N ALA C 37 10.82 6.06 -7.83
CA ALA C 37 10.55 4.99 -6.88
C ALA C 37 9.08 4.58 -7.00
N LEU C 38 8.83 3.28 -6.90
CA LEU C 38 7.47 2.76 -6.95
C LEU C 38 7.23 1.88 -5.73
N ILE C 39 6.28 2.29 -4.89
CA ILE C 39 5.94 1.54 -3.69
C ILE C 39 4.80 0.57 -4.02
N GLU C 40 4.99 -0.70 -3.68
CA GLU C 40 3.99 -1.73 -3.93
C GLU C 40 3.68 -2.46 -2.63
N GLN C 41 2.39 -2.54 -2.31
CA GLN C 41 1.94 -3.12 -1.05
C GLN C 41 2.26 -4.59 -0.95
N SER C 42 2.03 -5.35 -2.03
CA SER C 42 2.11 -6.80 -1.98
C SER C 42 2.96 -7.30 -3.14
N ASN C 43 3.91 -8.19 -2.84
CA ASN C 43 4.74 -8.79 -3.88
C ASN C 43 3.96 -9.78 -4.76
N ALA C 44 2.70 -10.05 -4.42
CA ALA C 44 1.82 -10.82 -5.28
C ALA C 44 1.05 -9.94 -6.25
N MET C 45 1.34 -8.64 -6.28
CA MET C 45 0.64 -7.69 -7.15
C MET C 45 1.61 -6.92 -8.04
N TYR C 46 2.77 -7.50 -8.32
CA TYR C 46 3.65 -6.94 -9.35
C TYR C 46 2.93 -7.02 -10.69
N GLY C 47 2.67 -5.86 -11.29
CA GLY C 47 1.85 -5.78 -12.48
C GLY C 47 0.46 -5.25 -12.23
N GLY C 48 0.02 -5.21 -10.97
CA GLY C 48 -1.24 -4.59 -10.63
C GLY C 48 -2.42 -5.53 -10.55
N THR C 49 -3.58 -4.93 -10.28
CA THR C 49 -4.82 -5.69 -10.25
C THR C 49 -5.08 -6.37 -11.58
N CYS C 50 -4.84 -5.66 -12.69
CA CYS C 50 -5.10 -6.20 -14.02
C CYS C 50 -4.37 -7.51 -14.25
N ILE C 51 -3.12 -7.61 -13.78
CA ILE C 51 -2.27 -8.75 -14.12
C ILE C 51 -2.47 -9.95 -13.20
N ASN C 52 -2.96 -9.74 -11.98
CA ASN C 52 -3.00 -10.79 -10.96
C ASN C 52 -4.41 -11.24 -10.59
N ILE C 53 -5.33 -10.30 -10.35
CA ILE C 53 -6.63 -10.66 -9.80
C ILE C 53 -7.76 -10.10 -10.65
N GLY C 54 -7.41 -9.52 -11.80
CA GLY C 54 -8.40 -8.88 -12.63
C GLY C 54 -8.63 -9.52 -13.99
N CYS C 55 -8.20 -8.83 -15.05
CA CYS C 55 -8.57 -9.24 -16.40
C CYS C 55 -7.92 -10.56 -16.78
N ILE C 56 -6.60 -10.66 -16.64
CA ILE C 56 -5.83 -11.81 -17.11
C ILE C 56 -6.36 -13.11 -16.50
N PRO C 57 -6.43 -13.26 -15.17
CA PRO C 57 -6.87 -14.56 -14.63
C PRO C 57 -8.34 -14.84 -14.89
N THR C 58 -9.18 -13.81 -15.02
CA THR C 58 -10.59 -14.03 -15.30
C THR C 58 -10.81 -14.43 -16.76
N LYS C 59 -10.00 -13.91 -17.68
CA LYS C 59 -10.19 -14.17 -19.10
C LYS C 59 -9.44 -15.41 -19.57
N THR C 60 -8.36 -15.78 -18.89
CA THR C 60 -7.79 -17.11 -19.12
C THR C 60 -8.77 -18.20 -18.74
N LEU C 61 -9.59 -17.96 -17.73
CA LEU C 61 -10.58 -18.95 -17.30
C LEU C 61 -11.72 -19.06 -18.31
N VAL C 62 -12.28 -17.92 -18.72
CA VAL C 62 -13.38 -17.92 -19.68
C VAL C 62 -12.95 -18.59 -20.98
N HIS C 63 -11.70 -18.39 -21.38
CA HIS C 63 -11.21 -18.99 -22.63
C HIS C 63 -11.09 -20.50 -22.50
N ASP C 64 -10.62 -20.99 -21.35
CA ASP C 64 -10.55 -22.43 -21.14
C ASP C 64 -11.94 -23.01 -20.87
N ALA C 65 -12.79 -22.26 -20.17
CA ALA C 65 -14.16 -22.72 -19.93
C ALA C 65 -14.95 -22.75 -21.23
N GLN C 66 -14.65 -21.85 -22.17
CA GLN C 66 -15.30 -21.90 -23.48
C GLN C 66 -15.06 -23.22 -24.18
N GLN C 67 -13.92 -23.86 -23.91
CA GLN C 67 -13.58 -25.16 -24.47
C GLN C 67 -14.00 -26.31 -23.55
N HIS C 68 -14.74 -26.02 -22.48
CA HIS C 68 -15.21 -27.03 -21.54
C HIS C 68 -14.04 -27.82 -20.95
N THR C 69 -12.95 -27.11 -20.67
CA THR C 69 -11.78 -27.70 -20.03
C THR C 69 -12.08 -28.03 -18.57
N ASP C 70 -11.33 -28.99 -18.03
CA ASP C 70 -11.41 -29.28 -16.60
C ASP C 70 -11.05 -28.04 -15.80
N PHE C 71 -11.78 -27.83 -14.70
CA PHE C 71 -11.59 -26.62 -13.88
C PHE C 71 -10.19 -26.55 -13.31
N VAL C 72 -9.74 -27.65 -12.68
CA VAL C 72 -8.43 -27.65 -12.04
C VAL C 72 -7.32 -27.50 -13.07
N ARG C 73 -7.50 -28.07 -14.27
CA ARG C 73 -6.53 -27.85 -15.33
C ARG C 73 -6.49 -26.40 -15.76
N ALA C 74 -7.66 -25.74 -15.78
CA ALA C 74 -7.72 -24.34 -16.18
C ALA C 74 -7.16 -23.43 -15.09
N ILE C 75 -7.49 -23.71 -13.82
CA ILE C 75 -6.96 -22.91 -12.72
C ILE C 75 -5.45 -23.04 -12.65
N GLN C 76 -4.93 -24.23 -12.96
CA GLN C 76 -3.48 -24.42 -12.99
C GLN C 76 -2.84 -23.58 -14.08
N ARG C 77 -3.43 -23.58 -15.28
CA ARG C 77 -2.94 -22.73 -16.36
C ARG C 77 -3.14 -21.25 -16.03
N LYS C 78 -4.16 -20.93 -15.23
CA LYS C 78 -4.35 -19.55 -14.80
C LYS C 78 -3.16 -19.05 -13.98
N ASN C 79 -2.65 -19.87 -13.08
CA ASN C 79 -1.53 -19.48 -12.25
C ASN C 79 -0.23 -19.41 -13.04
N GLU C 80 -0.14 -20.10 -14.18
CA GLU C 80 1.06 -20.04 -15.00
C GLU C 80 1.13 -18.75 -15.81
N VAL C 81 -0.02 -18.25 -16.28
CA VAL C 81 -0.03 -17.00 -17.02
C VAL C 81 0.18 -15.83 -16.06
N VAL C 82 -0.36 -15.93 -14.84
CA VAL C 82 -0.20 -14.84 -13.88
C VAL C 82 1.22 -14.80 -13.32
N ASN C 83 1.79 -15.98 -13.02
CA ASN C 83 3.16 -16.01 -12.51
C ASN C 83 4.15 -15.51 -13.54
N PHE C 84 3.88 -15.74 -14.83
CA PHE C 84 4.76 -15.23 -15.88
C PHE C 84 4.60 -13.73 -16.04
N LEU C 85 3.36 -13.23 -16.02
CA LEU C 85 3.12 -11.80 -16.24
C LEU C 85 3.53 -10.97 -15.04
N ARG C 86 3.28 -11.48 -13.82
CA ARG C 86 3.73 -10.78 -12.62
C ARG C 86 5.25 -10.71 -12.57
N ASN C 87 5.92 -11.78 -13.00
CA ASN C 87 7.38 -11.76 -13.05
C ASN C 87 7.89 -10.83 -14.13
N LYS C 88 7.23 -10.82 -15.29
CA LYS C 88 7.67 -9.95 -16.39
C LYS C 88 7.56 -8.48 -16.01
N ASN C 89 6.47 -8.09 -15.34
CA ASN C 89 6.26 -6.68 -15.02
C ASN C 89 7.24 -6.20 -13.95
N PHE C 90 7.57 -7.07 -12.98
CA PHE C 90 8.51 -6.67 -11.95
C PHE C 90 9.88 -6.36 -12.54
N HIS C 91 10.36 -7.20 -13.45
CA HIS C 91 11.69 -7.01 -14.03
C HIS C 91 11.71 -5.87 -15.03
N ASN C 92 10.58 -5.55 -15.66
CA ASN C 92 10.53 -4.39 -16.55
C ASN C 92 10.90 -3.11 -15.81
N LEU C 93 10.57 -3.04 -14.51
CA LEU C 93 10.88 -1.88 -13.68
C LEU C 93 12.13 -2.06 -12.83
N ALA C 94 12.33 -3.25 -12.26
CA ALA C 94 13.45 -3.46 -11.35
C ALA C 94 14.78 -3.49 -12.08
N ASP C 95 14.79 -3.89 -13.34
CA ASP C 95 16.04 -3.94 -14.10
C ASP C 95 16.49 -2.57 -14.58
N MET C 96 15.63 -1.56 -14.50
CA MET C 96 16.06 -0.21 -14.85
C MET C 96 16.93 0.36 -13.73
N PRO C 97 18.05 0.99 -14.04
CA PRO C 97 18.89 1.55 -12.98
C PRO C 97 18.23 2.72 -12.25
N ASN C 98 17.36 3.47 -12.91
CA ASN C 98 16.76 4.67 -12.34
C ASN C 98 15.47 4.40 -11.58
N ILE C 99 15.12 3.13 -11.34
CA ILE C 99 13.87 2.77 -10.70
C ILE C 99 14.16 1.95 -9.45
N ASP C 100 13.58 2.36 -8.32
CA ASP C 100 13.61 1.60 -7.09
C ASP C 100 12.20 1.05 -6.84
N VAL C 101 12.07 -0.27 -6.82
CA VAL C 101 10.79 -0.93 -6.57
C VAL C 101 10.79 -1.34 -5.11
N ILE C 102 10.15 -0.54 -4.27
CA ILE C 102 10.18 -0.70 -2.82
C ILE C 102 8.92 -1.44 -2.37
N ASP C 103 9.09 -2.50 -1.59
CA ASP C 103 7.99 -3.31 -1.10
C ASP C 103 7.49 -2.77 0.22
N GLY C 104 6.18 -2.62 0.35
CA GLY C 104 5.57 -2.17 1.58
C GLY C 104 4.37 -1.31 1.32
N GLN C 105 3.59 -1.08 2.38
CA GLN C 105 2.42 -0.21 2.32
C GLN C 105 2.82 1.22 2.60
N ALA C 106 2.26 2.14 1.83
CA ALA C 106 2.58 3.56 1.93
C ALA C 106 1.45 4.31 2.62
N GLU C 107 1.83 5.26 3.46
CA GLU C 107 0.90 6.12 4.17
C GLU C 107 1.52 7.51 4.28
N PHE C 108 0.69 8.54 4.09
CA PHE C 108 1.20 9.90 3.96
C PHE C 108 1.61 10.48 5.30
N ILE C 109 2.85 10.95 5.38
CA ILE C 109 3.29 11.78 6.49
C ILE C 109 3.09 13.26 6.19
N ASN C 110 3.64 13.71 5.06
CA ASN C 110 3.50 15.08 4.60
C ASN C 110 2.94 15.08 3.18
N ASN C 111 2.94 16.24 2.53
CA ASN C 111 2.78 16.27 1.09
C ASN C 111 4.11 16.06 0.36
N HIS C 112 5.17 15.71 1.11
CA HIS C 112 6.50 15.37 0.60
C HIS C 112 6.97 14.00 1.06
N SER C 113 6.68 13.61 2.29
CA SER C 113 7.20 12.37 2.85
C SER C 113 6.08 11.35 3.06
N LEU C 114 6.41 10.08 2.84
CA LEU C 114 5.50 8.97 3.01
C LEU C 114 6.15 7.97 3.96
N ARG C 115 5.32 7.33 4.78
CA ARG C 115 5.79 6.22 5.60
C ARG C 115 5.53 4.91 4.88
N VAL C 116 6.60 4.20 4.55
CA VAL C 116 6.51 2.92 3.85
C VAL C 116 6.64 1.82 4.89
N HIS C 117 5.57 1.06 5.07
CA HIS C 117 5.47 0.08 6.14
C HIS C 117 6.00 -1.28 5.66
N ARG C 118 7.08 -1.73 6.27
CA ARG C 118 7.64 -3.06 6.09
C ARG C 118 7.80 -3.73 7.46
N PRO C 119 7.69 -5.05 7.53
CA PRO C 119 7.71 -5.71 8.85
C PRO C 119 9.02 -5.54 9.61
N GLU C 120 10.15 -5.40 8.93
CA GLU C 120 11.43 -5.26 9.63
C GLU C 120 11.66 -3.86 10.14
N GLY C 121 10.99 -2.86 9.57
CA GLY C 121 11.19 -1.49 9.96
C GLY C 121 10.70 -0.54 8.88
N ASN C 122 10.09 0.57 9.29
CA ASN C 122 9.45 1.44 8.31
C ASN C 122 10.48 2.33 7.62
N LEU C 123 10.06 2.91 6.50
CA LEU C 123 10.92 3.76 5.68
C LEU C 123 10.21 5.08 5.39
N GLU C 124 10.98 6.16 5.34
CA GLU C 124 10.47 7.48 5.02
C GLU C 124 11.01 7.87 3.65
N ILE C 125 10.13 7.89 2.65
CA ILE C 125 10.49 8.17 1.27
C ILE C 125 10.00 9.57 0.91
N HIS C 126 10.90 10.38 0.33
CA HIS C 126 10.58 11.73 -0.09
C HIS C 126 10.56 11.81 -1.61
N GLY C 127 9.68 12.68 -2.12
CA GLY C 127 9.57 12.87 -3.57
C GLY C 127 9.06 14.24 -3.96
N GLU C 128 9.69 14.84 -4.98
CA GLU C 128 9.23 16.14 -5.46
C GLU C 128 7.81 16.05 -6.02
N LYS C 129 7.51 14.98 -6.74
CA LYS C 129 6.18 14.72 -7.26
C LYS C 129 5.73 13.33 -6.83
N ILE C 130 4.48 13.22 -6.42
CA ILE C 130 3.91 11.96 -5.95
C ILE C 130 2.71 11.61 -6.82
N PHE C 131 2.60 10.33 -7.18
CA PHE C 131 1.57 9.86 -8.11
C PHE C 131 0.82 8.70 -7.47
N ILE C 132 -0.38 8.99 -6.95
CA ILE C 132 -1.19 7.97 -6.30
C ILE C 132 -1.75 7.01 -7.33
N ASN C 133 -1.63 5.72 -7.06
CA ASN C 133 -2.09 4.69 -7.99
C ASN C 133 -2.50 3.45 -7.21
N THR C 134 -3.27 3.63 -6.14
CA THR C 134 -3.53 2.53 -5.21
C THR C 134 -4.71 1.66 -5.62
N GLY C 135 -5.33 1.90 -6.78
CA GLY C 135 -6.37 1.01 -7.23
C GLY C 135 -7.63 1.08 -6.38
N ALA C 136 -8.36 -0.04 -6.36
CA ALA C 136 -9.65 -0.11 -5.68
C ALA C 136 -9.72 -1.39 -4.86
N GLN C 137 -10.74 -1.46 -4.00
CA GLN C 137 -11.02 -2.61 -3.17
C GLN C 137 -12.49 -2.99 -3.29
N THR C 138 -12.78 -4.28 -3.13
CA THR C 138 -14.14 -4.76 -3.32
C THR C 138 -15.05 -4.28 -2.19
N VAL C 139 -16.24 -3.81 -2.57
CA VAL C 139 -17.22 -3.32 -1.60
C VAL C 139 -17.89 -4.51 -0.93
N VAL C 140 -18.06 -4.43 0.38
CA VAL C 140 -18.69 -5.48 1.18
C VAL C 140 -19.96 -4.92 1.79
N PRO C 141 -21.13 -5.24 1.24
CA PRO C 141 -22.38 -4.62 1.69
C PRO C 141 -22.72 -5.01 3.12
N PRO C 142 -23.51 -4.19 3.83
CA PRO C 142 -23.80 -4.43 5.26
C PRO C 142 -24.84 -5.52 5.49
N ILE C 143 -24.48 -6.74 5.15
CA ILE C 143 -25.32 -7.92 5.35
C ILE C 143 -24.75 -8.72 6.51
N PRO C 144 -25.53 -9.01 7.55
CA PRO C 144 -25.00 -9.79 8.67
C PRO C 144 -24.50 -11.16 8.24
N GLY C 145 -23.30 -11.51 8.70
CA GLY C 145 -22.73 -12.83 8.46
C GLY C 145 -21.84 -12.95 7.25
N ILE C 146 -21.55 -11.84 6.55
CA ILE C 146 -20.77 -11.92 5.31
C ILE C 146 -19.34 -12.32 5.59
N THR C 147 -18.74 -11.75 6.64
CA THR C 147 -17.33 -11.96 6.93
C THR C 147 -17.06 -13.22 7.74
N THR C 148 -18.06 -13.79 8.39
CA THR C 148 -17.86 -14.85 9.36
C THR C 148 -18.29 -16.23 8.89
N THR C 149 -18.82 -16.37 7.68
CA THR C 149 -19.21 -17.68 7.19
C THR C 149 -18.25 -18.14 6.10
N PRO C 150 -17.74 -19.37 6.19
CA PRO C 150 -16.81 -19.85 5.16
C PRO C 150 -17.53 -20.15 3.85
N GLY C 151 -16.75 -20.22 2.79
CA GLY C 151 -17.29 -20.43 1.47
C GLY C 151 -17.80 -19.18 0.78
N VAL C 152 -17.64 -18.01 1.39
CA VAL C 152 -18.04 -16.74 0.80
C VAL C 152 -16.78 -16.01 0.36
N TYR C 153 -16.71 -15.69 -0.94
CA TYR C 153 -15.51 -15.14 -1.54
C TYR C 153 -15.83 -13.84 -2.25
N ASP C 154 -14.79 -13.08 -2.55
CA ASP C 154 -14.81 -12.00 -3.53
C ASP C 154 -14.17 -12.55 -4.82
N SER C 155 -13.97 -11.66 -5.81
CA SER C 155 -13.41 -12.09 -7.09
C SER C 155 -12.01 -12.66 -6.92
N THR C 156 -11.21 -12.07 -6.04
CA THR C 156 -9.86 -12.56 -5.82
C THR C 156 -9.85 -13.97 -5.22
N GLY C 157 -10.68 -14.20 -4.19
CA GLY C 157 -10.66 -15.51 -3.55
C GLY C 157 -11.39 -16.60 -4.33
N LEU C 158 -12.27 -16.22 -5.26
CA LEU C 158 -12.97 -17.22 -6.07
C LEU C 158 -12.06 -17.80 -7.13
N LEU C 159 -11.11 -17.02 -7.65
CA LEU C 159 -10.17 -17.53 -8.64
C LEU C 159 -9.11 -18.44 -8.04
N ASN C 160 -9.08 -18.60 -6.71
CA ASN C 160 -8.18 -19.53 -6.06
C ASN C 160 -8.93 -20.72 -5.47
N LEU C 161 -10.10 -21.01 -6.04
CA LEU C 161 -10.83 -22.22 -5.67
C LEU C 161 -10.06 -23.45 -6.13
N LYS C 162 -10.04 -24.47 -5.28
CA LYS C 162 -9.34 -25.72 -5.59
C LYS C 162 -10.26 -26.78 -6.16
N GLU C 163 -11.58 -26.60 -6.03
CA GLU C 163 -12.56 -27.49 -6.65
C GLU C 163 -13.71 -26.65 -7.16
N LEU C 164 -14.23 -27.00 -8.32
CA LEU C 164 -15.36 -26.26 -8.88
C LEU C 164 -16.61 -26.53 -8.05
N PRO C 165 -17.29 -25.51 -7.55
CA PRO C 165 -18.50 -25.75 -6.76
C PRO C 165 -19.67 -26.17 -7.65
N GLY C 166 -20.55 -26.98 -7.08
CA GLY C 166 -21.70 -27.45 -7.84
C GLY C 166 -22.75 -26.40 -8.09
N HIS C 167 -22.94 -25.49 -7.13
CA HIS C 167 -23.91 -24.40 -7.23
C HIS C 167 -23.24 -23.12 -6.76
N LEU C 168 -23.01 -22.20 -7.68
CA LEU C 168 -22.36 -20.93 -7.37
C LEU C 168 -23.41 -19.84 -7.19
N GLY C 169 -23.16 -18.97 -6.20
CA GLY C 169 -24.04 -17.84 -5.97
C GLY C 169 -23.33 -16.51 -6.16
N ILE C 170 -23.89 -15.63 -6.96
CA ILE C 170 -23.33 -14.31 -7.22
C ILE C 170 -24.19 -13.27 -6.51
N LEU C 171 -23.60 -12.58 -5.55
CA LEU C 171 -24.27 -11.48 -4.87
C LEU C 171 -23.96 -10.20 -5.63
N GLY C 172 -24.77 -9.90 -6.64
CA GLY C 172 -24.57 -8.74 -7.47
C GLY C 172 -24.73 -9.03 -8.94
N GLY C 173 -25.73 -8.40 -9.57
CA GLY C 173 -25.96 -8.58 -10.99
C GLY C 173 -25.11 -7.66 -11.84
N GLY C 174 -23.99 -7.21 -11.28
CA GLY C 174 -23.09 -6.33 -11.99
C GLY C 174 -22.40 -7.03 -13.15
N TYR C 175 -21.40 -6.34 -13.69
CA TYR C 175 -20.73 -6.82 -14.90
C TYR C 175 -19.71 -7.91 -14.58
N ILE C 176 -18.99 -7.78 -13.47
CA ILE C 176 -18.04 -8.83 -13.08
C ILE C 176 -18.79 -10.08 -12.64
N GLY C 177 -20.00 -9.92 -12.10
CA GLY C 177 -20.79 -11.08 -11.73
C GLY C 177 -21.36 -11.81 -12.94
N VAL C 178 -21.74 -11.06 -13.97
CA VAL C 178 -22.24 -11.69 -15.19
C VAL C 178 -21.12 -12.44 -15.90
N GLU C 179 -19.90 -11.92 -15.85
CA GLU C 179 -18.75 -12.64 -16.40
C GLU C 179 -18.55 -13.97 -15.70
N PHE C 180 -18.59 -13.96 -14.37
CA PHE C 180 -18.38 -15.20 -13.60
C PHE C 180 -19.54 -16.17 -13.80
N ALA C 181 -20.77 -15.65 -13.86
CA ALA C 181 -21.93 -16.51 -14.08
C ALA C 181 -21.81 -17.26 -15.41
N SER C 182 -21.30 -16.59 -16.45
CA SER C 182 -21.09 -17.26 -17.72
C SER C 182 -19.89 -18.20 -17.65
N MET C 183 -18.82 -17.77 -16.98
CA MET C 183 -17.59 -18.57 -16.95
C MET C 183 -17.78 -19.85 -16.17
N PHE C 184 -18.45 -19.78 -15.01
CA PHE C 184 -18.64 -20.98 -14.20
C PHE C 184 -19.76 -21.87 -14.74
N ALA C 185 -20.70 -21.32 -15.50
CA ALA C 185 -21.69 -22.17 -16.17
C ALA C 185 -21.03 -23.05 -17.21
N ASN C 186 -20.04 -22.51 -17.93
CA ASN C 186 -19.30 -23.31 -18.91
C ASN C 186 -18.48 -24.39 -18.21
N PHE C 187 -17.94 -24.09 -17.03
CA PHE C 187 -17.18 -25.08 -16.29
C PHE C 187 -18.05 -26.24 -15.81
N GLY C 188 -19.36 -26.04 -15.71
CA GLY C 188 -20.27 -27.12 -15.38
C GLY C 188 -21.24 -26.83 -14.26
N SER C 189 -21.06 -25.71 -13.57
CA SER C 189 -21.82 -25.42 -12.36
C SER C 189 -23.13 -24.70 -12.66
N LYS C 190 -24.02 -24.74 -11.67
CA LYS C 190 -25.23 -23.94 -11.65
C LYS C 190 -24.94 -22.62 -10.97
N VAL C 191 -25.46 -21.53 -11.54
CA VAL C 191 -25.21 -20.19 -11.03
C VAL C 191 -26.55 -19.51 -10.77
N THR C 192 -26.64 -18.84 -9.61
CA THR C 192 -27.81 -18.07 -9.24
C THR C 192 -27.40 -16.62 -9.04
N ILE C 193 -27.76 -15.76 -10.00
CA ILE C 193 -27.42 -14.34 -9.93
C ILE C 193 -28.43 -13.65 -9.02
N LEU C 194 -27.94 -12.97 -7.99
CA LEU C 194 -28.78 -12.23 -7.04
C LEU C 194 -28.68 -10.75 -7.37
N GLU C 195 -29.71 -10.21 -8.02
CA GLU C 195 -29.75 -8.81 -8.42
C GLU C 195 -30.78 -8.08 -7.58
N ALA C 196 -30.36 -6.98 -6.96
CA ALA C 196 -31.29 -6.18 -6.16
C ALA C 196 -32.19 -5.31 -7.03
N ALA C 197 -31.76 -4.99 -8.24
CA ALA C 197 -32.55 -4.15 -9.12
C ALA C 197 -33.77 -4.91 -9.63
N SER C 198 -34.68 -4.18 -10.26
CA SER C 198 -35.89 -4.75 -10.84
C SER C 198 -35.68 -5.27 -12.26
N LEU C 199 -34.56 -4.90 -12.89
CA LEU C 199 -34.25 -5.35 -14.25
C LEU C 199 -32.83 -5.88 -14.30
N PHE C 200 -32.64 -6.94 -15.06
CA PHE C 200 -31.31 -7.53 -15.25
C PHE C 200 -30.50 -6.65 -16.20
N LEU C 201 -29.31 -6.24 -15.76
CA LEU C 201 -28.46 -5.29 -16.48
C LEU C 201 -29.24 -4.03 -16.79
N PRO C 202 -29.56 -3.20 -15.78
CA PRO C 202 -30.45 -2.06 -16.01
C PRO C 202 -29.86 -0.92 -16.83
N ARG C 203 -28.55 -0.90 -17.03
CA ARG C 203 -27.93 0.15 -17.82
C ARG C 203 -27.87 -0.18 -19.31
N GLU C 204 -28.35 -1.35 -19.71
CA GLU C 204 -28.38 -1.76 -21.10
C GLU C 204 -29.81 -1.68 -21.65
N ASP C 205 -29.93 -1.82 -22.96
CA ASP C 205 -31.23 -1.93 -23.58
C ASP C 205 -31.94 -3.19 -23.11
N ARG C 206 -33.26 -3.22 -23.28
CA ARG C 206 -34.01 -4.37 -22.78
C ARG C 206 -33.87 -5.58 -23.71
N ASP C 207 -33.80 -5.36 -25.02
CA ASP C 207 -33.72 -6.50 -25.93
C ASP C 207 -32.34 -7.13 -25.92
N ILE C 208 -31.30 -6.38 -25.58
CA ILE C 208 -29.99 -6.98 -25.40
C ILE C 208 -29.91 -7.67 -24.04
N ALA C 209 -30.47 -7.03 -23.00
CA ALA C 209 -30.48 -7.64 -21.67
C ALA C 209 -31.31 -8.93 -21.66
N ASP C 210 -32.41 -8.96 -22.41
CA ASP C 210 -33.19 -10.19 -22.53
C ASP C 210 -32.42 -11.24 -23.32
N ASN C 211 -31.68 -10.81 -24.34
CA ASN C 211 -30.84 -11.74 -25.09
C ASN C 211 -29.79 -12.38 -24.20
N ILE C 212 -29.16 -11.57 -23.33
CA ILE C 212 -28.13 -12.10 -22.44
C ILE C 212 -28.74 -13.04 -21.41
N ALA C 213 -29.93 -12.69 -20.90
CA ALA C 213 -30.58 -13.54 -19.91
C ALA C 213 -30.89 -14.92 -20.49
N THR C 214 -31.54 -14.96 -21.65
CA THR C 214 -31.86 -16.25 -22.28
C THR C 214 -30.59 -17.04 -22.56
N ILE C 215 -29.52 -16.37 -22.98
CA ILE C 215 -28.26 -17.06 -23.25
C ILE C 215 -27.73 -17.70 -21.97
N LEU C 216 -27.71 -16.94 -20.86
CA LEU C 216 -27.19 -17.47 -19.61
C LEU C 216 -28.11 -18.55 -19.04
N ARG C 217 -29.43 -18.37 -19.15
CA ARG C 217 -30.36 -19.35 -18.61
C ARG C 217 -30.26 -20.68 -19.35
N ASP C 218 -29.92 -20.65 -20.64
CA ASP C 218 -29.84 -21.88 -21.41
C ASP C 218 -28.64 -22.74 -21.03
N GLN C 219 -27.63 -22.16 -20.38
CA GLN C 219 -26.50 -22.91 -19.86
C GLN C 219 -26.62 -23.19 -18.37
N GLY C 220 -27.75 -22.87 -17.76
CA GLY C 220 -28.04 -23.26 -16.40
C GLY C 220 -27.94 -22.16 -15.36
N VAL C 221 -28.15 -20.91 -15.75
CA VAL C 221 -28.00 -19.76 -14.85
C VAL C 221 -29.37 -19.18 -14.57
N ASP C 222 -29.72 -19.08 -13.29
CA ASP C 222 -30.96 -18.45 -12.87
C ASP C 222 -30.69 -17.04 -12.37
N ILE C 223 -31.66 -16.14 -12.59
CA ILE C 223 -31.55 -14.75 -12.20
C ILE C 223 -32.72 -14.43 -11.27
N ILE C 224 -32.40 -14.09 -10.03
CA ILE C 224 -33.38 -13.57 -9.08
C ILE C 224 -33.28 -12.06 -9.09
N LEU C 225 -34.39 -11.38 -9.35
CA LEU C 225 -34.48 -9.94 -9.27
C LEU C 225 -35.29 -9.55 -8.05
N ASN C 226 -35.12 -8.29 -7.62
CA ASN C 226 -35.73 -7.78 -6.39
C ASN C 226 -35.30 -8.61 -5.18
N ALA C 227 -33.98 -8.71 -5.00
CA ALA C 227 -33.39 -9.54 -3.96
C ALA C 227 -32.85 -8.66 -2.84
N HIS C 228 -33.34 -8.90 -1.62
CA HIS C 228 -32.89 -8.20 -0.42
C HIS C 228 -32.38 -9.27 0.55
N VAL C 229 -31.07 -9.52 0.50
CA VAL C 229 -30.47 -10.55 1.34
C VAL C 229 -30.46 -10.10 2.79
N GLU C 230 -30.85 -11.00 3.69
CA GLU C 230 -30.92 -10.70 5.12
C GLU C 230 -29.70 -11.19 5.88
N ARG C 231 -29.51 -12.51 5.96
CA ARG C 231 -28.41 -13.12 6.69
C ARG C 231 -27.68 -14.11 5.78
N ILE C 232 -26.47 -14.48 6.19
CA ILE C 232 -25.71 -15.54 5.51
C ILE C 232 -25.23 -16.53 6.56
N SER C 233 -25.45 -17.82 6.30
CA SER C 233 -25.19 -18.88 7.27
C SER C 233 -24.36 -19.97 6.60
N HIS C 234 -23.88 -20.90 7.42
CA HIS C 234 -23.31 -22.15 6.94
C HIS C 234 -24.04 -23.29 7.64
N HIS C 235 -24.76 -24.10 6.88
CA HIS C 235 -25.59 -25.17 7.43
C HIS C 235 -25.37 -26.42 6.58
N GLU C 236 -24.77 -27.45 7.18
CA GLU C 236 -24.50 -28.72 6.50
C GLU C 236 -23.58 -28.53 5.29
N ASN C 237 -22.50 -27.78 5.50
CA ASN C 237 -21.45 -27.57 4.50
C ASN C 237 -22.01 -26.89 3.24
N GLN C 238 -22.92 -25.95 3.44
CA GLN C 238 -23.50 -25.19 2.33
C GLN C 238 -23.79 -23.77 2.81
N VAL C 239 -23.54 -22.80 1.95
CA VAL C 239 -23.81 -21.40 2.26
C VAL C 239 -25.29 -21.13 2.09
N GLN C 240 -25.90 -20.51 3.10
CA GLN C 240 -27.33 -20.22 3.10
C GLN C 240 -27.55 -18.71 3.01
N VAL C 241 -28.19 -18.28 1.94
CA VAL C 241 -28.51 -16.87 1.70
C VAL C 241 -29.99 -16.68 2.02
N HIS C 242 -30.27 -15.77 2.95
CA HIS C 242 -31.60 -15.66 3.56
C HIS C 242 -32.34 -14.42 3.07
N SER C 243 -33.66 -14.56 2.99
CA SER C 243 -34.53 -13.47 2.56
C SER C 243 -35.68 -13.36 3.56
N GLU C 244 -36.77 -12.70 3.15
CA GLU C 244 -37.93 -12.56 4.02
C GLU C 244 -38.58 -13.92 4.30
N HIS C 245 -38.92 -14.65 3.24
CA HIS C 245 -39.58 -15.94 3.38
C HIS C 245 -38.80 -17.09 2.73
N ALA C 246 -37.70 -16.80 2.05
CA ALA C 246 -37.00 -17.82 1.27
C ALA C 246 -35.64 -18.11 1.88
N GLN C 247 -34.99 -19.14 1.33
CA GLN C 247 -33.63 -19.51 1.69
C GLN C 247 -32.99 -20.21 0.50
N LEU C 248 -31.82 -19.72 0.09
CA LEU C 248 -31.10 -20.23 -1.07
C LEU C 248 -29.88 -21.01 -0.60
N ALA C 249 -29.84 -22.30 -0.92
CA ALA C 249 -28.69 -23.14 -0.61
C ALA C 249 -27.72 -23.13 -1.78
N VAL C 250 -26.45 -22.87 -1.49
CA VAL C 250 -25.43 -22.68 -2.52
C VAL C 250 -24.09 -23.15 -1.95
N ASP C 251 -23.30 -23.81 -2.79
CA ASP C 251 -22.00 -24.33 -2.36
C ASP C 251 -21.04 -23.19 -2.01
N ALA C 252 -20.75 -22.32 -2.97
CA ALA C 252 -19.87 -21.19 -2.76
C ALA C 252 -20.54 -19.92 -3.27
N LEU C 253 -20.42 -18.84 -2.50
CA LEU C 253 -21.10 -17.58 -2.79
C LEU C 253 -20.06 -16.51 -3.10
N LEU C 254 -20.05 -16.03 -4.35
CA LEU C 254 -19.16 -14.95 -4.76
C LEU C 254 -19.84 -13.61 -4.54
N ILE C 255 -19.08 -12.67 -3.98
CA ILE C 255 -19.53 -11.30 -3.80
C ILE C 255 -19.03 -10.47 -4.97
N ALA C 256 -19.96 -9.82 -5.68
CA ALA C 256 -19.64 -8.99 -6.83
C ALA C 256 -20.54 -7.74 -6.80
N SER C 257 -20.34 -6.90 -5.78
CA SER C 257 -21.12 -5.69 -5.60
C SER C 257 -20.31 -4.43 -5.89
N GLY C 258 -19.25 -4.54 -6.68
CA GLY C 258 -18.47 -3.40 -7.11
C GLY C 258 -17.13 -3.30 -6.39
N ARG C 259 -16.38 -2.28 -6.78
CA ARG C 259 -15.10 -1.95 -6.17
C ARG C 259 -15.07 -0.47 -5.85
N GLN C 260 -14.43 -0.11 -4.74
CA GLN C 260 -14.36 1.28 -4.31
C GLN C 260 -12.89 1.71 -4.15
N PRO C 261 -12.59 2.98 -4.37
CA PRO C 261 -11.19 3.43 -4.33
C PRO C 261 -10.55 3.17 -2.98
N ALA C 262 -9.44 2.43 -3.00
CA ALA C 262 -8.68 2.11 -1.80
C ALA C 262 -7.84 3.32 -1.42
N THR C 263 -8.31 4.07 -0.43
CA THR C 263 -7.63 5.32 -0.05
C THR C 263 -7.56 5.58 1.44
N ALA C 264 -8.38 4.94 2.27
CA ALA C 264 -8.32 5.22 3.71
C ALA C 264 -7.01 4.76 4.32
N SER C 265 -6.44 3.67 3.81
CA SER C 265 -5.15 3.19 4.29
C SER C 265 -4.00 4.12 3.90
N LEU C 266 -4.19 4.95 2.88
CA LEU C 266 -3.17 5.91 2.49
C LEU C 266 -3.07 7.07 3.46
N HIS C 267 -4.12 7.33 4.24
CA HIS C 267 -4.24 8.52 5.07
C HIS C 267 -3.90 9.78 4.27
N PRO C 268 -4.69 10.08 3.23
CA PRO C 268 -4.34 11.22 2.37
C PRO C 268 -4.65 12.57 3.00
N GLU C 269 -5.44 12.60 4.08
CA GLU C 269 -5.76 13.86 4.73
C GLU C 269 -4.52 14.52 5.33
N ASN C 270 -3.45 13.76 5.58
CA ASN C 270 -2.22 14.35 6.10
C ASN C 270 -1.51 15.19 5.05
N ALA C 271 -1.73 14.93 3.76
CA ALA C 271 -1.13 15.69 2.69
C ALA C 271 -2.05 16.77 2.13
N GLY C 272 -3.29 16.87 2.64
CA GLY C 272 -4.23 17.82 2.11
C GLY C 272 -4.98 17.33 0.89
N ILE C 273 -5.12 16.01 0.73
CA ILE C 273 -5.82 15.42 -0.40
C ILE C 273 -7.27 15.19 0.03
N ALA C 274 -8.19 15.94 -0.55
CA ALA C 274 -9.60 15.73 -0.25
C ALA C 274 -10.10 14.45 -0.90
N VAL C 275 -11.12 13.86 -0.29
CA VAL C 275 -11.55 12.51 -0.63
C VAL C 275 -13.07 12.45 -0.62
N ASN C 276 -13.64 11.73 -1.60
CA ASN C 276 -15.08 11.58 -1.72
C ASN C 276 -15.66 10.81 -0.53
N GLU C 277 -16.99 10.86 -0.41
CA GLU C 277 -17.67 9.99 0.52
C GLU C 277 -17.44 8.52 0.17
N ARG C 278 -17.42 8.21 -1.13
CA ARG C 278 -17.09 6.86 -1.57
C ARG C 278 -15.64 6.51 -1.29
N GLY C 279 -14.78 7.49 -1.05
CA GLY C 279 -13.37 7.27 -0.86
C GLY C 279 -12.52 7.52 -2.08
N ALA C 280 -12.97 8.36 -3.00
CA ALA C 280 -12.21 8.69 -4.20
C ALA C 280 -11.48 10.02 -4.02
N THR C 281 -10.23 10.05 -4.44
CA THR C 281 -9.45 11.29 -4.38
C THR C 281 -10.02 12.28 -5.39
N VAL C 282 -10.50 13.43 -4.89
CA VAL C 282 -11.00 14.47 -5.78
C VAL C 282 -9.89 14.86 -6.76
N VAL C 283 -10.29 15.15 -7.99
CA VAL C 283 -9.34 15.18 -9.09
C VAL C 283 -9.91 16.07 -10.19
N ASP C 284 -9.03 16.71 -10.96
CA ASP C 284 -9.43 17.67 -11.98
C ASP C 284 -9.12 17.12 -13.36
N LYS C 285 -9.15 18.02 -14.36
CA LYS C 285 -8.91 17.61 -15.75
C LYS C 285 -7.57 16.92 -15.90
N ARG C 286 -6.52 17.47 -15.28
CA ARG C 286 -5.16 16.97 -15.44
C ARG C 286 -4.76 16.02 -14.32
N LEU C 287 -5.74 15.45 -13.62
CA LEU C 287 -5.51 14.43 -12.60
C LEU C 287 -4.67 14.97 -11.44
N HIS C 288 -4.82 16.25 -11.13
CA HIS C 288 -4.20 16.85 -9.96
C HIS C 288 -5.12 16.71 -8.75
N THR C 289 -4.52 16.48 -7.59
CA THR C 289 -5.27 16.47 -6.35
C THR C 289 -5.31 17.88 -5.76
N THR C 290 -6.04 18.04 -4.65
CA THR C 290 -6.08 19.33 -3.98
C THR C 290 -4.74 19.70 -3.35
N ALA C 291 -3.82 18.75 -3.24
CA ALA C 291 -2.48 19.02 -2.72
C ALA C 291 -1.53 19.23 -3.89
N ASP C 292 -0.70 20.26 -3.80
CA ASP C 292 0.19 20.60 -4.89
C ASP C 292 1.22 19.49 -5.13
N ASN C 293 1.58 19.32 -6.41
CA ASN C 293 2.63 18.39 -6.84
C ASN C 293 2.29 16.93 -6.57
N ILE C 294 1.03 16.61 -6.30
CA ILE C 294 0.58 15.24 -6.05
C ILE C 294 -0.54 14.91 -7.02
N TRP C 295 -0.42 13.78 -7.70
CA TRP C 295 -1.38 13.33 -8.71
C TRP C 295 -2.17 12.14 -8.20
N ALA C 296 -3.14 11.72 -9.01
CA ALA C 296 -3.92 10.51 -8.75
C ALA C 296 -4.37 9.92 -10.07
N MET C 297 -3.98 8.68 -10.34
CA MET C 297 -4.30 8.00 -11.59
C MET C 297 -4.93 6.64 -11.29
N GLY C 298 -5.81 6.22 -12.18
CA GLY C 298 -6.45 4.92 -12.04
C GLY C 298 -7.74 4.98 -11.25
N ASP C 299 -8.12 3.82 -10.71
CA ASP C 299 -9.39 3.66 -10.03
C ASP C 299 -9.51 4.49 -8.75
N VAL C 300 -8.40 5.07 -8.27
CA VAL C 300 -8.47 5.91 -7.07
C VAL C 300 -9.33 7.13 -7.30
N THR C 301 -9.33 7.67 -8.51
CA THR C 301 -10.07 8.89 -8.81
C THR C 301 -11.58 8.68 -8.78
N GLY C 302 -12.04 7.44 -8.66
CA GLY C 302 -13.45 7.14 -8.75
C GLY C 302 -14.01 7.12 -10.16
N GLY C 303 -13.14 7.05 -11.17
CA GLY C 303 -13.59 7.00 -12.54
C GLY C 303 -14.00 5.60 -12.95
N LEU C 304 -14.17 5.43 -14.26
CA LEU C 304 -14.53 4.12 -14.79
C LEU C 304 -13.41 3.13 -14.53
N GLN C 305 -13.77 1.95 -14.02
CA GLN C 305 -12.78 0.97 -13.58
C GLN C 305 -12.47 0.00 -14.72
N PHE C 306 -11.72 0.53 -15.69
CA PHE C 306 -11.15 -0.25 -16.77
C PHE C 306 -9.65 -0.01 -16.82
N THR C 307 -8.92 -0.98 -17.38
CA THR C 307 -7.47 -0.85 -17.49
C THR C 307 -7.09 0.26 -18.47
N TYR C 308 -7.81 0.37 -19.58
CA TYR C 308 -7.44 1.31 -20.63
C TYR C 308 -7.71 2.77 -20.26
N ILE C 309 -8.51 3.01 -19.23
CA ILE C 309 -8.70 4.38 -18.76
C ILE C 309 -7.55 4.80 -17.86
N SER C 310 -7.09 3.89 -17.00
CA SER C 310 -5.85 4.13 -16.27
C SER C 310 -4.69 4.38 -17.23
N LEU C 311 -4.68 3.67 -18.37
CA LEU C 311 -3.64 3.90 -19.37
C LEU C 311 -3.72 5.31 -19.94
N ASP C 312 -4.94 5.80 -20.19
CA ASP C 312 -5.08 7.17 -20.66
C ASP C 312 -4.90 8.19 -19.54
N ASP C 313 -5.04 7.77 -18.29
CA ASP C 313 -4.63 8.63 -17.18
C ASP C 313 -3.12 8.85 -17.22
N TYR C 314 -2.36 7.82 -17.59
CA TYR C 314 -0.93 8.00 -17.79
C TYR C 314 -0.65 8.96 -18.94
N ARG C 315 -1.42 8.85 -20.01
CA ARG C 315 -1.21 9.73 -21.17
C ARG C 315 -1.42 11.19 -20.81
N ILE C 316 -2.38 11.47 -19.91
CA ILE C 316 -2.60 12.83 -19.47
C ILE C 316 -1.44 13.31 -18.61
N VAL C 317 -0.96 12.46 -17.69
CA VAL C 317 0.15 12.85 -16.82
C VAL C 317 1.44 12.96 -17.62
N ARG C 318 1.70 12.01 -18.52
CA ARG C 318 2.91 12.06 -19.34
C ARG C 318 2.94 13.32 -20.20
N ASP C 319 1.79 13.69 -20.78
CA ASP C 319 1.73 14.88 -21.62
C ASP C 319 2.02 16.14 -20.81
N GLU C 320 1.77 16.11 -19.50
CA GLU C 320 2.00 17.29 -18.68
C GLU C 320 3.46 17.42 -18.27
N LEU C 321 4.10 16.31 -17.86
CA LEU C 321 5.47 16.38 -17.38
C LEU C 321 6.47 16.53 -18.51
N LEU C 322 6.17 16.02 -19.71
CA LEU C 322 7.14 15.97 -20.79
C LEU C 322 6.63 16.56 -22.11
N GLY C 323 5.44 17.15 -22.13
CA GLY C 323 4.90 17.65 -23.38
C GLY C 323 4.16 18.97 -23.28
N GLU C 324 3.19 19.16 -24.18
CA GLU C 324 2.43 20.41 -24.20
C GLU C 324 1.51 20.54 -23.00
N GLY C 325 1.05 19.41 -22.45
CA GLY C 325 0.16 19.44 -21.32
C GLY C 325 -1.28 19.77 -21.65
N LYS C 326 -1.67 19.72 -22.93
CA LYS C 326 -3.04 20.01 -23.32
C LYS C 326 -3.95 18.79 -23.23
N ARG C 327 -3.40 17.61 -22.93
CA ARG C 327 -4.23 16.45 -22.65
C ARG C 327 -5.00 16.65 -21.35
N SER C 328 -6.21 16.11 -21.32
CA SER C 328 -7.05 16.18 -20.12
C SER C 328 -8.13 15.12 -20.24
N THR C 329 -8.82 14.88 -19.13
CA THR C 329 -9.94 13.93 -19.12
C THR C 329 -11.14 14.42 -19.92
N ASP C 330 -11.05 15.61 -20.52
CA ASP C 330 -12.12 16.14 -21.35
C ASP C 330 -12.02 15.70 -22.80
N ASP C 331 -10.91 15.09 -23.20
CA ASP C 331 -10.80 14.53 -24.55
C ASP C 331 -11.48 13.19 -24.69
N ARG C 332 -11.80 12.54 -23.57
CA ARG C 332 -12.42 11.22 -23.61
C ARG C 332 -13.84 11.33 -24.15
N LYS C 333 -14.14 10.58 -25.20
CA LYS C 333 -15.49 10.48 -25.74
C LYS C 333 -15.67 9.09 -26.31
N ASN C 334 -16.92 8.62 -26.29
CA ASN C 334 -17.28 7.29 -26.79
C ASN C 334 -16.37 6.22 -26.20
N VAL C 335 -16.42 6.10 -24.88
CA VAL C 335 -15.61 5.13 -24.16
C VAL C 335 -16.22 3.74 -24.32
N PRO C 336 -15.51 2.77 -24.88
CA PRO C 336 -16.06 1.43 -25.03
C PRO C 336 -15.87 0.59 -23.78
N TYR C 337 -16.71 -0.44 -23.67
CA TYR C 337 -16.57 -1.43 -22.61
C TYR C 337 -17.11 -2.77 -23.11
N SER C 338 -16.65 -3.84 -22.48
CA SER C 338 -17.03 -5.18 -22.88
C SER C 338 -17.28 -6.05 -21.65
N VAL C 339 -18.34 -6.85 -21.70
CA VAL C 339 -18.66 -7.82 -20.68
C VAL C 339 -18.26 -9.19 -21.23
N PHE C 340 -17.09 -9.67 -20.81
CA PHE C 340 -16.53 -10.88 -21.39
C PHE C 340 -17.29 -12.13 -20.94
N MET C 341 -18.55 -12.22 -21.36
CA MET C 341 -19.34 -13.44 -21.22
C MET C 341 -19.20 -14.22 -22.52
N THR C 342 -20.08 -15.21 -22.75
CA THR C 342 -20.01 -16.06 -23.93
C THR C 342 -21.38 -16.10 -24.59
N PRO C 343 -21.58 -15.38 -25.70
CA PRO C 343 -20.63 -14.48 -26.37
C PRO C 343 -20.48 -13.12 -25.67
N PRO C 344 -19.36 -12.43 -25.91
CA PRO C 344 -19.11 -11.17 -25.20
C PRO C 344 -19.97 -10.03 -25.70
N LEU C 345 -20.43 -9.19 -24.76
CA LEU C 345 -21.16 -7.97 -25.06
C LEU C 345 -20.20 -6.79 -25.08
N SER C 346 -20.32 -5.94 -26.09
CA SER C 346 -19.47 -4.76 -26.22
C SER C 346 -20.34 -3.57 -26.59
N ARG C 347 -19.96 -2.39 -26.11
CA ARG C 347 -20.82 -1.22 -26.19
C ARG C 347 -20.00 0.03 -26.47
N VAL C 348 -20.54 0.90 -27.33
CA VAL C 348 -20.09 2.27 -27.50
C VAL C 348 -21.32 3.15 -27.66
N GLY C 349 -21.15 4.43 -27.32
CA GLY C 349 -22.25 5.37 -27.47
C GLY C 349 -23.40 5.10 -26.50
N MET C 350 -24.55 5.69 -26.81
CA MET C 350 -25.70 5.61 -25.92
C MET C 350 -26.61 4.45 -26.30
N THR C 351 -27.51 4.10 -25.38
CA THR C 351 -28.43 3.01 -25.59
C THR C 351 -29.53 3.41 -26.58
N GLU C 352 -30.32 2.42 -26.99
CA GLU C 352 -31.50 2.73 -27.79
C GLU C 352 -32.52 3.52 -26.97
N GLU C 353 -32.69 3.16 -25.70
CA GLU C 353 -33.61 3.90 -24.85
C GLU C 353 -33.10 5.30 -24.56
N GLN C 354 -31.77 5.48 -24.50
CA GLN C 354 -31.23 6.83 -24.33
C GLN C 354 -31.35 7.64 -25.61
N ALA C 355 -31.31 6.98 -26.77
CA ALA C 355 -31.52 7.68 -28.03
C ALA C 355 -33.00 7.98 -28.27
N ARG C 356 -33.89 7.08 -27.85
CA ARG C 356 -35.31 7.39 -27.86
C ARG C 356 -35.64 8.49 -26.86
N GLU C 357 -34.86 8.59 -25.79
CA GLU C 357 -35.08 9.64 -24.80
C GLU C 357 -34.70 11.01 -25.35
N SER C 358 -33.72 11.06 -26.25
CA SER C 358 -33.23 12.35 -26.74
C SER C 358 -34.27 13.08 -27.58
N GLY C 359 -35.11 12.35 -28.31
CA GLY C 359 -36.06 12.97 -29.19
C GLY C 359 -35.55 13.29 -30.57
N ALA C 360 -34.46 12.65 -30.99
CA ALA C 360 -33.93 12.83 -32.34
C ALA C 360 -34.49 11.78 -33.28
N ASP C 361 -34.47 12.09 -34.57
CA ASP C 361 -34.83 11.12 -35.60
C ASP C 361 -33.74 10.05 -35.64
N ILE C 362 -34.01 8.89 -35.05
CA ILE C 362 -33.05 7.81 -35.00
C ILE C 362 -33.57 6.63 -35.82
N GLN C 363 -32.69 5.68 -36.08
CA GLN C 363 -33.04 4.47 -36.80
C GLN C 363 -32.22 3.33 -36.21
N VAL C 364 -32.89 2.42 -35.51
CA VAL C 364 -32.23 1.28 -34.90
C VAL C 364 -32.13 0.17 -35.93
N VAL C 365 -30.90 -0.27 -36.20
CA VAL C 365 -30.64 -1.38 -37.12
C VAL C 365 -30.20 -2.58 -36.30
N THR C 366 -30.98 -3.65 -36.34
CA THR C 366 -30.67 -4.88 -35.63
C THR C 366 -30.41 -6.00 -36.63
N LEU C 367 -29.42 -6.84 -36.32
CA LEU C 367 -29.09 -7.97 -37.16
C LEU C 367 -28.81 -9.19 -36.30
N PRO C 368 -29.55 -10.29 -36.49
CA PRO C 368 -29.27 -11.51 -35.74
C PRO C 368 -27.91 -12.08 -36.13
N VAL C 369 -27.18 -12.57 -35.11
CA VAL C 369 -25.86 -13.15 -35.36
C VAL C 369 -25.97 -14.44 -36.16
N ALA C 370 -27.14 -15.09 -36.17
CA ALA C 370 -27.36 -16.24 -37.03
C ALA C 370 -27.19 -15.88 -38.50
N ALA C 371 -27.19 -14.59 -38.85
CA ALA C 371 -26.97 -14.15 -40.22
C ALA C 371 -25.52 -13.87 -40.54
N ILE C 372 -24.62 -13.95 -39.55
CA ILE C 372 -23.19 -13.72 -39.76
C ILE C 372 -22.54 -15.09 -39.99
N PRO C 373 -22.15 -15.43 -41.21
CA PRO C 373 -21.63 -16.79 -41.47
C PRO C 373 -20.35 -17.10 -40.73
N ARG C 374 -19.58 -16.10 -40.30
CA ARG C 374 -18.35 -16.37 -39.57
C ARG C 374 -18.64 -16.95 -38.19
N ALA C 375 -19.73 -16.50 -37.54
CA ALA C 375 -20.12 -17.10 -36.28
C ALA C 375 -20.49 -18.56 -36.45
N ARG C 376 -21.10 -18.90 -37.58
CA ARG C 376 -21.37 -20.30 -37.90
C ARG C 376 -20.07 -21.08 -38.04
N VAL C 377 -19.04 -20.47 -38.64
CA VAL C 377 -17.75 -21.11 -38.78
C VAL C 377 -17.13 -21.39 -37.41
N MET C 378 -17.36 -20.51 -36.44
CA MET C 378 -16.82 -20.64 -35.10
C MET C 378 -17.79 -21.33 -34.13
N ASN C 379 -18.92 -21.82 -34.63
CA ASN C 379 -19.85 -22.64 -33.85
C ASN C 379 -20.40 -21.88 -32.64
N ASP C 380 -20.75 -20.61 -32.85
CA ASP C 380 -21.39 -19.83 -31.78
C ASP C 380 -22.26 -18.75 -32.44
N THR C 381 -23.46 -19.15 -32.84
CA THR C 381 -24.42 -18.26 -33.48
C THR C 381 -25.36 -17.61 -32.47
N ARG C 382 -24.87 -17.19 -31.32
CA ARG C 382 -25.68 -16.57 -30.27
C ARG C 382 -25.41 -15.08 -30.23
N GLY C 383 -26.47 -14.30 -30.04
CA GLY C 383 -26.38 -12.88 -29.81
C GLY C 383 -27.08 -12.07 -30.88
N VAL C 384 -26.84 -10.76 -30.87
CA VAL C 384 -27.43 -9.83 -31.81
C VAL C 384 -26.43 -8.72 -32.11
N LEU C 385 -26.64 -8.04 -33.22
CA LEU C 385 -25.96 -6.80 -33.55
C LEU C 385 -26.98 -5.67 -33.59
N LYS C 386 -26.61 -4.51 -33.05
CA LYS C 386 -27.54 -3.39 -33.01
C LYS C 386 -26.77 -2.07 -32.97
N ALA C 387 -27.22 -1.10 -33.75
CA ALA C 387 -26.65 0.22 -33.78
C ALA C 387 -27.76 1.24 -33.95
N ILE C 388 -27.48 2.47 -33.51
CA ILE C 388 -28.41 3.58 -33.63
C ILE C 388 -27.79 4.61 -34.57
N VAL C 389 -28.52 4.95 -35.63
CA VAL C 389 -28.08 5.91 -36.62
C VAL C 389 -28.86 7.21 -36.43
N ASP C 390 -28.16 8.33 -36.57
CA ASP C 390 -28.78 9.65 -36.51
C ASP C 390 -29.21 10.07 -37.90
N ASN C 391 -30.49 10.42 -38.05
CA ASN C 391 -31.02 10.66 -39.39
C ASN C 391 -30.68 12.05 -39.93
N LYS C 392 -30.48 13.04 -39.05
CA LYS C 392 -30.09 14.36 -39.53
C LYS C 392 -28.63 14.41 -39.93
N THR C 393 -27.76 13.69 -39.21
CA THR C 393 -26.33 13.80 -39.39
C THR C 393 -25.68 12.57 -40.01
N GLN C 394 -26.42 11.46 -40.15
CA GLN C 394 -25.93 10.16 -40.61
C GLN C 394 -24.90 9.53 -39.67
N ARG C 395 -24.54 10.21 -38.57
CA ARG C 395 -23.62 9.66 -37.60
C ARG C 395 -24.30 8.63 -36.72
N MET C 396 -23.50 7.74 -36.14
CA MET C 396 -24.01 6.75 -35.20
C MET C 396 -23.88 7.26 -33.79
N LEU C 397 -24.93 7.08 -33.00
CA LEU C 397 -24.98 7.54 -31.63
C LEU C 397 -24.64 6.44 -30.62
N GLY C 398 -24.58 5.19 -31.07
CA GLY C 398 -24.28 4.10 -30.17
C GLY C 398 -24.43 2.77 -30.88
N ALA C 399 -23.92 1.73 -30.22
CA ALA C 399 -23.98 0.39 -30.78
C ALA C 399 -23.85 -0.63 -29.65
N SER C 400 -24.50 -1.78 -29.85
CA SER C 400 -24.43 -2.90 -28.92
C SER C 400 -24.17 -4.16 -29.72
N LEU C 401 -22.97 -4.71 -29.58
CA LEU C 401 -22.54 -5.86 -30.38
C LEU C 401 -22.40 -7.06 -29.45
N LEU C 402 -23.40 -7.94 -29.46
CA LEU C 402 -23.39 -9.18 -28.69
C LEU C 402 -23.07 -10.32 -29.67
N CYS C 403 -21.79 -10.57 -29.84
CA CYS C 403 -21.33 -11.62 -30.74
C CYS C 403 -19.95 -12.06 -30.29
N VAL C 404 -19.46 -13.15 -30.90
CA VAL C 404 -18.10 -13.60 -30.61
C VAL C 404 -17.11 -12.65 -31.27
N ASP C 405 -16.04 -12.33 -30.55
CA ASP C 405 -14.99 -11.41 -31.01
C ASP C 405 -15.53 -9.99 -31.21
N SER C 406 -16.53 -9.60 -30.41
CA SER C 406 -17.02 -8.22 -30.46
C SER C 406 -16.16 -7.26 -29.68
N HIS C 407 -15.32 -7.76 -28.75
CA HIS C 407 -14.34 -6.92 -28.12
C HIS C 407 -13.32 -6.40 -29.11
N GLU C 408 -13.25 -7.00 -30.30
CA GLU C 408 -12.40 -6.53 -31.39
C GLU C 408 -13.18 -5.65 -32.36
N MET C 409 -14.38 -6.09 -32.75
CA MET C 409 -15.21 -5.31 -33.67
C MET C 409 -15.49 -3.92 -33.13
N ILE C 410 -15.80 -3.83 -31.84
CA ILE C 410 -16.25 -2.57 -31.23
C ILE C 410 -15.20 -1.48 -31.41
N ASN C 411 -13.93 -1.86 -31.51
CA ASN C 411 -12.87 -0.86 -31.63
C ASN C 411 -12.98 -0.09 -32.94
N ILE C 412 -13.33 -0.79 -34.03
CA ILE C 412 -13.53 -0.10 -35.29
C ILE C 412 -14.84 0.69 -35.32
N VAL C 413 -15.83 0.29 -34.51
CA VAL C 413 -17.07 1.06 -34.42
C VAL C 413 -16.82 2.37 -33.68
N LYS C 414 -15.98 2.32 -32.64
CA LYS C 414 -15.76 3.50 -31.82
C LYS C 414 -14.97 4.58 -32.56
N MET C 415 -13.90 4.19 -33.26
CA MET C 415 -13.06 5.18 -33.92
C MET C 415 -13.74 5.79 -35.13
N VAL C 416 -14.79 5.16 -35.67
CA VAL C 416 -15.58 5.83 -36.71
C VAL C 416 -16.47 6.89 -36.08
N MET C 417 -17.06 6.58 -34.92
CA MET C 417 -17.78 7.61 -34.16
C MET C 417 -16.82 8.69 -33.65
N ASP C 418 -15.56 8.33 -33.42
CA ASP C 418 -14.58 9.31 -32.95
C ASP C 418 -14.32 10.37 -34.01
N ALA C 419 -14.09 9.95 -35.25
CA ALA C 419 -13.82 10.88 -36.35
C ALA C 419 -15.08 11.53 -36.88
N GLY C 420 -16.23 11.31 -36.25
CA GLY C 420 -17.46 11.97 -36.66
C GLY C 420 -17.87 11.71 -38.09
N LEU C 421 -17.66 10.48 -38.56
CA LEU C 421 -17.91 10.03 -39.93
C LEU C 421 -19.27 9.34 -40.04
N PRO C 422 -19.89 9.34 -41.22
CA PRO C 422 -21.24 8.78 -41.34
C PRO C 422 -21.25 7.26 -41.19
N TYR C 423 -22.46 6.73 -41.03
CA TYR C 423 -22.63 5.28 -40.96
C TYR C 423 -22.22 4.61 -42.27
N SER C 424 -22.26 5.34 -43.38
CA SER C 424 -21.92 4.78 -44.68
C SER C 424 -20.49 4.27 -44.74
N ILE C 425 -19.60 4.79 -43.89
CA ILE C 425 -18.20 4.36 -43.91
C ILE C 425 -18.08 2.88 -43.60
N LEU C 426 -18.84 2.40 -42.61
CA LEU C 426 -18.84 0.98 -42.29
C LEU C 426 -19.75 0.18 -43.21
N ARG C 427 -20.76 0.82 -43.82
CA ARG C 427 -21.66 0.11 -44.72
C ARG C 427 -20.96 -0.32 -46.01
N ASP C 428 -19.96 0.42 -46.45
CA ASP C 428 -19.29 0.15 -47.72
C ASP C 428 -17.82 -0.18 -47.57
N GLN C 429 -17.34 -0.44 -46.36
CA GLN C 429 -15.93 -0.74 -46.15
C GLN C 429 -15.61 -2.16 -46.61
N ILE C 430 -14.42 -2.33 -47.18
CA ILE C 430 -13.96 -3.63 -47.66
C ILE C 430 -13.26 -4.32 -46.48
N PHE C 431 -13.99 -5.20 -45.81
CA PHE C 431 -13.48 -5.93 -44.67
C PHE C 431 -12.86 -7.25 -45.10
N THR C 432 -12.17 -7.90 -44.17
CA THR C 432 -11.67 -9.25 -44.40
C THR C 432 -12.84 -10.24 -44.35
N HIS C 433 -12.61 -11.40 -44.97
CA HIS C 433 -13.64 -12.42 -45.07
C HIS C 433 -12.98 -13.79 -45.08
N PRO C 434 -13.44 -14.73 -44.25
CA PRO C 434 -14.55 -14.56 -43.31
C PRO C 434 -14.12 -13.97 -41.97
N SER C 435 -14.79 -12.90 -41.56
CA SER C 435 -14.53 -12.26 -40.27
C SER C 435 -15.87 -11.86 -39.66
N MET C 436 -15.83 -11.36 -38.43
CA MET C 436 -17.02 -10.83 -37.78
C MET C 436 -17.16 -9.32 -37.95
N SER C 437 -16.08 -8.62 -38.29
CA SER C 437 -16.20 -7.18 -38.57
C SER C 437 -16.92 -6.94 -39.89
N GLU C 438 -16.87 -7.89 -40.82
CA GLU C 438 -17.56 -7.72 -42.09
C GLU C 438 -19.07 -7.76 -41.97
N SER C 439 -19.61 -8.22 -40.83
CA SER C 439 -21.04 -8.12 -40.60
C SER C 439 -21.49 -6.68 -40.45
N LEU C 440 -20.55 -5.76 -40.16
CA LEU C 440 -20.89 -4.34 -40.16
C LEU C 440 -21.37 -3.88 -41.53
N ASN C 441 -20.88 -4.51 -42.59
CA ASN C 441 -21.41 -4.26 -43.93
C ASN C 441 -22.91 -4.54 -43.97
N ASP C 442 -23.31 -5.70 -43.44
CA ASP C 442 -24.72 -6.09 -43.48
C ASP C 442 -25.54 -5.36 -42.42
N LEU C 443 -24.93 -4.99 -41.29
CA LEU C 443 -25.68 -4.29 -40.24
C LEU C 443 -26.05 -2.88 -40.67
N PHE C 444 -25.23 -2.23 -41.48
CA PHE C 444 -25.44 -0.83 -41.84
C PHE C 444 -26.04 -0.64 -43.23
N SER C 445 -26.32 -1.73 -43.94
CA SER C 445 -27.14 -1.64 -45.14
C SER C 445 -28.63 -1.81 -44.85
N LEU C 446 -28.98 -2.22 -43.63
CA LEU C 446 -30.37 -2.19 -43.20
C LEU C 446 -30.87 -0.76 -42.97
N VAL C 447 -29.94 0.20 -42.86
CA VAL C 447 -30.33 1.60 -42.78
C VAL C 447 -31.04 2.00 -44.07
N LYS C 448 -32.02 2.88 -43.94
CA LYS C 448 -32.79 3.34 -45.09
C LYS C 448 -32.33 4.73 -45.55
N LYS D 10 -38.15 -12.71 -71.61
CA LYS D 10 -37.43 -11.46 -71.63
C LYS D 10 -37.21 -10.92 -70.21
N TYR D 11 -35.95 -10.77 -69.82
CA TYR D 11 -35.59 -10.28 -68.50
C TYR D 11 -34.89 -8.93 -68.62
N GLN D 12 -34.99 -8.14 -67.54
CA GLN D 12 -34.32 -6.85 -67.50
C GLN D 12 -32.86 -6.97 -67.04
N ALA D 13 -32.50 -8.09 -66.42
CA ALA D 13 -31.14 -8.32 -65.96
C ALA D 13 -30.90 -9.81 -65.86
N VAL D 14 -29.81 -10.28 -66.48
CA VAL D 14 -29.46 -11.70 -66.46
C VAL D 14 -28.12 -11.84 -65.75
N ILE D 15 -28.09 -12.65 -64.70
CA ILE D 15 -26.89 -12.89 -63.90
C ILE D 15 -26.44 -14.32 -64.15
N ILE D 16 -25.22 -14.49 -64.63
CA ILE D 16 -24.64 -15.80 -64.85
C ILE D 16 -23.74 -16.12 -63.67
N GLY D 17 -24.10 -17.15 -62.90
CA GLY D 17 -23.32 -17.55 -61.76
C GLY D 17 -23.88 -17.07 -60.43
N PHE D 18 -23.85 -17.93 -59.42
CA PHE D 18 -24.34 -17.61 -58.08
C PHE D 18 -23.26 -17.00 -57.19
N GLY D 19 -22.29 -16.32 -57.78
CA GLY D 19 -21.20 -15.74 -57.02
C GLY D 19 -21.66 -14.59 -56.14
N LYS D 20 -20.69 -14.05 -55.38
CA LYS D 20 -20.99 -13.04 -54.38
C LYS D 20 -21.67 -11.82 -54.99
N ALA D 21 -21.01 -11.19 -55.97
CA ALA D 21 -21.56 -9.99 -56.58
C ALA D 21 -22.89 -10.29 -57.28
N GLY D 22 -22.94 -11.37 -58.06
CA GLY D 22 -24.15 -11.70 -58.77
C GLY D 22 -25.30 -12.04 -57.84
N LYS D 23 -24.99 -12.70 -56.72
CA LYS D 23 -26.03 -13.00 -55.73
C LYS D 23 -26.59 -11.73 -55.12
N THR D 24 -25.71 -10.77 -54.81
CA THR D 24 -26.18 -9.54 -54.18
C THR D 24 -26.91 -8.64 -55.18
N LEU D 25 -26.40 -8.56 -56.42
CA LEU D 25 -27.04 -7.70 -57.40
C LEU D 25 -28.43 -8.19 -57.78
N ALA D 26 -28.66 -9.50 -57.73
CA ALA D 26 -29.99 -10.03 -58.04
C ALA D 26 -31.02 -9.58 -57.01
N VAL D 27 -30.64 -9.56 -55.73
CA VAL D 27 -31.54 -9.08 -54.69
C VAL D 27 -31.64 -7.56 -54.74
N THR D 28 -30.55 -6.89 -55.06
CA THR D 28 -30.53 -5.43 -55.07
C THR D 28 -31.50 -4.87 -56.11
N LEU D 29 -31.52 -5.46 -57.31
CA LEU D 29 -32.39 -4.96 -58.37
C LEU D 29 -33.81 -5.52 -58.29
N ALA D 30 -33.98 -6.75 -57.78
CA ALA D 30 -35.32 -7.27 -57.59
C ALA D 30 -36.11 -6.42 -56.61
N LYS D 31 -35.45 -5.86 -55.60
CA LYS D 31 -36.08 -4.91 -54.69
C LYS D 31 -36.19 -3.51 -55.29
N ALA D 32 -35.70 -3.31 -56.51
CA ALA D 32 -35.82 -2.04 -57.20
C ALA D 32 -36.87 -2.07 -58.30
N GLY D 33 -37.61 -3.17 -58.42
CA GLY D 33 -38.65 -3.29 -59.43
C GLY D 33 -38.25 -4.05 -60.67
N TRP D 34 -36.96 -4.32 -60.85
CA TRP D 34 -36.51 -5.08 -62.00
C TRP D 34 -36.81 -6.57 -61.79
N ARG D 35 -36.96 -7.29 -62.90
CA ARG D 35 -37.07 -8.74 -62.87
C ARG D 35 -35.76 -9.33 -63.38
N VAL D 36 -35.22 -10.30 -62.62
CA VAL D 36 -33.86 -10.79 -62.82
C VAL D 36 -33.90 -12.30 -63.02
N ALA D 37 -32.98 -12.79 -63.84
CA ALA D 37 -32.73 -14.21 -64.03
C ALA D 37 -31.30 -14.51 -63.62
N LEU D 38 -31.14 -15.35 -62.61
CA LEU D 38 -29.83 -15.82 -62.16
C LEU D 38 -29.68 -17.28 -62.54
N ILE D 39 -28.64 -17.59 -63.32
CA ILE D 39 -28.40 -18.93 -63.84
C ILE D 39 -27.22 -19.53 -63.11
N GLU D 40 -27.38 -20.77 -62.66
CA GLU D 40 -26.34 -21.48 -61.92
C GLU D 40 -26.35 -22.94 -62.36
N GLN D 41 -25.15 -23.49 -62.60
CA GLN D 41 -25.05 -24.87 -63.07
C GLN D 41 -25.55 -25.85 -62.02
N SER D 42 -25.03 -25.76 -60.80
CA SER D 42 -25.19 -26.80 -59.80
C SER D 42 -26.28 -26.47 -58.80
N ASN D 43 -26.82 -27.53 -58.19
CA ASN D 43 -27.57 -27.40 -56.95
C ASN D 43 -26.67 -27.39 -55.73
N ALA D 44 -25.42 -27.86 -55.88
CA ALA D 44 -24.42 -27.83 -54.83
C ALA D 44 -23.54 -26.59 -54.89
N MET D 45 -23.91 -25.60 -55.71
CA MET D 45 -23.16 -24.35 -55.81
C MET D 45 -24.03 -23.14 -55.51
N TYR D 46 -25.19 -23.34 -54.87
CA TYR D 46 -26.03 -22.23 -54.47
C TYR D 46 -25.31 -21.40 -53.41
N GLY D 47 -25.29 -20.08 -53.60
CA GLY D 47 -24.58 -19.19 -52.72
C GLY D 47 -23.17 -18.86 -53.16
N GLY D 48 -22.63 -19.57 -54.15
CA GLY D 48 -21.34 -19.25 -54.72
C GLY D 48 -20.27 -20.24 -54.31
N THR D 49 -19.08 -20.01 -54.87
CA THR D 49 -17.93 -20.85 -54.54
C THR D 49 -17.54 -20.70 -53.07
N CYS D 50 -17.62 -19.47 -52.54
CA CYS D 50 -17.31 -19.20 -51.14
C CYS D 50 -18.09 -20.11 -50.21
N ILE D 51 -19.39 -20.22 -50.46
CA ILE D 51 -20.28 -20.88 -49.52
C ILE D 51 -20.11 -22.40 -49.53
N ASN D 52 -19.71 -22.97 -50.66
CA ASN D 52 -19.69 -24.42 -50.82
C ASN D 52 -18.30 -25.02 -50.98
N ILE D 53 -17.35 -24.26 -51.53
CA ILE D 53 -16.06 -24.82 -51.92
C ILE D 53 -14.87 -24.04 -51.35
N GLY D 54 -15.06 -22.79 -50.90
CA GLY D 54 -13.94 -21.99 -50.43
C GLY D 54 -13.88 -21.70 -48.95
N CYS D 55 -14.20 -20.45 -48.58
CA CYS D 55 -13.90 -19.96 -47.24
C CYS D 55 -14.69 -20.69 -46.17
N ILE D 56 -16.02 -20.71 -46.30
CA ILE D 56 -16.86 -21.33 -45.27
C ILE D 56 -16.45 -22.76 -44.98
N PRO D 57 -16.23 -23.64 -45.97
CA PRO D 57 -15.77 -24.99 -45.62
C PRO D 57 -14.38 -25.02 -45.02
N THR D 58 -13.44 -24.23 -45.54
CA THR D 58 -12.07 -24.28 -45.03
C THR D 58 -12.00 -23.74 -43.61
N LYS D 59 -12.53 -22.53 -43.39
CA LYS D 59 -12.41 -21.91 -42.07
C LYS D 59 -13.23 -22.66 -41.02
N THR D 60 -14.37 -23.25 -41.40
CA THR D 60 -15.06 -24.17 -40.51
C THR D 60 -14.15 -25.31 -40.11
N LEU D 61 -13.31 -25.77 -41.05
CA LEU D 61 -12.40 -26.86 -40.77
C LEU D 61 -11.21 -26.41 -39.94
N VAL D 62 -10.74 -25.18 -40.17
CA VAL D 62 -9.60 -24.69 -39.41
C VAL D 62 -10.01 -24.31 -37.98
N HIS D 63 -11.26 -23.85 -37.79
CA HIS D 63 -11.73 -23.65 -36.43
C HIS D 63 -11.86 -24.98 -35.70
N ASP D 64 -12.26 -26.03 -36.41
CA ASP D 64 -12.42 -27.35 -35.83
C ASP D 64 -11.10 -28.11 -35.71
N ALA D 65 -10.08 -27.74 -36.47
CA ALA D 65 -8.77 -28.38 -36.38
C ALA D 65 -7.89 -27.72 -35.34
N GLN D 66 -7.97 -26.39 -35.22
CA GLN D 66 -7.17 -25.69 -34.23
C GLN D 66 -7.47 -26.18 -32.82
N GLN D 67 -8.74 -26.50 -32.55
CA GLN D 67 -9.07 -27.38 -31.43
C GLN D 67 -8.82 -28.80 -31.90
N HIS D 68 -7.80 -29.45 -31.34
CA HIS D 68 -7.37 -30.76 -31.84
C HIS D 68 -8.42 -31.83 -31.61
N THR D 69 -9.56 -31.73 -32.30
CA THR D 69 -10.68 -32.65 -32.15
C THR D 69 -10.74 -33.61 -33.34
N ASP D 70 -11.82 -34.40 -33.40
CA ASP D 70 -11.93 -35.46 -34.39
C ASP D 70 -12.00 -34.88 -35.81
N PHE D 71 -11.57 -35.69 -36.78
CA PHE D 71 -11.50 -35.22 -38.17
C PHE D 71 -12.85 -35.34 -38.87
N VAL D 72 -13.40 -36.56 -38.92
CA VAL D 72 -14.67 -36.75 -39.63
C VAL D 72 -15.82 -36.08 -38.88
N ARG D 73 -15.66 -35.84 -37.58
CA ARG D 73 -16.64 -35.02 -36.87
C ARG D 73 -16.62 -33.59 -37.37
N ALA D 74 -15.45 -33.11 -37.83
CA ALA D 74 -15.37 -31.78 -38.41
C ALA D 74 -15.98 -31.75 -39.80
N ILE D 75 -15.72 -32.79 -40.60
CA ILE D 75 -16.27 -32.84 -41.96
C ILE D 75 -17.79 -32.97 -41.93
N GLN D 76 -18.31 -33.64 -40.90
CA GLN D 76 -19.76 -33.78 -40.78
C GLN D 76 -20.42 -32.43 -40.50
N ARG D 77 -19.91 -31.70 -39.50
CA ARG D 77 -20.47 -30.39 -39.18
C ARG D 77 -19.96 -29.31 -40.13
N LYS D 78 -18.94 -29.59 -40.95
CA LYS D 78 -18.72 -28.78 -42.13
C LYS D 78 -19.90 -28.92 -43.08
N ASN D 79 -20.27 -30.17 -43.39
CA ASN D 79 -21.44 -30.41 -44.23
C ASN D 79 -22.70 -29.80 -43.62
N GLU D 80 -22.78 -29.75 -42.29
CA GLU D 80 -23.93 -29.11 -41.65
C GLU D 80 -23.95 -27.61 -41.93
N VAL D 81 -22.78 -26.97 -41.91
CA VAL D 81 -22.72 -25.52 -42.16
C VAL D 81 -22.93 -25.23 -43.64
N VAL D 82 -22.26 -25.99 -44.51
CA VAL D 82 -22.37 -25.75 -45.95
C VAL D 82 -23.79 -25.97 -46.43
N ASN D 83 -24.47 -26.99 -45.89
CA ASN D 83 -25.82 -27.29 -46.34
C ASN D 83 -26.82 -26.26 -45.84
N PHE D 84 -26.65 -25.79 -44.60
CA PHE D 84 -27.56 -24.77 -44.08
C PHE D 84 -27.45 -23.48 -44.88
N LEU D 85 -26.22 -23.09 -45.25
CA LEU D 85 -26.02 -21.83 -45.95
C LEU D 85 -26.38 -21.96 -47.43
N ARG D 86 -26.04 -23.08 -48.05
CA ARG D 86 -26.34 -23.27 -49.47
C ARG D 86 -27.84 -23.24 -49.73
N ASN D 87 -28.62 -23.80 -48.82
CA ASN D 87 -30.07 -23.80 -48.95
C ASN D 87 -30.72 -22.56 -48.32
N LYS D 88 -29.95 -21.76 -47.58
CA LYS D 88 -30.44 -20.45 -47.17
C LYS D 88 -30.25 -19.43 -48.28
N ASN D 89 -29.14 -19.53 -49.01
CA ASN D 89 -28.90 -18.60 -50.12
C ASN D 89 -29.88 -18.84 -51.27
N PHE D 90 -30.23 -20.10 -51.53
CA PHE D 90 -31.20 -20.40 -52.58
C PHE D 90 -32.56 -19.77 -52.26
N HIS D 91 -33.10 -20.09 -51.09
CA HIS D 91 -34.38 -19.51 -50.67
C HIS D 91 -34.29 -18.00 -50.52
N ASN D 92 -33.08 -17.46 -50.27
CA ASN D 92 -32.92 -16.01 -50.21
C ASN D 92 -33.33 -15.36 -51.52
N LEU D 93 -33.04 -16.00 -52.64
CA LEU D 93 -33.34 -15.46 -53.96
C LEU D 93 -34.54 -16.12 -54.63
N ALA D 94 -34.78 -17.40 -54.35
CA ALA D 94 -35.92 -18.08 -54.96
C ALA D 94 -37.24 -17.58 -54.39
N ASP D 95 -37.25 -17.13 -53.13
CA ASP D 95 -38.48 -16.65 -52.53
C ASP D 95 -38.86 -15.25 -53.00
N MET D 96 -37.87 -14.44 -53.37
CA MET D 96 -38.17 -13.13 -53.92
C MET D 96 -38.89 -13.29 -55.25
N PRO D 97 -40.07 -12.67 -55.42
CA PRO D 97 -40.85 -12.93 -56.64
C PRO D 97 -40.19 -12.47 -57.92
N ASN D 98 -39.38 -11.42 -57.87
CA ASN D 98 -38.80 -10.83 -59.08
C ASN D 98 -37.57 -11.58 -59.59
N ILE D 99 -37.10 -12.60 -58.88
CA ILE D 99 -35.92 -13.36 -59.27
C ILE D 99 -36.36 -14.73 -59.79
N ASP D 100 -35.74 -15.16 -60.89
CA ASP D 100 -35.92 -16.49 -61.43
C ASP D 100 -34.59 -17.21 -61.32
N VAL D 101 -34.51 -18.21 -60.46
CA VAL D 101 -33.29 -19.00 -60.26
C VAL D 101 -33.44 -20.24 -61.12
N ILE D 102 -33.06 -20.12 -62.39
CA ILE D 102 -33.18 -21.21 -63.35
C ILE D 102 -31.86 -21.97 -63.41
N ASP D 103 -31.94 -23.29 -63.35
CA ASP D 103 -30.75 -24.14 -63.32
C ASP D 103 -30.27 -24.44 -64.73
N GLY D 104 -28.97 -24.70 -64.85
CA GLY D 104 -28.38 -25.01 -66.14
C GLY D 104 -27.06 -24.31 -66.39
N GLN D 105 -26.45 -24.57 -67.53
CA GLN D 105 -25.15 -24.00 -67.90
C GLN D 105 -25.34 -22.99 -69.03
N ALA D 106 -24.66 -21.84 -68.90
CA ALA D 106 -24.88 -20.71 -69.78
C ALA D 106 -23.87 -20.69 -70.92
N GLU D 107 -24.33 -20.30 -72.10
CA GLU D 107 -23.48 -20.16 -73.29
C GLU D 107 -24.03 -19.04 -74.15
N PHE D 108 -23.19 -18.05 -74.45
CA PHE D 108 -23.63 -16.85 -75.14
C PHE D 108 -23.97 -17.14 -76.60
N ILE D 109 -25.11 -16.60 -77.06
CA ILE D 109 -25.45 -16.62 -78.48
C ILE D 109 -24.98 -15.35 -79.16
N ASN D 110 -25.27 -14.20 -78.57
CA ASN D 110 -24.96 -12.91 -79.14
C ASN D 110 -24.79 -11.91 -78.00
N ASN D 111 -24.89 -10.61 -78.32
CA ASN D 111 -24.76 -9.60 -77.28
C ASN D 111 -25.89 -9.69 -76.26
N HIS D 112 -27.08 -10.05 -76.71
CA HIS D 112 -28.29 -9.81 -75.92
C HIS D 112 -28.86 -11.06 -75.26
N SER D 113 -28.37 -12.26 -75.57
CA SER D 113 -28.97 -13.47 -75.01
C SER D 113 -27.99 -14.63 -75.13
N LEU D 114 -28.41 -15.78 -74.58
CA LEU D 114 -27.54 -16.93 -74.38
C LEU D 114 -28.37 -18.21 -74.40
N ARG D 115 -27.69 -19.34 -74.61
CA ARG D 115 -28.29 -20.65 -74.47
C ARG D 115 -28.05 -21.19 -73.06
N VAL D 116 -28.99 -22.01 -72.60
CA VAL D 116 -28.88 -22.67 -71.30
C VAL D 116 -29.04 -24.16 -71.53
N HIS D 117 -27.92 -24.88 -71.67
CA HIS D 117 -27.97 -26.34 -71.72
C HIS D 117 -28.47 -26.87 -70.39
N ARG D 118 -29.54 -27.65 -70.42
CA ARG D 118 -30.26 -28.06 -69.22
C ARG D 118 -30.52 -29.56 -69.24
N PRO D 119 -30.76 -30.16 -68.07
CA PRO D 119 -31.05 -31.60 -68.03
C PRO D 119 -32.33 -31.99 -68.76
N GLU D 120 -33.39 -31.17 -68.65
CA GLU D 120 -34.64 -31.49 -69.33
C GLU D 120 -34.62 -30.97 -70.76
N GLY D 121 -34.77 -29.66 -70.91
CA GLY D 121 -34.71 -29.04 -72.23
C GLY D 121 -34.00 -27.71 -72.16
N ASN D 122 -33.35 -27.36 -73.27
CA ASN D 122 -32.58 -26.13 -73.32
C ASN D 122 -33.49 -24.91 -73.17
N LEU D 123 -32.86 -23.73 -73.05
CA LEU D 123 -33.59 -22.50 -72.82
C LEU D 123 -32.85 -21.34 -73.49
N GLU D 124 -33.61 -20.29 -73.81
CA GLU D 124 -33.06 -19.05 -74.37
C GLU D 124 -33.54 -17.90 -73.50
N ILE D 125 -32.60 -17.26 -72.80
CA ILE D 125 -32.90 -16.23 -71.82
C ILE D 125 -32.41 -14.89 -72.38
N HIS D 126 -33.35 -14.00 -72.71
CA HIS D 126 -32.99 -12.70 -73.25
C HIS D 126 -32.93 -11.65 -72.14
N GLY D 127 -32.02 -10.70 -72.31
CA GLY D 127 -31.81 -9.69 -71.29
C GLY D 127 -31.33 -8.35 -71.82
N GLU D 128 -31.88 -7.26 -71.27
CA GLU D 128 -31.42 -5.93 -71.64
C GLU D 128 -30.01 -5.67 -71.11
N LYS D 129 -29.69 -6.21 -69.94
CA LYS D 129 -28.35 -6.11 -69.38
C LYS D 129 -27.94 -7.46 -68.84
N ILE D 130 -26.68 -7.83 -69.06
CA ILE D 130 -26.16 -9.14 -68.68
C ILE D 130 -24.94 -8.94 -67.79
N PHE D 131 -24.82 -9.73 -66.74
CA PHE D 131 -23.74 -9.62 -65.77
C PHE D 131 -23.06 -10.97 -65.62
N ILE D 132 -21.79 -11.04 -65.97
CA ILE D 132 -21.00 -12.25 -65.84
C ILE D 132 -20.41 -12.30 -64.44
N ASN D 133 -20.59 -13.44 -63.77
CA ASN D 133 -20.12 -13.64 -62.41
C ASN D 133 -19.87 -15.14 -62.21
N THR D 134 -18.93 -15.68 -62.98
CA THR D 134 -18.71 -17.12 -63.03
C THR D 134 -17.48 -17.58 -62.25
N GLY D 135 -16.77 -16.66 -61.60
CA GLY D 135 -15.69 -17.06 -60.72
C GLY D 135 -14.51 -17.66 -61.44
N ALA D 136 -13.86 -18.62 -60.79
CA ALA D 136 -12.66 -19.27 -61.29
C ALA D 136 -12.77 -20.78 -61.10
N GLN D 137 -11.75 -21.49 -61.58
CA GLN D 137 -11.69 -22.94 -61.47
C GLN D 137 -10.25 -23.36 -61.21
N THR D 138 -10.08 -24.55 -60.66
CA THR D 138 -8.76 -25.06 -60.35
C THR D 138 -7.97 -25.34 -61.62
N VAL D 139 -6.69 -25.01 -61.60
CA VAL D 139 -5.78 -25.30 -62.71
C VAL D 139 -5.21 -26.70 -62.49
N VAL D 140 -5.42 -27.59 -63.46
CA VAL D 140 -4.87 -28.94 -63.42
C VAL D 140 -3.47 -28.90 -64.01
N PRO D 141 -2.42 -29.02 -63.20
CA PRO D 141 -1.05 -28.83 -63.71
C PRO D 141 -0.67 -29.93 -64.69
N PRO D 142 0.28 -29.65 -65.59
CA PRO D 142 0.59 -30.63 -66.64
C PRO D 142 1.55 -31.72 -66.21
N ILE D 143 1.50 -32.11 -64.94
CA ILE D 143 2.35 -33.21 -64.47
C ILE D 143 1.83 -34.52 -65.05
N PRO D 144 2.68 -35.37 -65.61
CA PRO D 144 2.20 -36.64 -66.18
C PRO D 144 1.55 -37.51 -65.11
N GLY D 145 0.38 -38.04 -65.46
CA GLY D 145 -0.33 -38.99 -64.60
C GLY D 145 -1.10 -38.39 -63.45
N ILE D 146 -1.31 -37.07 -63.44
CA ILE D 146 -1.97 -36.44 -62.30
C ILE D 146 -3.44 -36.88 -62.19
N THR D 147 -4.07 -37.19 -63.32
CA THR D 147 -5.47 -37.63 -63.31
C THR D 147 -5.63 -39.14 -63.39
N THR D 148 -4.56 -39.88 -63.64
CA THR D 148 -4.64 -41.33 -63.77
C THR D 148 -4.55 -42.05 -62.43
N THR D 149 -4.13 -41.36 -61.35
CA THR D 149 -3.92 -42.00 -60.06
C THR D 149 -5.14 -41.85 -59.15
N PRO D 150 -5.32 -42.78 -58.22
CA PRO D 150 -6.28 -42.57 -57.14
C PRO D 150 -5.60 -42.06 -55.88
N GLY D 151 -6.01 -40.88 -55.42
CA GLY D 151 -5.41 -40.30 -54.23
C GLY D 151 -5.12 -38.82 -54.35
N VAL D 152 -5.29 -38.27 -55.56
CA VAL D 152 -5.10 -36.84 -55.79
C VAL D 152 -6.42 -36.14 -55.61
N TYR D 153 -6.37 -34.92 -55.06
CA TYR D 153 -7.56 -34.14 -54.80
C TYR D 153 -7.25 -32.67 -55.01
N ASP D 154 -8.28 -31.90 -55.33
CA ASP D 154 -8.18 -30.45 -55.41
C ASP D 154 -8.75 -29.86 -54.11
N SER D 155 -9.09 -28.58 -54.13
CA SER D 155 -9.67 -27.95 -52.94
C SER D 155 -10.99 -28.62 -52.56
N THR D 156 -11.78 -29.01 -53.55
CA THR D 156 -13.09 -29.61 -53.27
C THR D 156 -12.96 -31.07 -52.84
N GLY D 157 -12.01 -31.81 -53.42
CA GLY D 157 -11.90 -33.22 -53.10
C GLY D 157 -11.46 -33.47 -51.67
N LEU D 158 -10.41 -32.75 -51.23
CA LEU D 158 -9.89 -32.93 -49.88
C LEU D 158 -10.91 -32.58 -48.81
N LEU D 159 -11.92 -31.77 -49.14
CA LEU D 159 -12.93 -31.39 -48.17
C LEU D 159 -13.98 -32.46 -47.95
N ASN D 160 -14.10 -33.41 -48.87
CA ASN D 160 -15.14 -34.44 -48.79
C ASN D 160 -14.59 -35.82 -48.49
N LEU D 161 -13.36 -35.90 -47.97
CA LEU D 161 -12.74 -37.18 -47.69
C LEU D 161 -13.43 -37.89 -46.52
N LYS D 162 -13.06 -39.15 -46.32
CA LYS D 162 -13.70 -40.00 -45.32
C LYS D 162 -12.81 -40.38 -44.15
N GLU D 163 -11.49 -40.23 -44.29
CA GLU D 163 -10.56 -40.62 -43.24
C GLU D 163 -9.36 -39.67 -43.27
N LEU D 164 -8.80 -39.42 -42.10
CA LEU D 164 -7.69 -38.48 -41.98
C LEU D 164 -6.42 -39.08 -42.57
N PRO D 165 -5.86 -38.51 -43.64
CA PRO D 165 -4.61 -39.03 -44.19
C PRO D 165 -3.45 -38.73 -43.25
N GLY D 166 -2.74 -39.78 -42.84
CA GLY D 166 -1.63 -39.62 -41.92
C GLY D 166 -0.46 -38.84 -42.49
N HIS D 167 -0.35 -38.78 -43.82
CA HIS D 167 0.74 -38.06 -44.48
C HIS D 167 0.18 -37.42 -45.74
N LEU D 168 0.01 -36.10 -45.71
CA LEU D 168 -0.61 -35.35 -46.80
C LEU D 168 0.45 -34.58 -47.57
N GLY D 169 0.47 -34.77 -48.89
CA GLY D 169 1.38 -34.03 -49.76
C GLY D 169 0.64 -32.91 -50.46
N ILE D 170 1.27 -31.74 -50.48
CA ILE D 170 0.69 -30.54 -51.06
C ILE D 170 1.62 -30.01 -52.14
N LEU D 171 1.08 -29.79 -53.33
CA LEU D 171 1.85 -29.28 -54.47
C LEU D 171 1.50 -27.81 -54.62
N GLY D 172 2.31 -26.95 -53.98
CA GLY D 172 2.07 -25.53 -54.00
C GLY D 172 2.18 -24.90 -52.63
N GLY D 173 3.09 -23.93 -52.49
CA GLY D 173 3.23 -23.22 -51.23
C GLY D 173 2.48 -21.91 -51.24
N GLY D 174 1.42 -21.84 -52.04
CA GLY D 174 0.60 -20.65 -52.11
C GLY D 174 -0.19 -20.44 -50.84
N TYR D 175 -0.95 -19.33 -50.83
CA TYR D 175 -1.71 -18.97 -49.64
C TYR D 175 -2.74 -20.03 -49.28
N ILE D 176 -3.34 -20.66 -50.29
CA ILE D 176 -4.32 -21.71 -50.01
C ILE D 176 -3.62 -23.00 -49.59
N GLY D 177 -2.46 -23.29 -50.17
CA GLY D 177 -1.72 -24.47 -49.78
C GLY D 177 -1.26 -24.43 -48.33
N VAL D 178 -0.95 -23.24 -47.82
CA VAL D 178 -0.54 -23.12 -46.43
C VAL D 178 -1.75 -23.21 -45.50
N GLU D 179 -2.90 -22.70 -45.93
CA GLU D 179 -4.11 -22.83 -45.12
C GLU D 179 -4.47 -24.30 -44.91
N PHE D 180 -4.25 -25.14 -45.93
CA PHE D 180 -4.50 -26.56 -45.79
C PHE D 180 -3.38 -27.27 -45.02
N ALA D 181 -2.14 -26.77 -45.16
CA ALA D 181 -1.03 -27.38 -44.44
C ALA D 181 -1.16 -27.18 -42.93
N SER D 182 -1.42 -25.94 -42.51
CA SER D 182 -1.62 -25.68 -41.09
C SER D 182 -2.88 -26.35 -40.56
N MET D 183 -3.90 -26.50 -41.41
CA MET D 183 -5.16 -27.08 -40.96
C MET D 183 -5.02 -28.58 -40.73
N PHE D 184 -4.32 -29.28 -41.62
CA PHE D 184 -4.22 -30.74 -41.49
C PHE D 184 -3.16 -31.16 -40.48
N ALA D 185 -2.11 -30.35 -40.29
CA ALA D 185 -1.15 -30.64 -39.24
C ALA D 185 -1.78 -30.54 -37.87
N ASN D 186 -2.79 -29.68 -37.72
CA ASN D 186 -3.47 -29.57 -36.43
C ASN D 186 -4.34 -30.79 -36.14
N PHE D 187 -4.80 -31.48 -37.18
CA PHE D 187 -5.61 -32.68 -36.98
C PHE D 187 -4.79 -33.86 -36.49
N GLY D 188 -3.48 -33.85 -36.72
CA GLY D 188 -2.61 -34.98 -36.42
C GLY D 188 -1.89 -35.54 -37.62
N SER D 189 -2.11 -34.99 -38.81
CA SER D 189 -1.48 -35.44 -40.04
C SER D 189 -0.09 -34.83 -40.21
N LYS D 190 0.72 -35.50 -41.02
CA LYS D 190 2.01 -34.95 -41.43
C LYS D 190 1.87 -34.36 -42.82
N VAL D 191 2.41 -33.16 -43.01
CA VAL D 191 2.22 -32.40 -44.24
C VAL D 191 3.57 -32.15 -44.89
N THR D 192 3.58 -32.15 -46.22
CA THR D 192 4.78 -31.85 -47.00
C THR D 192 4.41 -30.88 -48.11
N ILE D 193 5.02 -29.70 -48.09
CA ILE D 193 4.78 -28.67 -49.09
C ILE D 193 5.93 -28.69 -50.09
N LEU D 194 5.61 -29.03 -51.34
CA LEU D 194 6.56 -28.93 -52.44
C LEU D 194 6.26 -27.66 -53.23
N GLU D 195 7.20 -26.73 -53.25
CA GLU D 195 7.01 -25.44 -53.92
C GLU D 195 8.08 -25.26 -54.99
N ALA D 196 7.69 -24.65 -56.10
CA ALA D 196 8.58 -24.45 -57.24
C ALA D 196 9.04 -22.99 -57.30
N ALA D 197 9.80 -22.61 -56.28
CA ALA D 197 10.39 -21.28 -56.21
C ALA D 197 11.55 -21.31 -55.24
N SER D 198 12.39 -20.28 -55.31
CA SER D 198 13.58 -20.23 -54.46
C SER D 198 13.23 -19.96 -53.01
N LEU D 199 12.10 -19.31 -52.74
CA LEU D 199 11.73 -18.93 -51.40
C LEU D 199 10.31 -19.39 -51.09
N PHE D 200 10.03 -19.55 -49.80
CA PHE D 200 8.70 -19.88 -49.31
C PHE D 200 7.92 -18.58 -49.10
N LEU D 201 6.76 -18.47 -49.74
CA LEU D 201 5.96 -17.25 -49.77
C LEU D 201 6.78 -16.09 -50.32
N PRO D 202 7.14 -16.10 -51.60
CA PRO D 202 8.00 -15.03 -52.13
C PRO D 202 7.37 -13.64 -52.14
N ARG D 203 6.06 -13.53 -51.94
CA ARG D 203 5.38 -12.24 -51.97
C ARG D 203 5.33 -11.57 -50.60
N GLU D 204 5.97 -12.14 -49.59
CA GLU D 204 6.02 -11.55 -48.26
C GLU D 204 7.47 -11.32 -47.85
N ASP D 205 7.65 -10.50 -46.83
CA ASP D 205 8.98 -10.23 -46.30
C ASP D 205 9.61 -11.51 -45.77
N ARG D 206 10.95 -11.52 -45.75
CA ARG D 206 11.66 -12.73 -45.35
C ARG D 206 11.56 -12.97 -43.85
N ASP D 207 11.37 -11.92 -43.05
CA ASP D 207 11.19 -12.11 -41.62
C ASP D 207 9.82 -12.67 -41.29
N ILE D 208 8.81 -12.34 -42.11
CA ILE D 208 7.47 -12.90 -41.90
C ILE D 208 7.38 -14.30 -42.50
N ALA D 209 8.03 -14.53 -43.64
CA ALA D 209 7.99 -15.85 -44.27
C ALA D 209 8.77 -16.87 -43.44
N ASP D 210 9.91 -16.47 -42.88
CA ASP D 210 10.64 -17.37 -42.00
C ASP D 210 9.85 -17.70 -40.75
N ASN D 211 9.15 -16.72 -40.18
CA ASN D 211 8.34 -16.96 -39.00
C ASN D 211 7.21 -17.93 -39.29
N ILE D 212 6.55 -17.77 -40.44
CA ILE D 212 5.53 -18.73 -40.84
C ILE D 212 6.14 -20.10 -41.06
N ALA D 213 7.35 -20.14 -41.65
CA ALA D 213 8.01 -21.42 -41.91
C ALA D 213 8.32 -22.15 -40.62
N THR D 214 8.81 -21.42 -39.60
CA THR D 214 9.18 -22.08 -38.35
C THR D 214 7.94 -22.60 -37.62
N ILE D 215 6.82 -21.87 -37.69
CA ILE D 215 5.59 -22.34 -37.06
C ILE D 215 5.12 -23.63 -37.70
N LEU D 216 5.15 -23.69 -39.03
CA LEU D 216 4.70 -24.88 -39.74
C LEU D 216 5.61 -26.07 -39.45
N ARG D 217 6.93 -25.86 -39.52
CA ARG D 217 7.87 -26.96 -39.28
C ARG D 217 7.83 -27.42 -37.83
N ASP D 218 7.46 -26.53 -36.90
CA ASP D 218 7.28 -26.93 -35.51
C ASP D 218 6.07 -27.82 -35.29
N GLN D 219 5.27 -28.06 -36.34
CA GLN D 219 4.15 -28.99 -36.27
C GLN D 219 4.27 -30.11 -37.30
N GLY D 220 5.49 -30.36 -37.79
CA GLY D 220 5.75 -31.47 -38.67
C GLY D 220 5.75 -31.14 -40.15
N VAL D 221 5.39 -29.91 -40.53
CA VAL D 221 5.29 -29.56 -41.94
C VAL D 221 6.70 -29.45 -42.53
N ASP D 222 6.97 -30.25 -43.56
CA ASP D 222 8.23 -30.19 -44.29
C ASP D 222 8.04 -29.24 -45.48
N ILE D 223 8.74 -28.11 -45.44
CA ILE D 223 8.67 -27.11 -46.51
C ILE D 223 9.85 -27.37 -47.44
N ILE D 224 9.55 -27.84 -48.64
CA ILE D 224 10.55 -28.23 -49.63
C ILE D 224 10.56 -27.18 -50.73
N LEU D 225 11.69 -26.49 -50.89
CA LEU D 225 11.85 -25.44 -51.89
C LEU D 225 12.61 -25.98 -53.10
N ASN D 226 12.49 -25.25 -54.20
CA ASN D 226 13.13 -25.61 -55.48
C ASN D 226 12.66 -26.98 -55.97
N ALA D 227 11.43 -27.34 -55.66
CA ALA D 227 10.89 -28.64 -56.05
C ALA D 227 10.53 -28.65 -57.53
N HIS D 228 10.68 -29.82 -58.15
CA HIS D 228 10.37 -30.03 -59.57
C HIS D 228 9.77 -31.43 -59.71
N VAL D 229 8.44 -31.50 -59.62
CA VAL D 229 7.75 -32.78 -59.71
C VAL D 229 7.69 -33.21 -61.17
N GLU D 230 8.06 -34.47 -61.44
CA GLU D 230 8.15 -34.98 -62.79
C GLU D 230 7.07 -36.00 -63.14
N ARG D 231 6.59 -36.78 -62.17
CA ARG D 231 5.67 -37.86 -62.45
C ARG D 231 4.89 -38.19 -61.19
N ILE D 232 3.63 -38.61 -61.38
CA ILE D 232 2.74 -38.97 -60.28
C ILE D 232 2.28 -40.40 -60.52
N SER D 233 2.53 -41.27 -59.55
CA SER D 233 2.27 -42.70 -59.66
C SER D 233 1.32 -43.16 -58.56
N HIS D 234 0.96 -44.45 -58.59
CA HIS D 234 0.16 -45.10 -57.55
C HIS D 234 0.78 -46.49 -57.33
N HIS D 235 1.88 -46.50 -56.57
CA HIS D 235 2.69 -47.71 -56.42
C HIS D 235 2.26 -48.56 -55.22
N GLU D 236 2.71 -48.19 -54.03
CA GLU D 236 2.57 -49.02 -52.84
C GLU D 236 1.51 -48.45 -51.91
N ASN D 237 0.25 -48.53 -52.34
CA ASN D 237 -0.91 -48.06 -51.61
C ASN D 237 -0.86 -46.57 -51.31
N GLN D 238 0.08 -45.84 -51.90
CA GLN D 238 0.24 -44.41 -51.67
C GLN D 238 0.39 -43.70 -53.01
N VAL D 239 0.38 -42.37 -52.95
CA VAL D 239 0.62 -41.52 -54.11
C VAL D 239 2.09 -41.12 -54.08
N GLN D 240 2.84 -41.53 -55.10
CA GLN D 240 4.26 -41.26 -55.19
C GLN D 240 4.50 -40.11 -56.16
N VAL D 241 5.15 -39.06 -55.68
CA VAL D 241 5.55 -37.94 -56.53
C VAL D 241 7.04 -38.10 -56.83
N HIS D 242 7.38 -38.16 -58.11
CA HIS D 242 8.76 -38.40 -58.54
C HIS D 242 9.41 -37.07 -58.88
N SER D 243 10.46 -36.71 -58.15
CA SER D 243 11.26 -35.54 -58.44
C SER D 243 12.40 -35.95 -59.36
N GLU D 244 13.45 -35.11 -59.45
CA GLU D 244 14.55 -35.40 -60.36
C GLU D 244 15.28 -36.68 -59.97
N HIS D 245 15.52 -36.88 -58.67
CA HIS D 245 16.19 -38.08 -58.20
C HIS D 245 15.65 -38.59 -56.87
N ALA D 246 14.57 -38.00 -56.35
CA ALA D 246 13.93 -38.46 -55.13
C ALA D 246 12.49 -38.84 -55.43
N GLN D 247 11.89 -39.57 -54.49
CA GLN D 247 10.50 -40.01 -54.63
C GLN D 247 9.84 -39.97 -53.26
N LEU D 248 8.87 -39.08 -53.10
CA LEU D 248 8.13 -38.94 -51.86
C LEU D 248 6.79 -39.65 -51.97
N ALA D 249 6.34 -40.26 -50.87
CA ALA D 249 5.11 -41.04 -50.83
C ALA D 249 4.17 -40.45 -49.80
N VAL D 250 2.90 -40.29 -50.19
CA VAL D 250 1.88 -39.68 -49.33
C VAL D 250 0.58 -40.46 -49.46
N ASP D 251 -0.25 -40.33 -48.42
CA ASP D 251 -1.57 -40.97 -48.42
C ASP D 251 -2.59 -40.20 -49.24
N ALA D 252 -2.34 -38.91 -49.49
CA ALA D 252 -3.21 -38.10 -50.33
C ALA D 252 -2.42 -36.91 -50.83
N LEU D 253 -2.74 -36.45 -52.04
CA LEU D 253 -2.01 -35.38 -52.70
C LEU D 253 -2.97 -34.24 -53.03
N LEU D 254 -2.70 -33.06 -52.47
CA LEU D 254 -3.51 -31.87 -52.69
C LEU D 254 -2.89 -31.01 -53.78
N ILE D 255 -3.72 -30.53 -54.69
CA ILE D 255 -3.29 -29.63 -55.76
C ILE D 255 -3.60 -28.21 -55.30
N ALA D 256 -2.60 -27.57 -54.69
CA ALA D 256 -2.70 -26.17 -54.29
C ALA D 256 -2.29 -25.22 -55.39
N SER D 257 -2.72 -25.50 -56.63
CA SER D 257 -2.36 -24.66 -57.76
C SER D 257 -3.03 -23.31 -57.64
N GLY D 258 -2.75 -22.45 -58.63
CA GLY D 258 -3.53 -21.25 -58.81
C GLY D 258 -4.92 -21.61 -59.31
N ARG D 259 -5.71 -20.58 -59.59
CA ARG D 259 -7.04 -20.76 -60.13
C ARG D 259 -7.30 -19.68 -61.17
N GLN D 260 -7.90 -20.08 -62.29
CA GLN D 260 -8.04 -19.22 -63.45
C GLN D 260 -9.51 -18.93 -63.74
N PRO D 261 -9.82 -17.74 -64.26
CA PRO D 261 -11.22 -17.39 -64.55
C PRO D 261 -11.89 -18.41 -65.47
N ALA D 262 -13.19 -18.56 -65.29
CA ALA D 262 -14.00 -19.54 -66.02
C ALA D 262 -14.85 -18.80 -67.06
N THR D 263 -14.36 -18.73 -68.29
CA THR D 263 -15.08 -18.09 -69.38
C THR D 263 -15.28 -18.99 -70.60
N ALA D 264 -14.49 -20.05 -70.75
CA ALA D 264 -14.73 -21.02 -71.82
C ALA D 264 -16.12 -21.59 -71.73
N SER D 265 -16.63 -21.78 -70.51
CA SER D 265 -18.04 -22.10 -70.32
C SER D 265 -18.96 -21.22 -71.17
N LEU D 266 -18.74 -19.90 -71.17
CA LEU D 266 -19.75 -18.99 -71.73
C LEU D 266 -19.66 -18.85 -73.25
N HIS D 267 -18.55 -19.28 -73.85
CA HIS D 267 -18.23 -18.99 -75.23
C HIS D 267 -18.37 -17.49 -75.48
N PRO D 268 -17.59 -16.66 -74.77
CA PRO D 268 -17.83 -15.21 -74.80
C PRO D 268 -17.51 -14.57 -76.14
N GLU D 269 -16.97 -15.33 -77.10
CA GLU D 269 -16.66 -14.78 -78.40
C GLU D 269 -17.91 -14.42 -79.18
N ASN D 270 -19.01 -15.13 -78.94
CA ASN D 270 -20.25 -14.85 -79.66
C ASN D 270 -20.86 -13.51 -79.24
N ALA D 271 -20.65 -13.10 -78.00
CA ALA D 271 -21.19 -11.85 -77.48
C ALA D 271 -20.23 -10.68 -77.62
N GLY D 272 -19.08 -10.89 -78.25
CA GLY D 272 -18.12 -9.82 -78.38
C GLY D 272 -17.34 -9.53 -77.12
N ILE D 273 -17.37 -10.43 -76.14
CA ILE D 273 -16.64 -10.23 -74.90
C ILE D 273 -15.20 -10.69 -75.10
N ALA D 274 -14.26 -9.76 -74.99
CA ALA D 274 -12.85 -10.07 -75.16
C ALA D 274 -12.29 -10.63 -73.86
N VAL D 275 -11.65 -11.79 -73.94
CA VAL D 275 -10.93 -12.40 -72.83
C VAL D 275 -9.45 -12.40 -73.16
N ASN D 276 -8.62 -12.20 -72.13
CA ASN D 276 -7.18 -12.25 -72.35
C ASN D 276 -6.73 -13.72 -72.38
N GLU D 277 -5.42 -13.91 -72.59
CA GLU D 277 -4.89 -15.26 -72.75
C GLU D 277 -4.97 -16.07 -71.46
N ARG D 278 -5.01 -15.43 -70.30
CA ARG D 278 -5.18 -16.16 -69.05
C ARG D 278 -6.64 -16.49 -68.76
N GLY D 279 -7.57 -16.00 -69.57
CA GLY D 279 -8.97 -16.36 -69.47
C GLY D 279 -9.87 -15.28 -68.92
N ALA D 280 -9.31 -14.25 -68.30
CA ALA D 280 -10.12 -13.23 -67.63
C ALA D 280 -10.81 -12.33 -68.65
N THR D 281 -12.04 -11.93 -68.32
CA THR D 281 -12.76 -10.95 -69.13
C THR D 281 -12.08 -9.59 -68.97
N VAL D 282 -11.39 -9.13 -70.03
CA VAL D 282 -10.80 -7.80 -70.00
C VAL D 282 -11.90 -6.78 -69.75
N VAL D 283 -11.67 -5.90 -68.77
CA VAL D 283 -12.74 -5.10 -68.19
C VAL D 283 -12.16 -3.76 -67.76
N ASP D 284 -13.05 -2.77 -67.58
CA ASP D 284 -12.64 -1.40 -67.32
C ASP D 284 -12.95 -1.01 -65.88
N LYS D 285 -12.88 0.29 -65.61
CA LYS D 285 -13.01 0.81 -64.25
C LYS D 285 -14.37 0.48 -63.65
N ARG D 286 -15.45 0.69 -64.42
CA ARG D 286 -16.80 0.39 -63.96
C ARG D 286 -17.26 -1.00 -64.38
N LEU D 287 -16.32 -1.88 -64.71
CA LEU D 287 -16.58 -3.30 -64.94
C LEU D 287 -17.47 -3.53 -66.17
N HIS D 288 -17.28 -2.70 -67.19
CA HIS D 288 -17.86 -2.93 -68.51
C HIS D 288 -16.91 -3.78 -69.33
N THR D 289 -17.46 -4.76 -70.06
CA THR D 289 -16.66 -5.56 -70.97
C THR D 289 -16.66 -4.89 -72.35
N THR D 290 -16.22 -5.61 -73.37
CA THR D 290 -16.20 -5.08 -74.73
C THR D 290 -17.58 -5.13 -75.40
N ALA D 291 -18.54 -5.84 -74.82
CA ALA D 291 -19.92 -5.65 -75.19
C ALA D 291 -20.50 -4.47 -74.43
N ASP D 292 -21.54 -3.85 -75.00
CA ASP D 292 -21.97 -2.55 -74.48
C ASP D 292 -22.82 -2.69 -73.22
N ASN D 293 -23.79 -3.61 -73.22
CA ASN D 293 -24.66 -3.74 -72.06
C ASN D 293 -24.40 -5.05 -71.31
N ILE D 294 -23.12 -5.34 -71.06
CA ILE D 294 -22.74 -6.54 -70.33
C ILE D 294 -21.64 -6.15 -69.34
N TRP D 295 -21.78 -6.63 -68.09
CA TRP D 295 -20.79 -6.41 -67.05
C TRP D 295 -20.15 -7.73 -66.65
N ALA D 296 -19.02 -7.62 -65.95
CA ALA D 296 -18.33 -8.78 -65.40
C ALA D 296 -17.83 -8.43 -64.00
N MET D 297 -18.12 -9.29 -63.03
CA MET D 297 -17.77 -9.04 -61.64
C MET D 297 -17.14 -10.29 -61.02
N GLY D 298 -16.25 -10.05 -60.06
CA GLY D 298 -15.68 -11.14 -59.29
C GLY D 298 -14.33 -11.63 -59.79
N ASP D 299 -14.02 -12.89 -59.50
CA ASP D 299 -12.73 -13.45 -59.89
C ASP D 299 -12.59 -13.59 -61.40
N VAL D 300 -13.72 -13.74 -62.12
CA VAL D 300 -13.68 -13.87 -63.57
C VAL D 300 -13.09 -12.64 -64.23
N THR D 301 -13.03 -11.53 -63.51
CA THR D 301 -12.40 -10.32 -64.03
C THR D 301 -10.88 -10.48 -64.15
N GLY D 302 -10.29 -11.33 -63.32
CA GLY D 302 -8.84 -11.45 -63.25
C GLY D 302 -8.21 -10.69 -62.11
N GLY D 303 -9.01 -10.00 -61.29
CA GLY D 303 -8.50 -9.30 -60.13
C GLY D 303 -8.22 -10.26 -58.99
N LEU D 304 -7.87 -9.67 -57.84
CA LEU D 304 -7.58 -10.47 -56.66
C LEU D 304 -8.81 -11.30 -56.28
N GLN D 305 -8.57 -12.59 -56.01
CA GLN D 305 -9.65 -13.56 -55.85
C GLN D 305 -10.08 -13.58 -54.38
N PHE D 306 -10.94 -12.63 -54.01
CA PHE D 306 -11.42 -12.50 -52.65
C PHE D 306 -12.92 -12.25 -52.65
N THR D 307 -13.57 -12.75 -51.61
CA THR D 307 -15.02 -12.53 -51.45
C THR D 307 -15.37 -11.07 -51.31
N TYR D 308 -14.53 -10.29 -50.62
CA TYR D 308 -14.79 -8.87 -50.43
C TYR D 308 -14.46 -8.05 -51.67
N ILE D 309 -13.63 -8.58 -52.57
CA ILE D 309 -13.41 -7.91 -53.85
C ILE D 309 -14.60 -8.12 -54.76
N SER D 310 -15.19 -9.32 -54.75
CA SER D 310 -16.40 -9.56 -55.51
C SER D 310 -17.55 -8.70 -55.00
N LEU D 311 -17.69 -8.59 -53.67
CA LEU D 311 -18.75 -7.77 -53.09
C LEU D 311 -18.60 -6.30 -53.51
N ASP D 312 -17.36 -5.80 -53.56
CA ASP D 312 -17.14 -4.42 -53.97
C ASP D 312 -17.39 -4.23 -55.46
N ASP D 313 -17.22 -5.28 -56.27
CA ASP D 313 -17.57 -5.19 -57.67
C ASP D 313 -19.07 -4.96 -57.84
N TYR D 314 -19.88 -5.52 -56.95
CA TYR D 314 -21.31 -5.26 -56.97
C TYR D 314 -21.61 -3.81 -56.61
N ARG D 315 -20.85 -3.25 -55.65
CA ARG D 315 -21.09 -1.87 -55.24
C ARG D 315 -20.81 -0.90 -56.37
N ILE D 316 -19.79 -1.17 -57.17
CA ILE D 316 -19.49 -0.32 -58.33
C ILE D 316 -20.63 -0.39 -59.34
N VAL D 317 -21.10 -1.60 -59.63
CA VAL D 317 -22.13 -1.77 -60.65
C VAL D 317 -23.48 -1.26 -60.16
N ARG D 318 -23.78 -1.46 -58.88
CA ARG D 318 -25.02 -0.92 -58.33
C ARG D 318 -25.02 0.60 -58.38
N ASP D 319 -23.86 1.22 -58.15
CA ASP D 319 -23.76 2.67 -58.20
C ASP D 319 -24.07 3.20 -59.59
N GLU D 320 -23.77 2.43 -60.64
CA GLU D 320 -24.03 2.89 -62.00
C GLU D 320 -25.49 2.70 -62.39
N LEU D 321 -26.08 1.56 -62.02
CA LEU D 321 -27.44 1.25 -62.45
C LEU D 321 -28.49 1.99 -61.62
N LEU D 322 -28.17 2.33 -60.38
CA LEU D 322 -29.16 2.96 -59.50
C LEU D 322 -28.68 4.27 -58.90
N GLY D 323 -27.42 4.35 -58.47
CA GLY D 323 -26.93 5.56 -57.84
C GLY D 323 -26.37 6.59 -58.80
N GLU D 324 -25.31 7.28 -58.39
CA GLU D 324 -24.69 8.27 -59.27
C GLU D 324 -23.91 7.60 -60.39
N GLY D 325 -22.85 6.88 -60.05
CA GLY D 325 -22.01 6.23 -61.02
C GLY D 325 -20.56 6.63 -60.88
N LYS D 326 -20.22 7.22 -59.73
CA LYS D 326 -18.87 7.71 -59.48
C LYS D 326 -17.91 6.61 -59.03
N ARG D 327 -18.42 5.45 -58.63
CA ARG D 327 -17.55 4.39 -58.12
C ARG D 327 -16.81 3.71 -59.26
N SER D 328 -15.55 3.33 -58.98
CA SER D 328 -14.70 2.70 -59.98
C SER D 328 -13.77 1.71 -59.27
N THR D 329 -12.95 1.02 -60.07
CA THR D 329 -12.01 0.06 -59.49
C THR D 329 -10.77 0.74 -58.92
N ASP D 330 -10.32 1.84 -59.54
CA ASP D 330 -9.20 2.58 -58.97
C ASP D 330 -9.56 3.28 -57.67
N ASP D 331 -10.85 3.29 -57.30
CA ASP D 331 -11.25 3.77 -55.99
C ASP D 331 -10.74 2.86 -54.87
N ARG D 332 -10.43 1.61 -55.18
CA ARG D 332 -9.99 0.65 -54.17
C ARG D 332 -8.53 0.91 -53.81
N LYS D 333 -8.26 1.00 -52.51
CA LYS D 333 -6.91 1.23 -52.01
C LYS D 333 -6.66 0.34 -50.81
N ASN D 334 -5.46 -0.26 -50.76
CA ASN D 334 -4.99 -1.02 -49.61
C ASN D 334 -5.96 -2.15 -49.24
N VAL D 335 -6.29 -2.98 -50.22
CA VAL D 335 -7.25 -4.07 -50.00
C VAL D 335 -6.65 -5.10 -49.06
N PRO D 336 -7.37 -5.57 -48.05
CA PRO D 336 -6.82 -6.54 -47.10
C PRO D 336 -6.81 -7.96 -47.65
N TYR D 337 -6.04 -8.80 -46.97
CA TYR D 337 -6.12 -10.24 -47.17
C TYR D 337 -5.59 -10.94 -45.94
N SER D 338 -6.09 -12.15 -45.71
CA SER D 338 -5.75 -12.94 -44.54
C SER D 338 -5.51 -14.38 -44.97
N VAL D 339 -4.49 -15.01 -44.40
CA VAL D 339 -4.15 -16.40 -44.66
C VAL D 339 -4.42 -17.17 -43.37
N PHE D 340 -5.48 -17.98 -43.38
CA PHE D 340 -6.02 -18.54 -42.14
C PHE D 340 -5.29 -19.83 -41.76
N MET D 341 -4.04 -19.65 -41.35
CA MET D 341 -3.33 -20.66 -40.57
C MET D 341 -3.63 -20.40 -39.09
N THR D 342 -2.85 -21.02 -38.22
CA THR D 342 -2.90 -20.72 -36.79
C THR D 342 -1.48 -20.38 -36.34
N PRO D 343 -1.16 -19.11 -36.06
CA PRO D 343 -2.02 -17.93 -36.13
C PRO D 343 -2.12 -17.33 -37.54
N PRO D 344 -3.22 -16.64 -37.84
CA PRO D 344 -3.41 -16.10 -39.18
C PRO D 344 -2.47 -14.94 -39.48
N LEU D 345 -2.24 -14.73 -40.78
CA LEU D 345 -1.40 -13.64 -41.27
C LEU D 345 -2.29 -12.66 -42.04
N SER D 346 -2.26 -11.39 -41.64
CA SER D 346 -3.04 -10.34 -42.26
C SER D 346 -2.11 -9.28 -42.85
N ARG D 347 -2.52 -8.69 -43.96
CA ARG D 347 -1.68 -7.73 -44.68
C ARG D 347 -2.53 -6.68 -45.40
N VAL D 348 -2.11 -5.42 -45.29
CA VAL D 348 -2.51 -4.35 -46.21
C VAL D 348 -1.29 -3.47 -46.45
N GLY D 349 -1.21 -2.94 -47.66
CA GLY D 349 -0.13 -2.03 -47.98
C GLY D 349 1.13 -2.75 -48.41
N MET D 350 2.22 -1.99 -48.50
CA MET D 350 3.48 -2.54 -48.91
C MET D 350 4.16 -3.25 -47.75
N THR D 351 5.20 -4.02 -48.06
CA THR D 351 6.05 -4.65 -47.07
C THR D 351 7.30 -3.79 -46.87
N GLU D 352 8.18 -4.23 -45.98
CA GLU D 352 9.45 -3.53 -45.79
C GLU D 352 10.29 -3.60 -47.05
N GLU D 353 10.31 -4.76 -47.71
CA GLU D 353 11.10 -4.92 -48.93
C GLU D 353 10.55 -4.09 -50.07
N GLN D 354 9.24 -3.90 -50.14
CA GLN D 354 8.60 -3.15 -51.21
C GLN D 354 8.32 -1.70 -50.85
N ALA D 355 8.62 -1.29 -49.62
CA ALA D 355 8.55 0.13 -49.27
C ALA D 355 9.88 0.84 -49.47
N ARG D 356 10.99 0.11 -49.41
CA ARG D 356 12.29 0.71 -49.68
C ARG D 356 12.46 1.00 -51.16
N GLU D 357 12.11 0.05 -52.02
CA GLU D 357 12.27 0.26 -53.46
C GLU D 357 11.36 1.36 -53.99
N SER D 358 10.28 1.67 -53.27
CA SER D 358 9.43 2.80 -53.64
C SER D 358 10.09 4.13 -53.37
N GLY D 359 11.26 4.14 -52.73
CA GLY D 359 11.99 5.36 -52.48
C GLY D 359 11.33 6.27 -51.46
N ALA D 360 11.40 5.88 -50.18
CA ALA D 360 10.79 6.66 -49.11
C ALA D 360 11.60 6.47 -47.84
N ASP D 361 11.68 7.54 -47.04
CA ASP D 361 12.36 7.51 -45.75
C ASP D 361 11.42 6.83 -44.75
N ILE D 362 11.48 5.51 -44.71
CA ILE D 362 10.54 4.71 -43.93
C ILE D 362 11.17 4.31 -42.60
N GLN D 363 10.32 3.91 -41.66
CA GLN D 363 10.74 3.37 -40.38
C GLN D 363 9.93 2.11 -40.13
N VAL D 364 10.60 0.98 -39.91
CA VAL D 364 9.96 -0.31 -39.73
C VAL D 364 9.96 -0.66 -38.25
N VAL D 365 8.83 -1.16 -37.76
CA VAL D 365 8.63 -1.46 -36.35
C VAL D 365 7.96 -2.82 -36.21
N THR D 366 8.51 -3.66 -35.34
CA THR D 366 7.96 -4.99 -35.09
C THR D 366 7.72 -5.17 -33.59
N LEU D 367 6.78 -6.05 -33.26
CA LEU D 367 6.41 -6.35 -31.89
C LEU D 367 6.18 -7.85 -31.72
N PRO D 368 6.98 -8.54 -30.92
CA PRO D 368 6.76 -9.97 -30.70
C PRO D 368 5.43 -10.22 -30.02
N VAL D 369 4.73 -11.26 -30.49
CA VAL D 369 3.42 -11.60 -29.94
C VAL D 369 3.54 -12.10 -28.50
N ALA D 370 4.71 -12.60 -28.10
CA ALA D 370 4.92 -12.99 -26.71
C ALA D 370 4.68 -11.84 -25.74
N ALA D 371 4.75 -10.60 -26.21
CA ALA D 371 4.49 -9.42 -25.40
C ALA D 371 3.04 -8.95 -25.50
N ILE D 372 2.15 -9.76 -26.05
CA ILE D 372 0.73 -9.45 -26.14
C ILE D 372 0.01 -10.29 -25.08
N PRO D 373 -0.42 -9.70 -23.96
CA PRO D 373 -1.07 -10.51 -22.91
C PRO D 373 -2.36 -11.18 -23.35
N ARG D 374 -2.98 -10.72 -24.44
CA ARG D 374 -4.21 -11.36 -24.91
C ARG D 374 -3.93 -12.68 -25.62
N ALA D 375 -2.80 -12.75 -26.36
CA ALA D 375 -2.41 -14.02 -26.96
C ALA D 375 -2.06 -15.04 -25.89
N ARG D 376 -1.41 -14.61 -24.81
CA ARG D 376 -1.17 -15.49 -23.68
C ARG D 376 -2.48 -15.95 -23.06
N VAL D 377 -3.47 -15.06 -23.00
CA VAL D 377 -4.79 -15.44 -22.52
C VAL D 377 -5.40 -16.51 -23.40
N MET D 378 -5.23 -16.37 -24.72
CA MET D 378 -5.81 -17.30 -25.69
C MET D 378 -4.90 -18.50 -25.98
N ASN D 379 -3.79 -18.64 -25.25
CA ASN D 379 -2.93 -19.81 -25.36
C ASN D 379 -2.34 -19.97 -26.77
N ASP D 380 -1.83 -18.86 -27.31
CA ASP D 380 -1.15 -18.88 -28.59
C ASP D 380 -0.27 -17.64 -28.75
N THR D 381 0.91 -17.65 -28.16
CA THR D 381 1.83 -16.52 -28.21
C THR D 381 2.73 -16.56 -29.44
N ARG D 382 2.34 -17.28 -30.48
CA ARG D 382 3.16 -17.41 -31.67
C ARG D 382 3.00 -16.19 -32.57
N GLY D 383 4.02 -15.95 -33.39
CA GLY D 383 3.96 -14.93 -34.42
C GLY D 383 4.67 -13.65 -34.05
N VAL D 384 4.41 -12.63 -34.85
CA VAL D 384 5.03 -11.32 -34.66
C VAL D 384 4.13 -10.27 -35.30
N LEU D 385 4.12 -9.08 -34.71
CA LEU D 385 3.50 -7.92 -35.34
C LEU D 385 4.58 -7.13 -36.08
N LYS D 386 4.18 -6.51 -37.19
CA LYS D 386 5.13 -5.72 -37.97
C LYS D 386 4.37 -4.65 -38.74
N ALA D 387 4.93 -3.44 -38.73
CA ALA D 387 4.36 -2.32 -39.46
C ALA D 387 5.50 -1.43 -39.95
N ILE D 388 5.18 -0.59 -40.91
CA ILE D 388 6.15 0.38 -41.41
C ILE D 388 5.50 1.77 -41.32
N VAL D 389 6.34 2.79 -41.14
CA VAL D 389 5.87 4.16 -41.05
C VAL D 389 6.75 5.03 -41.93
N ASP D 390 6.13 5.97 -42.64
CA ASP D 390 6.85 6.94 -43.44
C ASP D 390 7.13 8.17 -42.58
N ASN D 391 8.41 8.50 -42.42
CA ASN D 391 8.80 9.55 -41.48
C ASN D 391 8.35 10.95 -41.92
N LYS D 392 8.14 11.17 -43.21
CA LYS D 392 7.74 12.49 -43.68
C LYS D 392 6.24 12.74 -43.51
N THR D 393 5.41 11.74 -43.83
CA THR D 393 3.97 11.91 -43.75
C THR D 393 3.36 11.30 -42.49
N GLN D 394 4.14 10.59 -41.68
CA GLN D 394 3.68 9.97 -40.43
C GLN D 394 2.57 8.95 -40.66
N ARG D 395 2.41 8.48 -41.89
CA ARG D 395 1.34 7.56 -42.24
C ARG D 395 1.90 6.16 -42.47
N MET D 396 1.11 5.16 -42.09
CA MET D 396 1.47 3.77 -42.36
C MET D 396 1.11 3.41 -43.79
N LEU D 397 2.02 2.74 -44.48
CA LEU D 397 1.79 2.25 -45.83
C LEU D 397 1.82 0.73 -45.89
N GLY D 398 1.68 0.05 -44.75
CA GLY D 398 1.88 -1.38 -44.69
C GLY D 398 1.89 -1.96 -43.29
N ALA D 399 1.22 -3.09 -43.11
CA ALA D 399 1.15 -3.77 -41.83
C ALA D 399 1.08 -5.27 -42.08
N SER D 400 1.72 -6.04 -41.20
CA SER D 400 1.74 -7.50 -41.32
C SER D 400 1.55 -8.07 -39.91
N LEU D 401 0.34 -8.57 -39.64
CA LEU D 401 -0.04 -9.08 -38.32
C LEU D 401 -0.07 -10.59 -38.37
N LEU D 402 0.96 -11.22 -37.80
CA LEU D 402 1.03 -12.67 -37.65
C LEU D 402 0.68 -12.99 -36.20
N CYS D 403 -0.62 -13.12 -35.93
CA CYS D 403 -1.08 -13.34 -34.57
C CYS D 403 -2.52 -13.84 -34.62
N VAL D 404 -2.96 -14.41 -33.49
CA VAL D 404 -4.36 -14.82 -33.39
C VAL D 404 -5.25 -13.59 -33.50
N ASP D 405 -6.42 -13.80 -34.11
CA ASP D 405 -7.41 -12.73 -34.33
C ASP D 405 -6.85 -11.59 -35.16
N SER D 406 -5.78 -11.83 -35.94
CA SER D 406 -5.23 -10.78 -36.78
C SER D 406 -6.15 -10.42 -37.93
N HIS D 407 -6.96 -11.38 -38.39
CA HIS D 407 -7.88 -11.13 -39.49
C HIS D 407 -8.93 -10.07 -39.16
N GLU D 408 -9.05 -9.68 -37.90
CA GLU D 408 -9.95 -8.60 -37.51
C GLU D 408 -9.23 -7.36 -37.01
N MET D 409 -8.01 -7.50 -36.47
CA MET D 409 -7.24 -6.34 -36.07
C MET D 409 -6.93 -5.44 -37.26
N ILE D 410 -6.66 -6.04 -38.42
CA ILE D 410 -6.13 -5.29 -39.55
C ILE D 410 -7.19 -4.43 -40.22
N ASN D 411 -8.48 -4.76 -40.04
CA ASN D 411 -9.51 -3.85 -40.53
C ASN D 411 -9.39 -2.48 -39.87
N ILE D 412 -8.95 -2.43 -38.62
CA ILE D 412 -8.69 -1.17 -37.96
C ILE D 412 -7.56 -0.42 -38.67
N VAL D 413 -6.43 -1.10 -38.89
CA VAL D 413 -5.31 -0.48 -39.58
C VAL D 413 -5.68 -0.11 -41.01
N LYS D 414 -6.46 -0.96 -41.67
CA LYS D 414 -6.90 -0.67 -43.03
C LYS D 414 -7.74 0.60 -43.08
N MET D 415 -8.64 0.77 -42.12
CA MET D 415 -9.47 1.97 -42.08
C MET D 415 -8.64 3.21 -41.80
N VAL D 416 -7.57 3.09 -41.01
CA VAL D 416 -6.74 4.25 -40.71
C VAL D 416 -5.98 4.69 -41.95
N MET D 417 -5.54 3.73 -42.77
CA MET D 417 -4.86 4.08 -44.02
C MET D 417 -5.82 4.69 -45.02
N ASP D 418 -7.10 4.28 -45.00
CA ASP D 418 -8.07 4.80 -45.96
C ASP D 418 -8.29 6.30 -45.75
N ALA D 419 -8.53 6.71 -44.50
CA ALA D 419 -8.71 8.11 -44.18
C ALA D 419 -7.40 8.90 -44.16
N GLY D 420 -6.28 8.27 -44.50
CA GLY D 420 -5.01 8.97 -44.55
C GLY D 420 -4.57 9.57 -43.24
N LEU D 421 -5.01 8.98 -42.12
CA LEU D 421 -4.65 9.52 -40.82
C LEU D 421 -3.25 9.04 -40.40
N PRO D 422 -2.55 9.83 -39.59
CA PRO D 422 -1.22 9.41 -39.11
C PRO D 422 -1.21 8.13 -38.29
N TYR D 423 -0.01 7.68 -37.90
CA TYR D 423 0.12 6.50 -37.06
C TYR D 423 -0.14 6.81 -35.58
N SER D 424 -0.11 8.08 -35.20
CA SER D 424 -0.34 8.45 -33.80
C SER D 424 -1.75 8.12 -33.34
N ILE D 425 -2.69 7.95 -34.27
CA ILE D 425 -4.06 7.59 -33.91
C ILE D 425 -4.07 6.24 -33.20
N LEU D 426 -3.34 5.27 -33.77
CA LEU D 426 -3.34 3.92 -33.20
C LEU D 426 -2.47 3.83 -31.94
N ARG D 427 -1.46 4.70 -31.82
CA ARG D 427 -0.60 4.68 -30.63
C ARG D 427 -1.33 5.26 -29.42
N ASP D 428 -2.26 6.18 -29.63
CA ASP D 428 -2.89 6.92 -28.55
C ASP D 428 -4.37 6.59 -28.35
N GLN D 429 -4.93 5.67 -29.12
CA GLN D 429 -6.34 5.35 -29.00
C GLN D 429 -6.60 4.47 -27.77
N ILE D 430 -7.76 4.69 -27.14
CA ILE D 430 -8.20 3.88 -26.01
C ILE D 430 -8.93 2.66 -26.56
N PHE D 431 -8.28 1.51 -26.50
CA PHE D 431 -8.86 0.26 -26.97
C PHE D 431 -9.53 -0.49 -25.83
N THR D 432 -10.23 -1.56 -26.17
CA THR D 432 -10.83 -2.43 -25.17
C THR D 432 -9.78 -3.38 -24.60
N HIS D 433 -9.95 -3.76 -23.34
CA HIS D 433 -8.97 -4.54 -22.62
C HIS D 433 -9.62 -5.71 -21.90
N PRO D 434 -9.07 -6.93 -21.99
CA PRO D 434 -7.89 -7.23 -22.82
C PRO D 434 -8.27 -7.75 -24.20
N SER D 435 -7.63 -7.21 -25.23
CA SER D 435 -7.96 -7.55 -26.61
C SER D 435 -6.67 -7.67 -27.42
N MET D 436 -6.81 -8.06 -28.68
CA MET D 436 -5.68 -8.13 -29.59
C MET D 436 -5.38 -6.81 -30.29
N SER D 437 -6.42 -6.03 -30.60
CA SER D 437 -6.22 -4.77 -31.30
C SER D 437 -5.56 -3.70 -30.43
N GLU D 438 -5.57 -3.86 -29.11
CA GLU D 438 -4.85 -2.94 -28.24
C GLU D 438 -3.34 -3.08 -28.37
N SER D 439 -2.86 -4.13 -29.04
CA SER D 439 -1.43 -4.25 -29.31
C SER D 439 -0.93 -3.12 -30.19
N LEU D 440 -1.80 -2.56 -31.04
CA LEU D 440 -1.41 -1.44 -31.88
C LEU D 440 -0.94 -0.25 -31.05
N ASN D 441 -1.45 -0.12 -29.82
CA ASN D 441 -0.88 0.84 -28.89
C ASN D 441 0.61 0.60 -28.71
N ASP D 442 0.98 -0.64 -28.41
CA ASP D 442 2.39 -0.96 -28.18
C ASP D 442 3.18 -0.96 -29.48
N LEU D 443 2.56 -1.39 -30.58
CA LEU D 443 3.27 -1.47 -31.85
C LEU D 443 3.73 -0.08 -32.31
N PHE D 444 2.82 0.89 -32.29
CA PHE D 444 3.15 2.24 -32.74
C PHE D 444 3.69 3.11 -31.62
N SER D 445 3.94 2.53 -30.44
CA SER D 445 4.70 3.21 -29.41
C SER D 445 6.20 3.06 -29.58
N LEU D 446 6.64 2.23 -30.54
CA LEU D 446 8.05 2.00 -30.78
C LEU D 446 8.63 2.84 -31.90
N VAL D 447 7.80 3.60 -32.62
CA VAL D 447 8.28 4.46 -33.70
C VAL D 447 9.00 5.66 -33.08
N LYS D 448 10.25 5.87 -33.48
CA LYS D 448 11.03 7.00 -32.97
C LYS D 448 10.84 8.22 -33.85
#